data_6N5D
#
_entry.id   6N5D
#
_cell.length_a   153.190
_cell.length_b   153.190
_cell.length_c   94.160
_cell.angle_alpha   90.000
_cell.angle_beta   90.000
_cell.angle_gamma   120.000
#
_symmetry.space_group_name_H-M   'P 31'
#
loop_
_entity.id
_entity.type
_entity.pdbx_description
1 polymer Hemagglutinin
2 polymer 'antibody heavy chain'
3 polymer 'antibody light chain'
#
loop_
_entity_poly.entity_id
_entity_poly.type
_entity_poly.pdbx_seq_one_letter_code
_entity_poly.pdbx_strand_id
1 'polypeptide(L)'
;TNATELVQSSSTGKICNNPHRILDGIDCTLIDALLGDPHCDVFQNETWDLFVERSKAFSNCYPYDVPDYASLRSLVASSG
TLEFITEGFTWTGVTQNGGSNACKRGPGSGFFSRLNWLTKSGSTYPVLNVTMPNNDNFDKLYIWGIHHPSTDQEQTSLYV
QASGRVTVSTRRSQQTIIPNIGSRPWVRGLSSRISIYWTIVKPGDVLVINSNGNLIAPRGYFKMRTGKSSIMRSDAPIDT
CISECITPNGSIPNDKPFQNVNKITYGACPKYVKQNTLKLAT
;
A,B,K
2 'polypeptide(L)'
;ASDVKLVESGEGLVKPGGSLKLSCAASGFTFSSYDMSWVRQTPEKRLEWVAYISSGGDYIYYADTVKGRFTISRDNARNT
LYLQMSSLKSEDTAMYYCTRVGEYDAWFAYWDQGTLVTVSGASTKGPSVFPLAPSSKSTSGGTAALGCLVKDYFPEPVTV
SWNSGALTSGVHTFPAVLQSSGLYSLSSVVTVPSSSLGTQTYICNVNHKPSNTKVDKRVEPKSCDKGSSLEVLFQ
;
C,E,L
3 'polypeptide(L)'
;ASQAVVTQESALTTSPGETVTLTCRSSTGAVTTSNYANWVQEKPDHLFAGLIGGTKNRAPGVPARFSGSLIGDKAALTIT
GAQTEDEAIYFCALWYSNHWVFGGGTKLTVLGQPKGAPSVTLFPPSSEELQANKATLVCLISDFYPGAVTVAWKADSSPV
KAGVETTTPSKQSNNKYAASSYLSLTPEQWKSHRSYSCQVTHEGSTVEKTVAPTECS
;
N,F,D
#
# COMPACT_ATOMS: atom_id res chain seq x y z
N THR A 1 -73.95 -60.81 26.48
CA THR A 1 -74.65 -59.55 26.69
C THR A 1 -73.87 -58.38 26.12
N ASN A 2 -73.40 -57.50 26.99
CA ASN A 2 -72.63 -56.31 26.63
C ASN A 2 -72.07 -55.72 27.92
N ALA A 3 -71.36 -54.61 27.78
CA ALA A 3 -70.74 -53.94 28.90
C ALA A 3 -70.69 -52.45 28.59
N THR A 4 -71.32 -51.64 29.44
CA THR A 4 -71.33 -50.20 29.23
C THR A 4 -70.04 -49.57 29.75
N GLU A 5 -69.65 -48.47 29.12
CA GLU A 5 -68.40 -47.80 29.41
C GLU A 5 -68.56 -46.77 30.52
N LEU A 6 -67.49 -46.59 31.29
CA LEU A 6 -67.49 -45.64 32.41
C LEU A 6 -66.34 -44.64 32.34
N VAL A 7 -65.74 -44.44 31.16
CA VAL A 7 -64.62 -43.53 31.00
C VAL A 7 -64.71 -42.84 29.65
N GLN A 8 -64.66 -41.50 29.66
CA GLN A 8 -64.65 -40.72 28.42
C GLN A 8 -63.21 -40.53 27.98
N SER A 9 -62.78 -41.34 27.01
CA SER A 9 -61.43 -41.27 26.47
C SER A 9 -61.31 -40.29 25.32
N SER A 10 -62.40 -40.00 24.62
CA SER A 10 -62.37 -39.20 23.40
C SER A 10 -62.81 -37.76 23.66
N SER A 11 -62.40 -36.88 22.75
CA SER A 11 -62.70 -35.46 22.82
C SER A 11 -63.27 -34.98 21.48
N THR A 12 -63.66 -33.70 21.44
CA THR A 12 -64.21 -33.09 20.24
C THR A 12 -63.16 -32.39 19.37
N GLY A 13 -62.11 -31.85 19.97
CA GLY A 13 -61.15 -31.03 19.25
C GLY A 13 -61.53 -29.57 19.14
N LYS A 14 -62.80 -29.24 19.37
CA LYS A 14 -63.32 -27.88 19.37
C LYS A 14 -64.10 -27.68 20.67
N ILE A 15 -64.25 -26.42 21.03
CA ILE A 15 -64.96 -26.04 22.24
C ILE A 15 -66.38 -25.69 21.85
N CYS A 16 -67.35 -26.19 22.62
CA CYS A 16 -68.76 -25.91 22.40
C CYS A 16 -69.07 -24.60 23.11
N ASN A 17 -69.72 -23.68 22.41
CA ASN A 17 -69.85 -22.33 22.94
C ASN A 17 -71.04 -22.15 23.87
N ASN A 18 -71.76 -23.22 24.19
CA ASN A 18 -72.92 -23.26 25.05
C ASN A 18 -72.76 -24.40 26.04
N PRO A 19 -73.37 -24.31 27.24
CA PRO A 19 -74.22 -23.21 27.69
C PRO A 19 -73.52 -22.08 28.42
N HIS A 20 -72.19 -22.07 28.45
CA HIS A 20 -71.49 -21.02 29.15
C HIS A 20 -71.08 -19.95 28.16
N ARG A 21 -70.69 -18.79 28.68
CA ARG A 21 -70.17 -17.74 27.82
C ARG A 21 -68.66 -17.92 27.70
N ILE A 22 -68.18 -18.00 26.47
CA ILE A 22 -66.77 -18.18 26.17
C ILE A 22 -66.24 -16.87 25.61
N LEU A 23 -65.05 -16.49 26.04
CA LEU A 23 -64.36 -15.30 25.54
C LEU A 23 -62.99 -15.70 25.03
N ASP A 24 -62.74 -15.45 23.75
CA ASP A 24 -61.52 -15.89 23.08
C ASP A 24 -60.50 -14.77 23.05
N GLY A 25 -59.30 -15.06 23.53
CA GLY A 25 -58.18 -14.15 23.45
C GLY A 25 -57.36 -14.39 22.21
N ILE A 26 -57.94 -14.10 21.05
CA ILE A 26 -57.35 -14.48 19.76
C ILE A 26 -55.91 -13.99 19.66
N ASP A 27 -55.71 -12.68 19.80
CA ASP A 27 -54.39 -12.08 19.76
C ASP A 27 -54.00 -11.46 21.09
N CYS A 28 -54.72 -11.79 22.16
CA CYS A 28 -54.54 -11.14 23.44
C CYS A 28 -54.68 -12.13 24.58
N THR A 29 -53.97 -11.84 25.66
CA THR A 29 -54.11 -12.59 26.90
C THR A 29 -55.05 -11.83 27.83
N LEU A 30 -55.26 -12.37 29.03
CA LEU A 30 -56.12 -11.71 29.99
C LEU A 30 -55.44 -10.50 30.62
N ILE A 31 -54.12 -10.55 30.78
CA ILE A 31 -53.40 -9.39 31.31
C ILE A 31 -53.24 -8.33 30.23
N ASP A 32 -53.08 -8.73 28.97
CA ASP A 32 -53.03 -7.76 27.89
C ASP A 32 -54.36 -7.01 27.78
N ALA A 33 -55.48 -7.71 27.93
CA ALA A 33 -56.79 -7.06 27.93
C ALA A 33 -57.08 -6.33 29.24
N LEU A 34 -56.50 -6.80 30.35
CA LEU A 34 -56.73 -6.11 31.63
C LEU A 34 -56.06 -4.75 31.67
N LEU A 35 -54.87 -4.65 31.08
CA LEU A 35 -54.15 -3.37 31.10
C LEU A 35 -54.67 -2.43 30.02
N GLY A 36 -55.18 -2.97 28.93
CA GLY A 36 -55.65 -2.13 27.86
C GLY A 36 -54.58 -2.04 26.79
N ASP A 37 -54.26 -3.16 26.18
CA ASP A 37 -53.24 -3.15 25.16
C ASP A 37 -53.89 -2.72 23.85
N PRO A 38 -53.35 -1.73 23.16
CA PRO A 38 -54.00 -1.18 21.95
C PRO A 38 -54.50 -2.21 20.95
N HIS A 39 -53.85 -3.37 20.84
CA HIS A 39 -54.35 -4.45 20.01
C HIS A 39 -55.34 -5.36 20.75
N CYS A 40 -55.71 -4.99 21.98
CA CYS A 40 -56.67 -5.71 22.82
C CYS A 40 -57.87 -4.84 23.17
N ASP A 41 -58.22 -3.91 22.28
CA ASP A 41 -59.32 -2.99 22.52
C ASP A 41 -60.69 -3.63 22.38
N VAL A 42 -60.79 -4.89 21.97
CA VAL A 42 -62.09 -5.54 21.91
C VAL A 42 -62.62 -5.90 23.29
N PHE A 43 -61.75 -6.23 24.24
CA PHE A 43 -62.17 -6.77 25.53
C PHE A 43 -62.37 -5.70 26.59
N GLN A 44 -62.43 -4.43 26.22
CA GLN A 44 -62.64 -3.37 27.20
C GLN A 44 -64.06 -3.44 27.76
N ASN A 45 -64.16 -3.57 29.09
CA ASN A 45 -65.45 -3.63 29.80
C ASN A 45 -66.29 -4.81 29.34
N GLU A 46 -65.63 -5.90 28.94
CA GLU A 46 -66.29 -7.11 28.48
C GLU A 46 -66.56 -8.06 29.66
N THR A 47 -67.36 -9.08 29.41
CA THR A 47 -67.71 -10.09 30.39
C THR A 47 -67.42 -11.47 29.83
N TRP A 48 -67.43 -12.48 30.71
CA TRP A 48 -67.21 -13.86 30.27
C TRP A 48 -67.64 -14.82 31.38
N ASP A 49 -67.68 -16.10 31.01
CA ASP A 49 -67.78 -17.20 31.95
C ASP A 49 -66.56 -18.11 31.91
N LEU A 50 -65.77 -18.07 30.85
CA LEU A 50 -64.51 -18.80 30.77
C LEU A 50 -63.63 -18.14 29.70
N PHE A 51 -62.42 -17.76 30.09
CA PHE A 51 -61.47 -17.15 29.16
C PHE A 51 -60.62 -18.22 28.50
N VAL A 52 -60.23 -17.97 27.25
CA VAL A 52 -59.40 -18.88 26.48
C VAL A 52 -58.17 -18.11 26.02
N GLU A 53 -57.00 -18.49 26.55
CA GLU A 53 -55.73 -17.93 26.11
C GLU A 53 -55.13 -18.86 25.06
N ARG A 54 -54.73 -18.29 23.93
CA ARG A 54 -54.20 -19.07 22.82
C ARG A 54 -52.68 -18.96 22.77
N SER A 55 -52.06 -19.97 22.15
CA SER A 55 -50.61 -19.94 21.97
C SER A 55 -50.19 -18.91 20.93
N LYS A 56 -51.15 -18.35 20.19
CA LYS A 56 -50.87 -17.37 19.14
C LYS A 56 -51.03 -15.94 19.63
N ALA A 57 -51.16 -15.75 20.94
CA ALA A 57 -51.29 -14.41 21.50
C ALA A 57 -49.92 -13.73 21.58
N PHE A 58 -49.94 -12.41 21.56
CA PHE A 58 -48.71 -11.64 21.62
C PHE A 58 -49.00 -10.27 22.22
N SER A 59 -47.93 -9.52 22.47
CA SER A 59 -48.02 -8.18 23.06
C SER A 59 -47.20 -7.21 22.24
N ASN A 60 -47.85 -6.17 21.71
CA ASN A 60 -47.19 -5.18 20.87
C ASN A 60 -47.08 -3.86 21.62
N CYS A 61 -46.61 -3.90 22.86
CA CYS A 61 -46.56 -2.70 23.68
C CYS A 61 -45.37 -2.78 24.63
N TYR A 62 -45.40 -1.94 25.66
CA TYR A 62 -44.31 -1.85 26.62
C TYR A 62 -44.08 -3.20 27.30
N PRO A 63 -42.86 -3.70 27.33
CA PRO A 63 -42.58 -4.94 28.08
C PRO A 63 -42.85 -4.72 29.56
N TYR A 64 -43.77 -5.51 30.10
CA TYR A 64 -44.23 -5.35 31.46
C TYR A 64 -43.89 -6.59 32.28
N ASP A 65 -43.60 -6.38 33.55
CA ASP A 65 -43.37 -7.44 34.51
C ASP A 65 -44.47 -7.42 35.55
N VAL A 66 -45.05 -8.59 35.82
CA VAL A 66 -46.13 -8.72 36.79
C VAL A 66 -45.68 -9.66 37.90
N PRO A 67 -45.20 -9.12 39.02
CA PRO A 67 -45.03 -9.95 40.21
C PRO A 67 -46.38 -10.47 40.68
N ASP A 68 -46.39 -11.75 41.09
CA ASP A 68 -47.64 -12.46 41.38
C ASP A 68 -48.53 -12.50 40.14
N TYR A 69 -47.92 -12.87 39.01
CA TYR A 69 -48.67 -12.95 37.75
C TYR A 69 -49.78 -13.99 37.84
N ALA A 70 -49.49 -15.14 38.42
CA ALA A 70 -50.50 -16.20 38.54
C ALA A 70 -51.54 -15.82 39.60
N SER A 71 -51.15 -15.03 40.59
CA SER A 71 -52.11 -14.59 41.59
C SER A 71 -53.02 -13.48 41.07
N LEU A 72 -52.56 -12.73 40.07
CA LEU A 72 -53.39 -11.72 39.40
C LEU A 72 -54.22 -12.31 38.27
N ARG A 73 -53.65 -13.23 37.48
CA ARG A 73 -54.39 -13.84 36.39
C ARG A 73 -55.57 -14.69 36.86
N SER A 74 -55.56 -15.13 38.12
CA SER A 74 -56.64 -15.96 38.64
C SER A 74 -57.74 -15.18 39.33
N LEU A 75 -57.41 -14.09 40.03
CA LEU A 75 -58.44 -13.33 40.73
C LEU A 75 -59.30 -12.52 39.76
N VAL A 76 -58.72 -12.09 38.65
CA VAL A 76 -59.47 -11.38 37.63
C VAL A 76 -60.31 -12.36 36.81
N ALA A 77 -59.82 -13.57 36.60
CA ALA A 77 -60.56 -14.56 35.82
C ALA A 77 -61.90 -14.89 36.49
N SER A 78 -61.89 -15.16 37.79
CA SER A 78 -63.13 -15.44 38.49
C SER A 78 -64.02 -14.22 38.64
N SER A 79 -63.51 -13.04 38.30
CA SER A 79 -64.36 -11.85 38.29
C SER A 79 -65.28 -11.87 37.08
N GLY A 80 -64.79 -12.35 35.95
CA GLY A 80 -65.62 -12.52 34.77
C GLY A 80 -65.94 -11.24 34.04
N THR A 81 -65.22 -10.15 34.32
CA THR A 81 -65.52 -8.88 33.67
C THR A 81 -64.31 -7.97 33.76
N LEU A 82 -64.20 -7.06 32.79
CA LEU A 82 -63.24 -5.97 32.78
C LEU A 82 -63.94 -4.65 33.12
N GLU A 83 -64.90 -4.71 34.05
CA GLU A 83 -65.78 -3.57 34.32
C GLU A 83 -64.95 -2.46 34.94
N PHE A 84 -64.51 -1.54 34.08
CA PHE A 84 -63.57 -0.48 34.44
C PHE A 84 -64.32 0.86 34.56
N ILE A 85 -64.16 1.52 35.70
CA ILE A 85 -64.79 2.80 35.97
C ILE A 85 -63.70 3.87 36.03
N THR A 86 -63.73 4.80 35.07
CA THR A 86 -62.77 5.91 35.08
C THR A 86 -63.01 6.79 36.30
N GLU A 87 -61.92 7.20 36.95
CA GLU A 87 -62.04 7.89 38.23
C GLU A 87 -61.65 9.35 38.20
N GLY A 88 -60.52 9.71 37.58
CA GLY A 88 -60.16 11.11 37.51
C GLY A 88 -59.38 11.64 38.69
N PHE A 89 -58.24 11.02 38.98
CA PHE A 89 -57.40 11.43 40.10
C PHE A 89 -56.83 12.83 39.84
N THR A 90 -56.24 13.42 40.88
CA THR A 90 -55.68 14.76 40.77
C THR A 90 -54.19 14.61 40.51
N TRP A 91 -53.79 14.76 39.24
CA TRP A 91 -52.39 14.72 38.84
C TRP A 91 -51.97 16.14 38.47
N THR A 92 -51.71 16.95 39.49
CA THR A 92 -51.36 18.35 39.33
C THR A 92 -49.87 18.51 39.13
N GLY A 93 -49.46 19.01 37.96
CA GLY A 93 -48.05 19.20 37.70
C GLY A 93 -47.42 17.87 37.40
N VAL A 94 -48.07 17.10 36.53
CA VAL A 94 -47.70 15.72 36.28
C VAL A 94 -47.41 15.45 34.81
N THR A 95 -47.96 16.27 33.92
CA THR A 95 -47.85 16.06 32.48
C THR A 95 -48.29 14.64 32.13
N GLN A 96 -49.56 14.37 32.41
CA GLN A 96 -50.12 13.03 32.27
C GLN A 96 -50.39 12.73 30.80
N ASN A 97 -51.05 11.60 30.55
CA ASN A 97 -51.42 11.15 29.21
C ASN A 97 -50.16 11.01 28.34
N GLY A 98 -49.22 10.21 28.84
CA GLY A 98 -48.00 9.96 28.10
C GLY A 98 -47.95 8.56 27.51
N GLY A 99 -47.08 8.38 26.52
CA GLY A 99 -46.96 7.08 25.87
C GLY A 99 -45.71 7.04 25.02
N SER A 100 -45.51 5.87 24.41
CA SER A 100 -44.36 5.63 23.56
C SER A 100 -44.83 5.04 22.23
N ASN A 101 -43.95 5.08 21.24
CA ASN A 101 -44.28 4.56 19.91
C ASN A 101 -44.25 3.04 19.85
N ALA A 102 -43.79 2.37 20.91
CA ALA A 102 -43.83 0.91 20.92
C ALA A 102 -45.19 0.39 21.33
N CYS A 103 -45.87 1.11 22.21
CA CYS A 103 -47.26 0.80 22.58
C CYS A 103 -48.22 1.56 21.68
N LYS A 104 -48.01 1.40 20.37
CA LYS A 104 -48.66 2.22 19.36
C LYS A 104 -50.17 2.09 19.35
N ARG A 105 -50.87 3.11 19.86
CA ARG A 105 -52.32 3.19 19.70
C ARG A 105 -52.63 4.22 18.63
N GLY A 106 -52.38 3.80 17.39
CA GLY A 106 -52.54 4.64 16.21
C GLY A 106 -51.22 5.08 15.60
N PRO A 107 -51.22 6.22 14.91
CA PRO A 107 -50.01 6.66 14.19
C PRO A 107 -48.85 7.05 15.08
N GLY A 108 -49.08 7.96 16.01
CA GLY A 108 -47.98 8.48 16.81
C GLY A 108 -47.76 7.66 18.06
N SER A 109 -47.50 8.32 19.18
CA SER A 109 -47.23 7.61 20.41
C SER A 109 -48.49 6.93 20.92
N GLY A 110 -48.35 6.20 22.03
CA GLY A 110 -49.51 5.61 22.68
C GLY A 110 -49.08 4.86 23.92
N PHE A 111 -50.10 4.38 24.63
CA PHE A 111 -49.88 3.66 25.89
C PHE A 111 -51.08 2.77 26.14
N PHE A 112 -51.08 2.12 27.29
CA PHE A 112 -52.21 1.29 27.69
C PHE A 112 -53.40 2.17 28.04
N SER A 113 -54.61 1.65 27.80
CA SER A 113 -55.82 2.43 28.01
C SER A 113 -56.26 2.48 29.47
N ARG A 114 -55.86 1.52 30.31
CA ARG A 114 -56.30 1.48 31.70
C ARG A 114 -55.25 1.96 32.69
N LEU A 115 -54.10 2.45 32.20
CA LEU A 115 -53.06 3.02 33.03
C LEU A 115 -52.46 4.23 32.33
N ASN A 116 -51.83 5.10 33.12
CA ASN A 116 -51.39 6.42 32.67
C ASN A 116 -49.94 6.66 33.05
N TRP A 117 -49.17 7.18 32.10
CA TRP A 117 -47.75 7.47 32.29
C TRP A 117 -47.58 8.94 32.66
N LEU A 118 -46.95 9.18 33.81
CA LEU A 118 -46.78 10.53 34.35
C LEU A 118 -45.33 10.95 34.21
N THR A 119 -45.07 11.88 33.29
CA THR A 119 -43.73 12.42 33.06
C THR A 119 -43.47 13.59 34.01
N LYS A 120 -42.43 14.38 33.72
CA LYS A 120 -42.14 15.59 34.48
C LYS A 120 -42.83 16.79 33.83
N SER A 121 -43.00 17.86 34.60
CA SER A 121 -43.71 19.04 34.15
C SER A 121 -42.75 20.22 34.09
N GLY A 122 -41.93 20.23 33.03
CA GLY A 122 -40.93 21.28 32.87
C GLY A 122 -39.59 20.83 33.38
N SER A 123 -39.21 21.36 34.54
CA SER A 123 -38.03 20.92 35.28
C SER A 123 -38.36 20.63 36.73
N THR A 124 -39.62 20.26 37.01
CA THR A 124 -40.09 20.06 38.38
C THR A 124 -40.84 18.73 38.47
N TYR A 125 -40.67 18.04 39.60
CA TYR A 125 -41.42 16.83 39.90
C TYR A 125 -41.82 16.83 41.38
N PRO A 126 -43.03 17.28 41.70
CA PRO A 126 -43.46 17.32 43.11
C PRO A 126 -43.69 15.91 43.65
N VAL A 127 -43.81 15.85 44.98
CA VAL A 127 -44.11 14.59 45.67
C VAL A 127 -45.62 14.35 45.63
N LEU A 128 -46.02 13.09 45.47
CA LEU A 128 -47.42 12.73 45.26
C LEU A 128 -48.11 12.39 46.58
N ASN A 129 -49.20 13.09 46.88
CA ASN A 129 -50.04 12.73 48.03
C ASN A 129 -51.50 12.83 47.60
N VAL A 130 -52.05 11.74 47.04
CA VAL A 130 -53.42 11.70 46.54
C VAL A 130 -54.16 10.53 47.18
N THR A 131 -55.48 10.65 47.31
CA THR A 131 -56.31 9.62 47.91
C THR A 131 -57.62 9.49 47.14
N MET A 132 -58.18 8.27 47.16
CA MET A 132 -59.43 7.97 46.44
C MET A 132 -60.19 6.92 47.24
N PRO A 133 -61.21 7.33 47.99
CA PRO A 133 -61.93 6.38 48.84
C PRO A 133 -62.89 5.48 48.08
N ASN A 134 -63.19 4.34 48.71
CA ASN A 134 -64.18 3.39 48.19
C ASN A 134 -65.45 3.50 49.03
N ASN A 135 -66.26 4.50 48.72
CA ASN A 135 -67.54 4.68 49.40
C ASN A 135 -68.65 3.77 48.90
N ASP A 136 -68.44 3.04 47.81
CA ASP A 136 -69.47 2.13 47.31
C ASP A 136 -69.48 0.86 48.18
N ASN A 137 -70.23 -0.15 47.74
CA ASN A 137 -70.41 -1.39 48.50
C ASN A 137 -69.88 -2.59 47.74
N PHE A 138 -68.71 -2.44 47.11
CA PHE A 138 -68.05 -3.53 46.41
C PHE A 138 -66.56 -3.31 46.42
N ASP A 139 -65.81 -4.41 46.26
CA ASP A 139 -64.35 -4.35 46.26
C ASP A 139 -63.83 -3.68 44.99
N LYS A 140 -62.80 -2.86 45.15
CA LYS A 140 -62.14 -2.19 44.03
C LYS A 140 -60.80 -2.85 43.72
N LEU A 141 -60.46 -2.87 42.44
CA LEU A 141 -59.19 -3.40 41.97
C LEU A 141 -58.46 -2.28 41.23
N TYR A 142 -57.36 -1.79 41.80
CA TYR A 142 -56.55 -0.73 41.21
C TYR A 142 -55.26 -1.33 40.66
N ILE A 143 -54.97 -1.04 39.39
CA ILE A 143 -53.77 -1.51 38.70
C ILE A 143 -52.82 -0.34 38.51
N TRP A 144 -51.58 -0.52 38.95
CA TRP A 144 -50.56 0.52 38.85
C TRP A 144 -49.22 -0.14 38.56
N GLY A 145 -48.19 0.68 38.37
CA GLY A 145 -46.88 0.15 38.09
C GLY A 145 -45.79 1.14 38.40
N ILE A 146 -44.56 0.77 38.02
CA ILE A 146 -43.38 1.60 38.25
C ILE A 146 -42.46 1.45 37.05
N HIS A 147 -41.79 2.53 36.69
CA HIS A 147 -40.97 2.60 35.49
C HIS A 147 -39.51 2.33 35.82
N HIS A 148 -38.87 1.49 34.99
CA HIS A 148 -37.45 1.17 35.13
C HIS A 148 -36.71 1.68 33.92
N PRO A 149 -36.07 2.86 34.00
CA PRO A 149 -35.38 3.41 32.82
C PRO A 149 -34.15 2.61 32.43
N SER A 150 -33.48 3.06 31.35
CA SER A 150 -32.31 2.37 30.85
C SER A 150 -31.03 2.90 31.48
N THR A 151 -30.94 4.21 31.71
CA THR A 151 -29.78 4.81 32.35
C THR A 151 -30.24 5.92 33.28
N ASP A 152 -29.29 6.42 34.09
CA ASP A 152 -29.59 7.54 34.97
C ASP A 152 -29.81 8.83 34.18
N GLN A 153 -29.35 8.88 32.94
CA GLN A 153 -29.52 10.09 32.14
C GLN A 153 -30.95 10.24 31.62
N GLU A 154 -31.63 9.13 31.31
CA GLU A 154 -33.05 9.20 30.97
C GLU A 154 -33.95 9.13 32.20
N GLN A 155 -33.44 8.64 33.33
CA GLN A 155 -34.21 8.79 34.56
C GLN A 155 -34.27 10.25 34.97
N THR A 156 -33.13 10.95 34.88
CA THR A 156 -33.12 12.38 35.17
C THR A 156 -33.78 13.18 34.06
N SER A 157 -33.83 12.64 32.84
CA SER A 157 -34.47 13.32 31.71
C SER A 157 -35.99 13.17 31.72
N LEU A 158 -36.52 12.06 32.24
CA LEU A 158 -37.97 11.91 32.30
C LEU A 158 -38.53 12.42 33.62
N TYR A 159 -37.76 12.28 34.70
CA TYR A 159 -38.17 12.68 36.04
C TYR A 159 -37.00 13.44 36.64
N VAL A 160 -37.28 14.58 37.27
CA VAL A 160 -36.19 15.44 37.73
C VAL A 160 -35.23 14.68 38.64
N GLN A 161 -35.77 13.89 39.56
CA GLN A 161 -34.97 13.19 40.55
C GLN A 161 -34.27 11.94 40.02
N ALA A 162 -33.03 11.74 40.50
CA ALA A 162 -32.21 10.61 40.07
C ALA A 162 -32.81 9.27 40.47
N SER A 163 -33.54 9.21 41.58
CA SER A 163 -34.13 7.98 42.06
C SER A 163 -35.59 8.18 42.45
N GLY A 164 -36.43 7.23 42.04
CA GLY A 164 -37.85 7.28 42.30
C GLY A 164 -38.28 6.41 43.46
N ARG A 165 -39.59 6.46 43.74
CA ARG A 165 -40.24 5.66 44.77
C ARG A 165 -41.75 5.81 44.60
N VAL A 166 -42.46 4.68 44.73
CA VAL A 166 -43.92 4.65 44.63
C VAL A 166 -44.47 3.89 45.84
N THR A 167 -45.23 4.57 46.69
CA THR A 167 -45.84 3.99 47.87
C THR A 167 -47.36 4.03 47.74
N VAL A 168 -47.98 2.85 47.59
CA VAL A 168 -49.43 2.72 47.44
C VAL A 168 -49.92 1.92 48.64
N SER A 169 -50.53 2.60 49.61
CA SER A 169 -50.97 1.98 50.85
C SER A 169 -52.49 2.07 50.99
N THR A 170 -53.03 1.21 51.85
CA THR A 170 -54.44 1.26 52.22
C THR A 170 -54.58 1.21 53.74
N ARG A 171 -55.82 1.08 54.23
CA ARG A 171 -56.05 1.00 55.67
C ARG A 171 -55.55 -0.31 56.27
N ARG A 172 -55.23 -1.31 55.43
CA ARG A 172 -54.69 -2.59 55.89
C ARG A 172 -53.44 -3.05 55.16
N SER A 173 -53.06 -2.40 54.06
CA SER A 173 -51.94 -2.84 53.24
C SER A 173 -51.03 -1.65 52.94
N GLN A 174 -49.81 -1.96 52.49
CA GLN A 174 -48.84 -0.95 52.08
C GLN A 174 -47.82 -1.57 51.13
N GLN A 175 -47.56 -0.90 50.01
CA GLN A 175 -46.62 -1.38 49.01
C GLN A 175 -45.65 -0.27 48.64
N THR A 176 -44.35 -0.50 48.88
CA THR A 176 -43.31 0.46 48.53
C THR A 176 -42.25 -0.22 47.66
N ILE A 177 -42.04 0.31 46.46
CA ILE A 177 -41.13 -0.25 45.47
C ILE A 177 -40.13 0.82 45.07
N ILE A 178 -38.87 0.42 44.92
CA ILE A 178 -37.79 1.30 44.46
C ILE A 178 -37.38 0.83 43.08
N PRO A 179 -37.30 1.70 42.07
CA PRO A 179 -36.97 1.24 40.72
C PRO A 179 -35.54 0.77 40.63
N ASN A 180 -35.30 -0.15 39.69
CA ASN A 180 -33.98 -0.71 39.43
C ASN A 180 -33.62 -0.37 37.98
N ILE A 181 -32.78 0.65 37.82
CA ILE A 181 -32.43 1.17 36.50
C ILE A 181 -31.39 0.26 35.86
N GLY A 182 -31.52 0.04 34.56
CA GLY A 182 -30.59 -0.79 33.84
C GLY A 182 -30.91 -0.90 32.36
N SER A 183 -29.87 -0.95 31.53
CA SER A 183 -30.03 -1.10 30.09
C SER A 183 -30.26 -2.58 29.80
N ARG A 184 -31.52 -2.98 29.93
CA ARG A 184 -31.91 -4.35 29.68
C ARG A 184 -31.89 -4.63 28.18
N PRO A 185 -31.85 -5.91 27.80
CA PRO A 185 -31.87 -6.24 26.37
C PRO A 185 -33.08 -5.68 25.65
N TRP A 186 -32.92 -5.38 24.36
CA TRP A 186 -33.99 -4.77 23.59
C TRP A 186 -35.09 -5.79 23.36
N VAL A 187 -36.22 -5.61 24.05
CA VAL A 187 -37.46 -6.32 23.74
C VAL A 187 -38.40 -5.31 23.10
N ARG A 188 -38.79 -5.59 21.85
CA ARG A 188 -39.52 -4.65 21.02
C ARG A 188 -38.79 -3.33 20.88
N GLY A 189 -37.45 -3.38 20.98
CA GLY A 189 -36.60 -2.23 20.74
C GLY A 189 -36.28 -1.36 21.94
N LEU A 190 -36.83 -1.67 23.12
CA LEU A 190 -36.68 -0.83 24.30
C LEU A 190 -35.77 -1.52 25.31
N SER A 191 -34.78 -0.78 25.80
CA SER A 191 -33.92 -1.23 26.89
C SER A 191 -34.53 -0.99 28.27
N SER A 192 -35.83 -0.74 28.34
CA SER A 192 -36.51 -0.42 29.58
C SER A 192 -37.67 -1.38 29.81
N ARG A 193 -37.98 -1.58 31.09
CA ARG A 193 -39.06 -2.47 31.52
C ARG A 193 -39.99 -1.70 32.46
N ILE A 194 -41.10 -2.33 32.80
CA ILE A 194 -42.07 -1.79 33.76
C ILE A 194 -42.62 -2.94 34.58
N SER A 195 -42.62 -2.78 35.90
CA SER A 195 -43.20 -3.77 36.80
C SER A 195 -44.63 -3.34 37.15
N ILE A 196 -45.56 -4.28 37.10
CA ILE A 196 -46.98 -4.00 37.30
C ILE A 196 -47.40 -4.52 38.67
N TYR A 197 -48.10 -3.69 39.43
CA TYR A 197 -48.59 -4.07 40.74
C TYR A 197 -50.06 -3.67 40.86
N TRP A 198 -50.72 -4.22 41.88
CA TRP A 198 -52.13 -3.91 42.10
C TRP A 198 -52.42 -3.86 43.59
N THR A 199 -53.54 -3.20 43.92
CA THR A 199 -53.98 -3.03 45.29
C THR A 199 -55.49 -3.14 45.32
N ILE A 200 -56.02 -3.97 46.22
CA ILE A 200 -57.44 -4.21 46.35
C ILE A 200 -58.00 -3.36 47.49
N VAL A 201 -59.11 -2.68 47.23
CA VAL A 201 -59.76 -1.79 48.19
C VAL A 201 -61.12 -2.35 48.56
N LYS A 202 -61.34 -2.53 49.85
CA LYS A 202 -62.55 -3.11 50.42
C LYS A 202 -63.54 -2.02 50.82
N PRO A 203 -64.82 -2.37 51.00
CA PRO A 203 -65.78 -1.36 51.49
C PRO A 203 -65.39 -0.87 52.89
N GLY A 204 -65.45 0.43 53.07
CA GLY A 204 -64.97 1.06 54.28
C GLY A 204 -63.48 1.33 54.29
N ASP A 205 -62.80 1.13 53.16
CA ASP A 205 -61.37 1.36 53.01
C ASP A 205 -61.13 2.50 52.04
N VAL A 206 -60.00 3.18 52.22
CA VAL A 206 -59.62 4.34 51.42
C VAL A 206 -58.25 4.07 50.81
N LEU A 207 -58.11 4.35 49.52
CA LEU A 207 -56.85 4.15 48.80
C LEU A 207 -55.95 5.37 48.93
N VAL A 208 -54.68 5.14 49.24
CA VAL A 208 -53.67 6.19 49.34
C VAL A 208 -52.49 5.85 48.44
N ILE A 209 -52.04 6.84 47.66
CA ILE A 209 -50.89 6.69 46.78
C ILE A 209 -49.90 7.81 47.07
N ASN A 210 -48.62 7.44 47.20
CA ASN A 210 -47.56 8.41 47.44
C ASN A 210 -46.37 8.05 46.56
N SER A 211 -45.76 9.07 45.95
CA SER A 211 -44.66 8.83 45.04
C SER A 211 -43.86 10.11 44.85
N ASN A 212 -42.57 9.95 44.57
CA ASN A 212 -41.70 11.06 44.18
C ASN A 212 -41.02 10.80 42.85
N GLY A 213 -41.55 9.90 42.04
CA GLY A 213 -41.00 9.63 40.73
C GLY A 213 -41.31 8.23 40.26
N ASN A 214 -41.23 8.04 38.94
CA ASN A 214 -41.33 6.73 38.31
C ASN A 214 -42.67 6.07 38.56
N LEU A 215 -43.75 6.84 38.49
CA LEU A 215 -45.08 6.32 38.76
C LEU A 215 -45.84 6.13 37.45
N ILE A 216 -46.50 4.98 37.32
CA ILE A 216 -47.48 4.75 36.27
C ILE A 216 -48.86 4.86 36.93
N ALA A 217 -49.68 5.77 36.44
CA ALA A 217 -50.89 6.03 37.19
C ALA A 217 -52.07 5.27 36.59
N PRO A 218 -53.03 4.89 37.42
CA PRO A 218 -54.27 4.29 36.89
C PRO A 218 -55.25 5.35 36.47
N ARG A 219 -56.21 4.93 35.65
CA ARG A 219 -57.29 5.80 35.20
C ARG A 219 -58.61 5.44 35.86
N GLY A 220 -58.57 4.57 36.87
CA GLY A 220 -59.78 4.13 37.56
C GLY A 220 -59.53 2.83 38.29
N TYR A 221 -60.59 2.04 38.41
CA TYR A 221 -60.53 0.76 39.11
C TYR A 221 -61.35 -0.26 38.34
N PHE A 222 -61.28 -1.51 38.79
CA PHE A 222 -62.06 -2.60 38.22
C PHE A 222 -63.06 -3.12 39.25
N LYS A 223 -64.30 -3.34 38.81
CA LYS A 223 -65.36 -3.85 39.67
C LYS A 223 -65.20 -5.36 39.79
N MET A 224 -64.83 -5.83 40.97
CA MET A 224 -64.60 -7.25 41.20
C MET A 224 -65.91 -7.99 41.46
N ARG A 225 -65.96 -9.26 41.06
CA ARG A 225 -67.13 -10.09 41.28
C ARG A 225 -66.71 -11.50 41.67
N THR A 226 -67.64 -12.22 42.29
CA THR A 226 -67.49 -13.61 42.71
C THR A 226 -68.31 -14.51 41.78
N GLY A 227 -67.70 -15.00 40.70
CA GLY A 227 -68.38 -15.78 39.70
C GLY A 227 -67.78 -17.17 39.53
N LYS A 228 -68.49 -18.01 38.77
CA LYS A 228 -67.97 -19.34 38.44
C LYS A 228 -66.97 -19.30 37.29
N SER A 229 -66.44 -18.13 36.98
CA SER A 229 -65.57 -17.95 35.83
C SER A 229 -64.16 -18.46 36.13
N SER A 230 -63.43 -18.75 35.05
CA SER A 230 -62.07 -19.24 35.12
C SER A 230 -61.38 -18.90 33.81
N ILE A 231 -60.18 -19.44 33.61
CA ILE A 231 -59.37 -19.17 32.43
C ILE A 231 -58.67 -20.46 32.02
N MET A 232 -58.64 -20.74 30.71
CA MET A 232 -58.06 -21.97 30.18
C MET A 232 -57.10 -21.64 29.03
N ARG A 233 -55.99 -22.37 28.99
CA ARG A 233 -54.98 -22.25 27.93
C ARG A 233 -55.27 -23.33 26.89
N SER A 234 -55.92 -22.95 25.78
CA SER A 234 -56.28 -23.92 24.76
C SER A 234 -56.11 -23.32 23.37
N ASP A 235 -55.85 -24.19 22.40
CA ASP A 235 -55.82 -23.83 20.99
C ASP A 235 -56.87 -24.62 20.22
N ALA A 236 -57.92 -25.04 20.93
CA ALA A 236 -59.00 -25.72 20.24
C ALA A 236 -60.04 -24.69 19.77
N PRO A 237 -60.52 -24.82 18.55
CA PRO A 237 -61.49 -23.83 18.04
C PRO A 237 -62.82 -23.86 18.75
N ILE A 238 -63.70 -22.91 18.36
CA ILE A 238 -65.03 -22.75 18.92
C ILE A 238 -66.04 -23.24 17.89
N ASP A 239 -66.85 -24.22 18.26
CA ASP A 239 -67.89 -24.76 17.40
C ASP A 239 -69.26 -24.40 17.93
N THR A 240 -70.25 -24.47 17.03
CA THR A 240 -71.64 -24.10 17.38
C THR A 240 -72.37 -25.32 17.95
N CYS A 241 -71.86 -25.72 19.10
CA CYS A 241 -72.35 -26.85 19.89
C CYS A 241 -72.83 -26.43 21.27
N ILE A 242 -73.29 -27.43 22.01
CA ILE A 242 -73.79 -27.29 23.38
C ILE A 242 -73.23 -28.43 24.23
N SER A 243 -72.23 -28.14 25.06
CA SER A 243 -71.63 -29.17 25.91
C SER A 243 -71.28 -28.58 27.28
N GLU A 244 -71.65 -29.31 28.34
CA GLU A 244 -71.45 -28.80 29.69
C GLU A 244 -69.98 -28.82 30.10
N CYS A 245 -69.30 -29.93 29.83
CA CYS A 245 -67.90 -30.12 30.23
C CYS A 245 -66.95 -29.56 29.17
N ILE A 246 -65.97 -28.77 29.62
CA ILE A 246 -64.95 -28.19 28.74
C ILE A 246 -63.58 -28.76 29.10
N THR A 247 -62.79 -29.08 28.07
CA THR A 247 -61.46 -29.67 28.22
C THR A 247 -60.49 -28.93 27.32
N PRO A 248 -59.25 -28.68 27.78
CA PRO A 248 -58.26 -28.04 26.89
C PRO A 248 -58.04 -28.78 25.57
N ASN A 249 -58.29 -30.09 25.54
CA ASN A 249 -58.22 -30.85 24.30
C ASN A 249 -59.55 -30.88 23.55
N GLY A 250 -60.57 -30.19 24.04
CA GLY A 250 -61.89 -30.19 23.43
C GLY A 250 -62.96 -30.74 24.35
N SER A 251 -64.15 -30.14 24.28
CA SER A 251 -65.23 -30.48 25.20
C SER A 251 -65.63 -31.95 25.11
N ILE A 252 -66.01 -32.52 26.25
CA ILE A 252 -66.41 -33.92 26.35
C ILE A 252 -67.75 -34.01 27.06
N PRO A 253 -68.48 -35.11 26.85
CA PRO A 253 -69.77 -35.31 27.54
C PRO A 253 -69.64 -35.78 28.98
N ASN A 254 -70.72 -35.57 29.74
CA ASN A 254 -70.77 -35.90 31.16
C ASN A 254 -71.59 -37.16 31.44
N ASP A 255 -71.73 -38.06 30.48
CA ASP A 255 -72.56 -39.23 30.72
C ASP A 255 -71.81 -40.33 31.46
N LYS A 256 -70.53 -40.36 31.33
CA LYS A 256 -69.67 -41.35 31.96
C LYS A 256 -69.13 -40.80 33.28
N PRO A 257 -68.87 -41.64 34.27
CA PRO A 257 -68.44 -41.14 35.58
C PRO A 257 -67.01 -40.63 35.60
N PHE A 258 -66.17 -41.04 34.65
CA PHE A 258 -64.76 -40.70 34.62
C PHE A 258 -64.38 -40.19 33.24
N GLN A 259 -63.22 -39.56 33.18
CA GLN A 259 -62.67 -39.05 31.93
C GLN A 259 -61.20 -39.40 31.85
N ASN A 260 -60.65 -39.28 30.63
CA ASN A 260 -59.26 -39.66 30.38
C ASN A 260 -58.54 -38.66 29.49
N VAL A 261 -59.12 -37.48 29.25
CA VAL A 261 -58.54 -36.53 28.31
C VAL A 261 -57.57 -35.59 29.02
N ASN A 262 -58.06 -34.85 30.02
CA ASN A 262 -57.23 -33.91 30.73
C ASN A 262 -57.74 -33.72 32.16
N LYS A 263 -56.81 -33.48 33.08
CA LYS A 263 -57.15 -33.19 34.46
C LYS A 263 -57.68 -31.77 34.64
N ILE A 264 -57.36 -30.86 33.72
CA ILE A 264 -57.87 -29.50 33.75
C ILE A 264 -59.25 -29.50 33.09
N THR A 265 -60.29 -29.26 33.89
CA THR A 265 -61.66 -29.29 33.41
C THR A 265 -62.40 -28.02 33.79
N TYR A 266 -63.57 -27.83 33.19
CA TYR A 266 -64.45 -26.71 33.50
C TYR A 266 -65.89 -27.12 33.25
N GLY A 267 -66.73 -26.98 34.26
CA GLY A 267 -68.12 -27.34 34.16
C GLY A 267 -68.46 -28.63 34.87
N ALA A 268 -69.60 -29.20 34.49
CA ALA A 268 -70.06 -30.46 35.07
C ALA A 268 -69.29 -31.64 34.46
N CYS A 269 -67.97 -31.64 34.71
CA CYS A 269 -67.03 -32.63 34.19
C CYS A 269 -66.88 -33.81 35.15
N PRO A 270 -66.70 -35.01 34.59
CA PRO A 270 -66.49 -36.21 35.41
C PRO A 270 -65.16 -36.21 36.15
N LYS A 271 -64.94 -37.28 36.92
CA LYS A 271 -63.69 -37.48 37.65
C LYS A 271 -62.58 -37.82 36.66
N TYR A 272 -61.34 -37.66 37.10
CA TYR A 272 -60.17 -37.93 36.26
C TYR A 272 -59.49 -39.22 36.67
N VAL A 273 -59.17 -40.06 35.69
CA VAL A 273 -58.39 -41.28 35.87
C VAL A 273 -57.48 -41.44 34.65
N LYS A 274 -56.56 -42.42 34.73
CA LYS A 274 -55.66 -42.71 33.63
C LYS A 274 -55.96 -44.02 32.92
N GLN A 275 -56.95 -44.79 33.37
CA GLN A 275 -57.23 -46.04 32.68
C GLN A 275 -57.92 -45.72 31.36
N ASN A 276 -57.81 -46.64 30.41
CA ASN A 276 -58.30 -46.36 29.06
C ASN A 276 -59.77 -46.74 28.91
N THR A 277 -60.09 -48.01 29.07
CA THR A 277 -61.45 -48.50 28.99
C THR A 277 -61.86 -49.03 30.35
N LEU A 278 -63.13 -48.82 30.70
CA LEU A 278 -63.71 -49.32 31.94
C LEU A 278 -65.14 -49.73 31.61
N LYS A 279 -65.37 -51.04 31.52
CA LYS A 279 -66.64 -51.57 31.08
C LYS A 279 -67.33 -52.34 32.20
N LEU A 280 -68.63 -52.11 32.34
CA LEU A 280 -69.48 -52.76 33.33
C LEU A 280 -70.63 -53.43 32.60
N ALA A 281 -71.07 -54.58 33.10
CA ALA A 281 -72.07 -55.37 32.39
C ALA A 281 -73.48 -54.88 32.70
N THR A 282 -74.38 -55.11 31.75
CA THR A 282 -75.77 -54.69 31.88
C THR A 282 -76.70 -55.63 31.10
N VAL B 4 -41.84 -23.68 13.79
CA VAL B 4 -41.62 -22.61 12.81
C VAL B 4 -40.55 -23.02 11.82
N LYS B 5 -40.44 -22.28 10.72
CA LYS B 5 -39.44 -22.57 9.71
C LYS B 5 -38.98 -21.26 9.07
N LEU B 6 -37.66 -21.07 9.02
CA LEU B 6 -37.06 -19.89 8.40
C LEU B 6 -35.93 -20.37 7.51
N VAL B 7 -36.06 -20.12 6.21
CA VAL B 7 -35.05 -20.48 5.22
C VAL B 7 -34.41 -19.20 4.68
N GLU B 8 -33.09 -19.19 4.59
CA GLU B 8 -32.34 -18.03 4.13
C GLU B 8 -31.72 -18.26 2.77
N SER B 9 -31.67 -17.19 1.98
CA SER B 9 -31.14 -17.19 0.63
C SER B 9 -30.23 -15.97 0.46
N GLY B 10 -29.40 -16.00 -0.58
CA GLY B 10 -28.47 -14.92 -0.83
C GLY B 10 -27.02 -15.37 -0.90
N GLU B 11 -26.81 -16.64 -1.21
CA GLU B 11 -25.47 -17.19 -1.32
C GLU B 11 -24.77 -16.67 -2.58
N GLY B 12 -23.54 -16.20 -2.40
CA GLY B 12 -22.76 -15.76 -3.55
C GLY B 12 -21.40 -15.28 -3.11
N LEU B 13 -20.67 -14.73 -4.07
CA LEU B 13 -19.33 -14.21 -3.83
C LEU B 13 -19.35 -12.71 -4.08
N VAL B 14 -18.76 -11.96 -3.16
CA VAL B 14 -18.65 -10.51 -3.27
C VAL B 14 -17.20 -10.14 -3.03
N LYS B 15 -16.81 -8.99 -3.56
CA LYS B 15 -15.49 -8.46 -3.30
C LYS B 15 -15.54 -7.36 -2.26
N PRO B 16 -14.43 -7.10 -1.57
CA PRO B 16 -14.44 -6.05 -0.53
C PRO B 16 -14.93 -4.73 -1.10
N GLY B 17 -15.77 -4.04 -0.32
CA GLY B 17 -16.45 -2.86 -0.79
C GLY B 17 -17.73 -3.12 -1.56
N GLY B 18 -18.11 -4.39 -1.77
CA GLY B 18 -19.28 -4.73 -2.53
C GLY B 18 -20.54 -4.75 -1.67
N SER B 19 -21.63 -5.22 -2.28
CA SER B 19 -22.92 -5.27 -1.60
C SER B 19 -23.62 -6.59 -1.89
N LEU B 20 -24.52 -6.96 -0.99
CA LEU B 20 -25.32 -8.18 -1.15
C LEU B 20 -26.48 -8.14 -0.16
N LYS B 21 -27.63 -8.67 -0.59
CA LYS B 21 -28.83 -8.73 0.22
C LYS B 21 -29.16 -10.16 0.58
N LEU B 22 -29.41 -10.42 1.85
CA LEU B 22 -29.84 -11.73 2.30
C LEU B 22 -31.30 -11.66 2.75
N SER B 23 -32.01 -12.78 2.60
CA SER B 23 -33.43 -12.84 2.92
C SER B 23 -33.74 -14.17 3.61
N CYS B 24 -34.54 -14.10 4.67
CA CYS B 24 -35.03 -15.29 5.35
C CYS B 24 -36.55 -15.26 5.29
N ALA B 25 -37.13 -16.27 4.65
CA ALA B 25 -38.58 -16.33 4.49
C ALA B 25 -39.12 -17.10 5.69
N ALA B 26 -39.71 -16.38 6.63
CA ALA B 26 -40.19 -16.99 7.87
C ALA B 26 -41.59 -17.55 7.65
N SER B 27 -41.75 -18.83 7.95
CA SER B 27 -43.02 -19.52 7.82
C SER B 27 -43.24 -20.36 9.07
N GLY B 28 -44.42 -20.97 9.15
CA GLY B 28 -44.73 -21.89 10.22
C GLY B 28 -45.58 -21.28 11.32
N PHE B 29 -45.26 -20.07 11.76
CA PHE B 29 -46.05 -19.43 12.80
C PHE B 29 -46.21 -17.95 12.47
N THR B 30 -46.82 -17.21 13.38
CA THR B 30 -47.21 -15.82 13.16
C THR B 30 -46.00 -14.89 13.08
N PHE B 31 -45.84 -14.24 11.93
CA PHE B 31 -44.84 -13.20 11.76
C PHE B 31 -45.34 -11.88 12.36
N SER B 32 -44.49 -10.85 12.28
CA SER B 32 -44.85 -9.48 12.65
C SER B 32 -45.14 -9.32 14.13
N SER B 33 -45.06 -10.40 14.90
CA SER B 33 -45.29 -10.36 16.34
C SER B 33 -44.02 -10.55 17.15
N TYR B 34 -43.02 -11.21 16.60
CA TYR B 34 -41.77 -11.48 17.28
C TYR B 34 -40.68 -10.53 16.78
N ASP B 35 -39.68 -10.31 17.63
CA ASP B 35 -38.52 -9.56 17.18
C ASP B 35 -37.65 -10.45 16.30
N MET B 36 -36.72 -9.84 15.57
CA MET B 36 -35.90 -10.57 14.63
C MET B 36 -34.47 -10.02 14.70
N SER B 37 -33.51 -10.89 14.41
CA SER B 37 -32.10 -10.52 14.50
C SER B 37 -31.33 -11.31 13.46
N TRP B 38 -30.09 -10.89 13.24
CA TRP B 38 -29.16 -11.60 12.36
C TRP B 38 -27.92 -11.96 13.16
N VAL B 39 -27.51 -13.22 13.04
CA VAL B 39 -26.31 -13.72 13.71
C VAL B 39 -25.49 -14.47 12.68
N ARG B 40 -24.18 -14.49 12.88
CA ARG B 40 -23.25 -15.09 11.94
C ARG B 40 -22.32 -16.04 12.66
N GLN B 41 -21.71 -16.94 11.88
CA GLN B 41 -20.69 -17.84 12.39
C GLN B 41 -19.56 -17.86 11.39
N THR B 42 -18.38 -17.40 11.79
CA THR B 42 -17.25 -17.31 10.90
C THR B 42 -16.71 -18.70 10.60
N PRO B 43 -15.87 -18.83 9.57
CA PRO B 43 -15.19 -20.11 9.34
C PRO B 43 -14.36 -20.57 10.52
N GLU B 44 -14.04 -19.66 11.45
CA GLU B 44 -13.41 -20.03 12.71
C GLU B 44 -14.41 -20.50 13.75
N LYS B 45 -15.70 -20.61 13.40
CA LYS B 45 -16.74 -21.07 14.31
C LYS B 45 -16.85 -20.15 15.52
N ARG B 46 -16.87 -18.85 15.26
CA ARG B 46 -17.02 -17.83 16.28
C ARG B 46 -18.36 -17.14 16.04
N LEU B 47 -19.22 -17.15 17.06
CA LEU B 47 -20.52 -16.53 16.93
C LEU B 47 -20.41 -15.02 17.14
N GLU B 48 -21.20 -14.27 16.38
CA GLU B 48 -21.12 -12.82 16.41
C GLU B 48 -22.50 -12.24 16.16
N TRP B 49 -22.89 -11.26 16.97
CA TRP B 49 -24.18 -10.61 16.80
C TRP B 49 -24.04 -9.49 15.78
N VAL B 50 -25.02 -9.37 14.89
CA VAL B 50 -24.95 -8.47 13.75
C VAL B 50 -25.99 -7.36 13.84
N ALA B 51 -27.27 -7.72 13.80
CA ALA B 51 -28.34 -6.73 13.68
C ALA B 51 -29.55 -7.20 14.48
N TYR B 52 -30.55 -6.34 14.53
CA TYR B 52 -31.76 -6.62 15.30
C TYR B 52 -32.85 -5.67 14.86
N ILE B 53 -34.09 -6.17 14.76
CA ILE B 53 -35.23 -5.35 14.41
C ILE B 53 -36.40 -5.70 15.33
N SER B 54 -37.16 -4.67 15.71
CA SER B 54 -38.20 -4.74 16.73
C SER B 54 -39.59 -4.76 16.09
N SER B 55 -40.00 -5.93 15.58
CA SER B 55 -41.35 -6.16 15.06
C SER B 55 -41.64 -5.35 13.80
N GLY B 56 -40.63 -4.65 13.27
CA GLY B 56 -40.68 -3.86 12.05
C GLY B 56 -39.98 -2.56 12.37
N GLY B 57 -40.27 -2.03 13.56
CA GLY B 57 -39.34 -1.13 14.21
C GLY B 57 -39.20 0.33 13.86
N ASP B 58 -39.13 1.12 14.91
CA ASP B 58 -38.43 2.39 14.89
C ASP B 58 -37.05 2.18 15.46
N TYR B 59 -36.85 1.01 16.07
CA TYR B 59 -35.64 0.65 16.76
C TYR B 59 -34.90 -0.38 15.91
N ILE B 60 -33.76 0.02 15.37
CA ILE B 60 -32.85 -0.88 14.68
C ILE B 60 -31.45 -0.57 15.16
N TYR B 61 -30.70 -1.60 15.52
CA TYR B 61 -29.35 -1.40 16.02
C TYR B 61 -28.46 -2.51 15.48
N TYR B 62 -27.23 -2.13 15.14
CA TYR B 62 -26.25 -3.04 14.57
C TYR B 62 -25.02 -3.04 15.46
N ALA B 63 -24.10 -3.95 15.17
CA ALA B 63 -22.86 -4.01 15.93
C ALA B 63 -21.90 -2.94 15.42
N ASP B 64 -21.01 -2.49 16.31
CA ASP B 64 -20.05 -1.46 15.93
C ASP B 64 -19.19 -1.90 14.74
N THR B 65 -19.08 -3.20 14.51
CA THR B 65 -18.41 -3.68 13.30
C THR B 65 -19.27 -3.44 12.06
N VAL B 66 -20.59 -3.47 12.19
CA VAL B 66 -21.45 -3.42 11.01
C VAL B 66 -22.45 -2.26 11.08
N LYS B 67 -22.12 -1.20 11.81
CA LYS B 67 -22.94 0.00 11.80
C LYS B 67 -22.62 0.88 10.60
N GLY B 68 -23.66 1.29 9.88
CA GLY B 68 -23.51 2.13 8.70
C GLY B 68 -23.11 1.39 7.45
N ARG B 69 -22.83 0.10 7.54
CA ARG B 69 -22.54 -0.73 6.38
C ARG B 69 -23.65 -1.72 6.11
N PHE B 70 -24.35 -2.17 7.13
CA PHE B 70 -25.48 -3.07 6.99
C PHE B 70 -26.75 -2.31 7.31
N THR B 71 -27.88 -2.88 6.91
CA THR B 71 -29.19 -2.32 7.19
C THR B 71 -30.17 -3.49 7.21
N ILE B 72 -30.96 -3.57 8.26
CA ILE B 72 -31.89 -4.68 8.42
C ILE B 72 -33.29 -4.16 8.10
N SER B 73 -34.07 -4.97 7.39
CA SER B 73 -35.41 -4.59 7.02
C SER B 73 -36.34 -5.77 7.24
N ARG B 74 -37.63 -5.46 7.32
CA ARG B 74 -38.66 -6.45 7.59
C ARG B 74 -39.85 -6.15 6.69
N ASP B 75 -40.50 -7.21 6.23
CA ASP B 75 -41.70 -7.10 5.41
C ASP B 75 -42.80 -7.84 6.14
N ASN B 76 -43.71 -7.11 6.76
CA ASN B 76 -44.82 -7.71 7.49
C ASN B 76 -45.86 -8.32 6.56
N ALA B 77 -45.79 -8.04 5.26
CA ALA B 77 -46.73 -8.59 4.30
C ALA B 77 -46.20 -9.89 3.68
N ARG B 78 -44.97 -9.88 3.18
CA ARG B 78 -44.34 -11.06 2.60
C ARG B 78 -43.78 -12.03 3.64
N ASN B 79 -43.80 -11.67 4.92
CA ASN B 79 -43.24 -12.51 5.99
C ASN B 79 -41.77 -12.83 5.73
N THR B 80 -41.02 -11.84 5.27
CA THR B 80 -39.61 -12.01 4.93
C THR B 80 -38.79 -10.94 5.62
N LEU B 81 -37.63 -11.33 6.13
CA LEU B 81 -36.70 -10.41 6.77
C LEU B 81 -35.47 -10.30 5.89
N TYR B 82 -35.05 -9.06 5.60
CA TYR B 82 -33.94 -8.80 4.71
C TYR B 82 -32.76 -8.23 5.49
N LEU B 83 -31.57 -8.36 4.90
CA LEU B 83 -30.34 -7.86 5.50
C LEU B 83 -29.44 -7.38 4.37
N GLN B 84 -29.41 -6.06 4.18
CA GLN B 84 -28.59 -5.44 3.14
C GLN B 84 -27.16 -5.31 3.64
N MET B 85 -26.27 -6.16 3.13
CA MET B 85 -24.84 -6.06 3.43
C MET B 85 -24.20 -5.17 2.37
N SER B 86 -23.56 -4.09 2.82
CA SER B 86 -22.93 -3.13 1.93
C SER B 86 -21.56 -2.74 2.49
N SER B 87 -20.69 -2.23 1.61
CA SER B 87 -19.32 -1.88 1.95
C SER B 87 -18.62 -3.07 2.61
N LEU B 88 -18.67 -4.20 1.92
CA LEU B 88 -18.21 -5.46 2.47
C LEU B 88 -16.70 -5.49 2.61
N LYS B 89 -16.24 -6.29 3.58
CA LYS B 89 -14.83 -6.53 3.84
C LYS B 89 -14.57 -8.02 3.80
N SER B 90 -13.28 -8.37 3.89
CA SER B 90 -12.91 -9.79 3.98
C SER B 90 -13.42 -10.42 5.27
N GLU B 91 -13.48 -9.63 6.34
CA GLU B 91 -13.89 -10.13 7.65
C GLU B 91 -15.38 -10.39 7.74
N ASP B 92 -16.17 -9.98 6.76
CA ASP B 92 -17.60 -10.26 6.73
C ASP B 92 -17.93 -11.64 6.19
N THR B 93 -16.93 -12.51 6.02
CA THR B 93 -17.14 -13.88 5.53
C THR B 93 -17.64 -14.77 6.66
N ALA B 94 -18.88 -15.24 6.55
CA ALA B 94 -19.50 -16.07 7.58
C ALA B 94 -20.78 -16.67 7.02
N MET B 95 -21.32 -17.64 7.76
CA MET B 95 -22.66 -18.17 7.51
C MET B 95 -23.61 -17.40 8.40
N TYR B 96 -24.51 -16.62 7.79
CA TYR B 96 -25.41 -15.76 8.54
C TYR B 96 -26.72 -16.48 8.83
N TYR B 97 -27.24 -16.28 10.03
CA TYR B 97 -28.44 -16.94 10.50
C TYR B 97 -29.51 -15.92 10.82
N CYS B 98 -30.76 -16.27 10.54
CA CYS B 98 -31.91 -15.41 10.79
C CYS B 98 -32.68 -16.02 11.96
N THR B 99 -32.85 -15.25 13.02
CA THR B 99 -33.37 -15.75 14.28
C THR B 99 -34.77 -15.22 14.55
N ARG B 100 -35.73 -16.13 14.73
CA ARG B 100 -37.07 -15.76 15.18
C ARG B 100 -37.11 -15.90 16.70
N VAL B 101 -36.64 -14.85 17.37
CA VAL B 101 -36.49 -14.80 18.82
C VAL B 101 -37.23 -13.59 19.37
N GLY B 102 -37.81 -13.76 20.56
CA GLY B 102 -38.41 -12.63 21.26
C GLY B 102 -37.87 -12.42 22.66
N GLU B 103 -37.17 -11.31 22.88
CA GLU B 103 -36.44 -11.09 24.14
C GLU B 103 -37.34 -10.86 25.34
N TYR B 104 -38.66 -10.90 25.18
CA TYR B 104 -39.55 -10.81 26.33
C TYR B 104 -39.66 -12.12 27.09
N ASP B 105 -39.43 -13.26 26.42
CA ASP B 105 -39.44 -14.56 27.09
C ASP B 105 -38.18 -15.39 26.83
N ALA B 106 -37.62 -15.26 25.63
CA ALA B 106 -36.41 -16.00 25.25
C ALA B 106 -35.41 -15.07 24.58
N TRP B 107 -34.14 -15.43 24.67
CA TRP B 107 -33.07 -14.56 24.17
C TRP B 107 -32.60 -14.94 22.77
N PHE B 108 -32.17 -16.19 22.58
CA PHE B 108 -31.66 -16.68 21.30
C PHE B 108 -32.24 -18.06 20.99
N ALA B 109 -33.56 -18.13 20.85
CA ALA B 109 -34.24 -19.42 20.87
C ALA B 109 -34.15 -20.13 19.52
N TYR B 110 -34.58 -19.49 18.44
CA TYR B 110 -34.67 -20.14 17.14
C TYR B 110 -33.52 -19.70 16.23
N TRP B 111 -32.89 -20.69 15.60
CA TRP B 111 -31.84 -20.49 14.61
C TRP B 111 -32.21 -21.29 13.37
N ASP B 112 -31.35 -21.24 12.34
CA ASP B 112 -31.68 -21.85 11.06
C ASP B 112 -30.57 -22.77 10.56
N GLN B 113 -30.67 -23.18 9.29
CA GLN B 113 -29.62 -23.93 8.63
C GLN B 113 -28.55 -23.04 8.01
N GLY B 114 -28.81 -21.75 7.87
CA GLY B 114 -27.79 -20.80 7.49
C GLY B 114 -27.72 -20.56 5.99
N THR B 115 -27.06 -19.45 5.63
CA THR B 115 -26.69 -19.15 4.26
C THR B 115 -25.26 -18.65 4.27
N LEU B 116 -24.45 -19.12 3.33
CA LEU B 116 -23.03 -18.83 3.31
C LEU B 116 -22.74 -17.80 2.22
N VAL B 117 -22.14 -16.68 2.63
CA VAL B 117 -21.67 -15.65 1.72
C VAL B 117 -20.18 -15.43 1.97
N THR B 118 -19.41 -15.36 0.89
CA THR B 118 -17.96 -15.22 0.96
C THR B 118 -17.57 -13.91 0.28
N VAL B 119 -16.70 -13.15 0.93
CA VAL B 119 -16.18 -11.90 0.40
C VAL B 119 -14.67 -12.09 0.24
N SER B 120 -14.24 -12.41 -0.97
CA SER B 120 -12.83 -12.72 -1.21
C SER B 120 -12.16 -11.85 -2.26
N GLY B 121 -12.85 -11.52 -3.35
CA GLY B 121 -12.19 -10.88 -4.47
C GLY B 121 -11.58 -11.84 -5.47
N ALA B 122 -11.70 -13.13 -5.26
CA ALA B 122 -11.16 -14.12 -6.18
C ALA B 122 -12.18 -14.39 -7.27
N SER B 123 -11.80 -15.22 -8.25
CA SER B 123 -12.68 -15.50 -9.37
C SER B 123 -13.63 -16.63 -9.00
N THR B 124 -14.92 -16.39 -9.19
CA THR B 124 -15.89 -17.45 -8.95
C THR B 124 -15.79 -18.40 -10.13
N LYS B 125 -15.42 -19.64 -9.86
CA LYS B 125 -15.22 -20.62 -10.91
C LYS B 125 -16.38 -21.62 -10.88
N GLY B 126 -16.45 -22.43 -11.93
CA GLY B 126 -17.54 -23.37 -12.04
C GLY B 126 -17.08 -24.80 -11.81
N PRO B 127 -17.95 -25.59 -11.21
CA PRO B 127 -17.58 -26.97 -10.87
C PRO B 127 -17.40 -27.80 -12.12
N SER B 128 -16.69 -28.91 -11.95
CA SER B 128 -16.46 -29.88 -13.01
C SER B 128 -17.06 -31.19 -12.53
N VAL B 129 -18.20 -31.54 -13.08
CA VAL B 129 -18.98 -32.68 -12.62
C VAL B 129 -18.60 -33.90 -13.45
N PHE B 130 -18.32 -35.01 -12.76
CA PHE B 130 -17.98 -36.25 -13.40
C PHE B 130 -18.83 -37.35 -12.78
N PRO B 131 -19.26 -38.34 -13.58
CA PRO B 131 -20.13 -39.37 -13.02
C PRO B 131 -19.33 -40.41 -12.25
N LEU B 132 -19.91 -40.90 -11.16
CA LEU B 132 -19.30 -41.98 -10.37
C LEU B 132 -20.07 -43.24 -10.70
N ALA B 133 -19.39 -44.20 -11.34
CA ALA B 133 -19.94 -45.44 -11.87
C ALA B 133 -20.22 -46.44 -10.75
N PRO B 134 -21.38 -47.12 -10.79
CA PRO B 134 -21.73 -48.08 -9.73
C PRO B 134 -20.76 -49.27 -9.69
N SER B 135 -20.85 -50.05 -8.59
CA SER B 135 -20.02 -51.23 -8.35
C SER B 135 -20.64 -52.45 -9.04
N SER B 136 -19.81 -53.24 -9.72
CA SER B 136 -20.29 -54.33 -10.56
C SER B 136 -20.28 -55.71 -9.89
N LYS B 137 -19.14 -56.11 -9.33
CA LYS B 137 -18.97 -57.49 -8.88
C LYS B 137 -18.40 -57.44 -7.46
N SER B 138 -18.23 -58.63 -6.85
CA SER B 138 -17.87 -58.74 -5.43
C SER B 138 -18.90 -58.00 -4.59
N THR B 139 -20.18 -58.27 -4.89
CA THR B 139 -21.26 -57.69 -4.12
C THR B 139 -21.41 -58.39 -2.77
N SER B 140 -22.21 -57.77 -1.92
CA SER B 140 -22.49 -58.30 -0.59
C SER B 140 -23.92 -58.80 -0.47
N GLY B 141 -24.59 -59.03 -1.60
CA GLY B 141 -26.01 -59.23 -1.53
C GLY B 141 -26.75 -57.97 -1.18
N GLY B 142 -26.05 -56.84 -1.20
CA GLY B 142 -26.57 -55.57 -0.75
C GLY B 142 -27.06 -54.77 -1.92
N THR B 143 -27.20 -53.45 -1.71
CA THR B 143 -27.86 -52.68 -2.74
C THR B 143 -26.94 -52.31 -3.90
N ALA B 144 -26.17 -51.21 -3.75
CA ALA B 144 -25.19 -50.72 -4.71
C ALA B 144 -24.70 -49.36 -4.27
N ALA B 145 -23.65 -48.82 -4.90
CA ALA B 145 -23.21 -47.46 -4.59
C ALA B 145 -22.86 -46.75 -5.88
N LEU B 146 -23.61 -45.68 -6.19
CA LEU B 146 -23.30 -44.80 -7.29
C LEU B 146 -23.40 -43.37 -6.79
N GLY B 147 -22.70 -42.47 -7.45
CA GLY B 147 -22.66 -41.11 -6.97
C GLY B 147 -22.33 -40.07 -8.02
N CYS B 148 -21.82 -38.95 -7.52
CA CYS B 148 -21.54 -37.78 -8.34
C CYS B 148 -20.33 -37.08 -7.74
N LEU B 149 -19.48 -36.53 -8.60
CA LEU B 149 -18.27 -35.84 -8.16
C LEU B 149 -18.33 -34.38 -8.62
N VAL B 150 -18.37 -33.47 -7.65
CA VAL B 150 -18.38 -32.04 -7.93
C VAL B 150 -16.98 -31.55 -7.58
N LYS B 151 -16.17 -31.34 -8.62
CA LYS B 151 -14.75 -31.05 -8.45
C LYS B 151 -14.43 -29.63 -8.89
N ASP B 152 -13.51 -29.00 -8.18
CA ASP B 152 -12.91 -27.72 -8.57
C ASP B 152 -13.97 -26.63 -8.70
N TYR B 153 -14.61 -26.32 -7.56
CA TYR B 153 -15.54 -25.22 -7.47
C TYR B 153 -15.17 -24.31 -6.32
N PHE B 154 -15.59 -23.04 -6.43
CA PHE B 154 -15.36 -22.02 -5.42
C PHE B 154 -16.34 -20.87 -5.68
N PRO B 155 -17.02 -20.36 -4.64
CA PRO B 155 -16.90 -20.82 -3.26
C PRO B 155 -18.01 -21.80 -2.86
N GLU B 156 -18.07 -22.11 -1.58
CA GLU B 156 -19.08 -22.99 -1.02
C GLU B 156 -20.40 -22.25 -0.80
N PRO B 157 -21.53 -22.96 -0.84
CA PRO B 157 -21.68 -24.41 -0.98
C PRO B 157 -22.30 -24.83 -2.31
N VAL B 158 -22.42 -26.14 -2.51
CA VAL B 158 -23.21 -26.72 -3.58
C VAL B 158 -24.21 -27.68 -2.95
N THR B 159 -25.42 -27.72 -3.50
CA THR B 159 -26.46 -28.62 -3.02
C THR B 159 -26.78 -29.63 -4.10
N VAL B 160 -26.79 -30.91 -3.74
CA VAL B 160 -26.96 -32.01 -4.69
C VAL B 160 -28.19 -32.82 -4.30
N SER B 161 -29.15 -32.93 -5.22
CA SER B 161 -30.33 -33.76 -5.07
C SER B 161 -30.29 -34.89 -6.10
N TRP B 162 -31.19 -35.86 -5.92
CA TRP B 162 -31.26 -37.04 -6.79
C TRP B 162 -32.69 -37.25 -7.27
N ASN B 163 -32.86 -37.21 -8.59
CA ASN B 163 -34.16 -37.35 -9.26
C ASN B 163 -35.11 -36.23 -8.86
N SER B 164 -34.57 -35.03 -8.63
CA SER B 164 -35.34 -33.82 -8.38
C SER B 164 -36.28 -33.99 -7.18
N GLY B 165 -35.80 -34.72 -6.18
CA GLY B 165 -36.56 -34.97 -4.97
C GLY B 165 -37.30 -36.29 -4.92
N ALA B 166 -37.04 -37.19 -5.86
CA ALA B 166 -37.66 -38.51 -5.89
C ALA B 166 -36.81 -39.59 -5.26
N LEU B 167 -35.55 -39.29 -4.92
CA LEU B 167 -34.62 -40.25 -4.34
C LEU B 167 -34.11 -39.69 -3.00
N THR B 168 -34.98 -39.73 -1.98
CA THR B 168 -34.65 -39.20 -0.67
C THR B 168 -34.18 -40.25 0.33
N SER B 169 -34.09 -41.52 -0.05
CA SER B 169 -33.81 -42.60 0.89
C SER B 169 -32.48 -43.28 0.56
N GLY B 170 -31.48 -43.06 1.42
CA GLY B 170 -30.20 -43.71 1.29
C GLY B 170 -29.15 -42.90 0.57
N VAL B 171 -29.13 -41.59 0.81
CA VAL B 171 -28.20 -40.68 0.16
C VAL B 171 -27.43 -39.92 1.23
N HIS B 172 -26.12 -39.82 1.05
CA HIS B 172 -25.24 -39.06 1.93
C HIS B 172 -24.40 -38.08 1.10
N THR B 173 -24.53 -36.80 1.38
CA THR B 173 -23.70 -35.77 0.77
C THR B 173 -22.58 -35.41 1.72
N PHE B 174 -21.31 -35.71 1.31
CA PHE B 174 -20.11 -35.55 2.13
C PHE B 174 -19.58 -34.13 2.04
N PRO B 175 -18.92 -33.64 3.09
CA PRO B 175 -18.39 -32.28 3.06
C PRO B 175 -17.28 -32.11 2.02
N ALA B 176 -17.00 -30.86 1.68
CA ALA B 176 -16.02 -30.51 0.67
C ALA B 176 -14.63 -30.41 1.27
N VAL B 177 -13.62 -30.62 0.42
CA VAL B 177 -12.23 -30.53 0.81
C VAL B 177 -11.64 -29.24 0.24
N LEU B 178 -10.86 -28.53 1.06
CA LEU B 178 -10.18 -27.33 0.61
C LEU B 178 -8.84 -27.79 0.05
N GLN B 179 -8.81 -28.04 -1.25
CA GLN B 179 -7.61 -28.54 -1.89
C GLN B 179 -6.59 -27.41 -2.01
N SER B 180 -5.38 -27.77 -2.46
CA SER B 180 -4.31 -26.77 -2.56
C SER B 180 -4.45 -25.95 -3.84
N SER B 181 -5.65 -25.44 -4.11
CA SER B 181 -5.87 -24.57 -5.26
C SER B 181 -6.81 -23.41 -4.97
N GLY B 182 -7.40 -23.34 -3.78
CA GLY B 182 -8.43 -22.36 -3.50
C GLY B 182 -9.80 -22.80 -3.95
N LEU B 183 -9.95 -24.06 -4.31
CA LEU B 183 -11.19 -24.63 -4.83
C LEU B 183 -11.61 -25.79 -3.92
N TYR B 184 -12.85 -26.21 -4.08
CA TYR B 184 -13.41 -27.29 -3.28
C TYR B 184 -13.63 -28.52 -4.15
N SER B 185 -14.07 -29.58 -3.49
CA SER B 185 -14.39 -30.83 -4.17
C SER B 185 -15.35 -31.59 -3.26
N LEU B 186 -16.52 -31.93 -3.79
CA LEU B 186 -17.57 -32.56 -3.02
C LEU B 186 -17.94 -33.87 -3.70
N SER B 187 -18.50 -34.79 -2.91
CA SER B 187 -18.93 -36.07 -3.45
C SER B 187 -20.17 -36.53 -2.71
N SER B 188 -21.15 -37.00 -3.46
CA SER B 188 -22.37 -37.56 -2.92
C SER B 188 -22.57 -38.94 -3.53
N VAL B 189 -23.03 -39.88 -2.72
CA VAL B 189 -23.22 -41.27 -3.14
C VAL B 189 -24.54 -41.77 -2.59
N VAL B 190 -25.30 -42.46 -3.41
CA VAL B 190 -26.58 -43.01 -3.00
C VAL B 190 -26.43 -44.53 -2.91
N THR B 191 -27.31 -45.14 -2.11
CA THR B 191 -27.36 -46.58 -1.95
C THR B 191 -28.65 -47.05 -2.61
N VAL B 192 -28.53 -47.84 -3.67
CA VAL B 192 -29.67 -48.25 -4.47
C VAL B 192 -29.54 -49.74 -4.78
N PRO B 193 -30.60 -50.53 -4.64
CA PRO B 193 -30.49 -51.97 -4.96
C PRO B 193 -30.15 -52.21 -6.42
N SER B 194 -29.32 -53.23 -6.65
CA SER B 194 -28.88 -53.60 -7.99
C SER B 194 -30.01 -54.20 -8.82
N SER B 195 -31.15 -54.50 -8.21
CA SER B 195 -32.28 -55.02 -8.98
C SER B 195 -32.85 -53.95 -9.91
N SER B 196 -33.05 -52.74 -9.39
CA SER B 196 -33.53 -51.61 -10.19
C SER B 196 -32.36 -50.76 -10.70
N LEU B 197 -31.23 -51.38 -10.98
CA LEU B 197 -30.04 -50.64 -11.42
C LEU B 197 -29.97 -50.49 -12.93
N GLY B 198 -30.64 -51.36 -13.67
CA GLY B 198 -30.72 -51.29 -15.11
C GLY B 198 -32.09 -50.89 -15.60
N THR B 199 -32.99 -50.49 -14.70
CA THR B 199 -34.36 -50.12 -15.02
C THR B 199 -34.67 -48.69 -14.65
N GLN B 200 -34.02 -48.14 -13.62
CA GLN B 200 -34.22 -46.78 -13.17
C GLN B 200 -33.11 -45.88 -13.68
N THR B 201 -33.48 -44.65 -14.04
CA THR B 201 -32.51 -43.63 -14.42
C THR B 201 -32.26 -42.80 -13.18
N TYR B 202 -31.00 -42.72 -12.77
CA TYR B 202 -30.61 -41.98 -11.57
C TYR B 202 -29.86 -40.74 -12.02
N ILE B 203 -30.34 -39.58 -11.58
CA ILE B 203 -29.84 -38.30 -12.08
C ILE B 203 -29.19 -37.55 -10.93
N CYS B 204 -28.04 -36.95 -11.22
CA CYS B 204 -27.29 -36.15 -10.27
C CYS B 204 -27.60 -34.68 -10.53
N ASN B 205 -28.29 -34.05 -9.61
CA ASN B 205 -28.73 -32.67 -9.76
C ASN B 205 -27.90 -31.79 -8.84
N VAL B 206 -26.93 -31.07 -9.42
CA VAL B 206 -26.08 -30.15 -8.67
C VAL B 206 -26.52 -28.74 -9.01
N ASN B 207 -26.72 -27.92 -7.97
CA ASN B 207 -27.11 -26.53 -8.14
C ASN B 207 -26.20 -25.65 -7.28
N HIS B 208 -25.32 -24.91 -7.95
CA HIS B 208 -24.38 -24.02 -7.29
C HIS B 208 -25.02 -22.64 -7.22
N LYS B 209 -25.45 -22.24 -6.02
CA LYS B 209 -26.16 -20.96 -5.91
C LYS B 209 -25.26 -19.76 -6.18
N PRO B 210 -24.03 -19.66 -5.62
CA PRO B 210 -23.22 -18.46 -5.88
C PRO B 210 -23.08 -18.13 -7.35
N SER B 211 -22.57 -19.07 -8.14
CA SER B 211 -22.57 -19.00 -9.60
C SER B 211 -23.53 -20.07 -10.09
N ASN B 212 -24.66 -19.66 -10.67
CA ASN B 212 -25.80 -20.55 -10.88
C ASN B 212 -25.47 -21.60 -11.93
N THR B 213 -25.00 -22.75 -11.48
CA THR B 213 -24.62 -23.88 -12.32
C THR B 213 -25.55 -25.04 -11.97
N LYS B 214 -26.75 -25.04 -12.59
CA LYS B 214 -27.75 -26.07 -12.34
C LYS B 214 -27.58 -27.16 -13.39
N VAL B 215 -26.73 -28.14 -13.07
CA VAL B 215 -26.34 -29.20 -14.00
C VAL B 215 -26.95 -30.51 -13.54
N ASP B 216 -27.57 -31.23 -14.47
CA ASP B 216 -27.99 -32.61 -14.24
C ASP B 216 -26.99 -33.55 -14.90
N LYS B 217 -26.64 -34.63 -14.19
CA LYS B 217 -25.67 -35.60 -14.67
C LYS B 217 -26.24 -37.00 -14.53
N ARG B 218 -26.25 -37.73 -15.63
CA ARG B 218 -26.77 -39.08 -15.66
C ARG B 218 -25.63 -40.07 -15.41
N VAL B 219 -25.86 -41.04 -14.53
CA VAL B 219 -24.88 -42.07 -14.22
C VAL B 219 -25.42 -43.41 -14.71
N GLU B 220 -24.80 -43.94 -15.76
CA GLU B 220 -25.19 -45.20 -16.38
C GLU B 220 -24.08 -46.23 -16.31
N PRO B 221 -24.42 -47.52 -16.32
CA PRO B 221 -23.40 -48.53 -16.63
C PRO B 221 -23.06 -48.38 -18.12
N LYS B 222 -21.79 -48.16 -18.42
CA LYS B 222 -21.36 -47.78 -19.75
C LYS B 222 -20.93 -48.96 -20.62
N SER B 223 -21.17 -50.20 -20.19
CA SER B 223 -20.73 -51.39 -20.93
C SER B 223 -19.22 -51.36 -21.19
N CYS B 224 -18.50 -50.63 -20.34
CA CYS B 224 -17.06 -50.44 -20.41
C CYS B 224 -16.42 -50.90 -19.11
N ASP B 225 -15.11 -51.09 -19.16
CA ASP B 225 -14.36 -51.50 -17.97
C ASP B 225 -13.93 -50.28 -17.17
N THR C 1 -14.17 84.22 27.19
CA THR C 1 -13.82 83.62 28.48
C THR C 1 -13.79 82.10 28.39
N ASN C 2 -14.55 81.43 29.25
CA ASN C 2 -14.61 79.98 29.24
C ASN C 2 -15.27 79.48 27.97
N ALA C 3 -14.73 78.42 27.39
CA ALA C 3 -15.27 77.86 26.15
C ALA C 3 -14.94 76.37 26.07
N THR C 4 -15.96 75.52 26.13
CA THR C 4 -15.83 74.07 25.99
C THR C 4 -16.13 73.61 24.57
N GLU C 5 -15.51 72.49 24.18
CA GLU C 5 -15.68 71.89 22.87
C GLU C 5 -16.86 70.91 22.88
N LEU C 6 -17.45 70.70 21.69
CA LEU C 6 -18.64 69.87 21.54
C LEU C 6 -18.42 68.69 20.59
N VAL C 7 -17.18 68.25 20.38
CA VAL C 7 -16.88 67.18 19.44
C VAL C 7 -15.73 66.33 19.96
N GLN C 8 -15.92 65.00 19.90
CA GLN C 8 -14.91 64.03 20.30
C GLN C 8 -13.90 63.86 19.16
N SER C 9 -12.69 64.37 19.36
CA SER C 9 -11.67 64.36 18.31
C SER C 9 -10.95 63.02 18.24
N SER C 10 -10.36 62.58 19.33
CA SER C 10 -9.53 61.40 19.39
C SER C 10 -10.24 60.25 20.09
N SER C 11 -9.62 59.09 20.02
CA SER C 11 -10.09 57.87 20.62
C SER C 11 -8.99 57.32 21.54
N THR C 12 -9.29 56.23 22.23
CA THR C 12 -8.31 55.66 23.15
C THR C 12 -7.35 54.70 22.47
N GLY C 13 -7.79 54.07 21.37
CA GLY C 13 -6.99 53.06 20.72
C GLY C 13 -7.12 51.68 21.31
N LYS C 14 -7.70 51.55 22.50
CA LYS C 14 -7.87 50.27 23.16
C LYS C 14 -9.33 50.13 23.59
N ILE C 15 -9.77 48.89 23.77
CA ILE C 15 -11.15 48.61 24.17
C ILE C 15 -11.18 48.41 25.68
N CYS C 16 -12.10 49.10 26.37
CA CYS C 16 -12.28 49.00 27.81
C CYS C 16 -13.47 48.12 28.14
N ASN C 17 -13.28 47.22 29.10
CA ASN C 17 -14.26 46.22 29.46
C ASN C 17 -15.26 46.73 30.48
N ASN C 18 -15.30 48.04 30.72
CA ASN C 18 -16.27 48.55 31.68
C ASN C 18 -17.11 49.63 31.02
N PRO C 19 -18.42 49.68 31.31
CA PRO C 19 -19.18 48.76 32.18
C PRO C 19 -19.80 47.57 31.43
N HIS C 20 -19.25 47.23 30.26
CA HIS C 20 -19.76 46.21 29.36
C HIS C 20 -19.02 44.88 29.51
N ARG C 21 -19.59 43.82 28.97
CA ARG C 21 -18.90 42.53 28.83
C ARG C 21 -18.30 42.43 27.43
N ILE C 22 -17.00 42.16 27.36
CA ILE C 22 -16.29 42.03 26.09
C ILE C 22 -15.89 40.57 25.87
N LEU C 23 -16.10 40.08 24.66
CA LEU C 23 -15.62 38.77 24.24
C LEU C 23 -14.83 38.96 22.95
N ASP C 24 -13.55 38.61 22.98
CA ASP C 24 -12.65 38.89 21.87
C ASP C 24 -12.49 37.66 20.98
N GLY C 25 -12.70 37.84 19.68
CA GLY C 25 -12.48 36.79 18.71
C GLY C 25 -11.08 36.86 18.13
N ILE C 26 -10.08 36.62 18.98
CA ILE C 26 -8.68 36.81 18.58
C ILE C 26 -8.34 36.03 17.33
N ASP C 27 -8.61 34.73 17.32
CA ASP C 27 -8.38 33.90 16.14
C ASP C 27 -9.67 33.30 15.59
N CYS C 28 -10.83 33.79 16.02
CA CYS C 28 -12.10 33.16 15.68
C CYS C 28 -13.19 34.21 15.46
N THR C 29 -14.14 33.87 14.59
CA THR C 29 -15.33 34.69 14.38
C THR C 29 -16.52 34.13 15.17
N LEU C 30 -17.66 34.82 15.07
CA LEU C 30 -18.87 34.40 15.76
C LEU C 30 -19.61 33.27 15.06
N ILE C 31 -19.57 33.22 13.73
CA ILE C 31 -20.26 32.14 13.02
C ILE C 31 -19.49 30.84 13.12
N ASP C 32 -18.15 30.92 13.16
CA ASP C 32 -17.37 29.71 13.40
C ASP C 32 -17.67 29.13 14.77
N ALA C 33 -17.86 29.99 15.78
CA ALA C 33 -18.28 29.51 17.09
C ALA C 33 -19.73 29.07 17.07
N LEU C 34 -20.54 29.65 16.19
CA LEU C 34 -21.92 29.22 16.07
C LEU C 34 -21.98 27.81 15.48
N LEU C 35 -21.09 27.50 14.54
CA LEU C 35 -21.01 26.16 13.94
C LEU C 35 -20.16 25.21 14.77
N GLY C 36 -19.07 25.71 15.37
CA GLY C 36 -18.18 24.92 16.20
C GLY C 36 -16.90 24.46 15.51
N ASP C 37 -15.82 25.24 15.63
CA ASP C 37 -14.49 24.95 15.09
C ASP C 37 -13.57 24.42 16.16
N PRO C 38 -12.85 23.32 15.94
CA PRO C 38 -11.94 22.79 16.99
C PRO C 38 -11.00 23.83 17.57
N HIS C 39 -10.56 24.82 16.80
CA HIS C 39 -9.80 25.92 17.39
C HIS C 39 -10.70 27.07 17.84
N CYS C 40 -12.02 26.94 17.64
CA CYS C 40 -12.98 27.93 18.13
C CYS C 40 -14.04 27.32 19.02
N ASP C 41 -13.83 26.08 19.50
CA ASP C 41 -14.76 25.48 20.43
C ASP C 41 -14.55 25.99 21.85
N VAL C 42 -13.59 26.88 22.04
CA VAL C 42 -13.39 27.51 23.33
C VAL C 42 -14.62 28.36 23.66
N PHE C 43 -15.33 28.81 22.61
CA PHE C 43 -16.52 29.63 22.77
C PHE C 43 -17.79 28.80 22.94
N GLN C 44 -17.66 27.51 23.27
CA GLN C 44 -18.85 26.69 23.48
C GLN C 44 -19.64 27.21 24.66
N ASN C 45 -20.90 27.54 24.41
CA ASN C 45 -21.80 28.06 25.45
C ASN C 45 -21.29 29.36 26.05
N GLU C 46 -20.63 30.19 25.23
CA GLU C 46 -20.14 31.48 25.68
C GLU C 46 -21.23 32.54 25.58
N THR C 47 -21.03 33.63 26.31
CA THR C 47 -21.94 34.76 26.32
C THR C 47 -21.13 36.04 26.15
N TRP C 48 -21.83 37.13 25.88
CA TRP C 48 -21.20 38.44 25.75
C TRP C 48 -22.28 39.51 25.75
N ASP C 49 -21.83 40.76 25.84
CA ASP C 49 -22.68 41.91 25.58
C ASP C 49 -22.23 42.70 24.36
N LEU C 50 -21.00 42.48 23.91
CA LEU C 50 -20.49 43.05 22.66
C LEU C 50 -19.38 42.14 22.18
N PHE C 51 -19.53 41.60 20.97
CA PHE C 51 -18.52 40.72 20.40
C PHE C 51 -17.54 41.55 19.57
N VAL C 52 -16.28 41.16 19.58
CA VAL C 52 -15.22 41.88 18.87
C VAL C 52 -14.52 40.89 17.94
N GLU C 53 -14.66 41.11 16.64
CA GLU C 53 -13.99 40.30 15.63
C GLU C 53 -12.69 40.97 15.16
N ARG C 54 -11.63 40.20 15.10
CA ARG C 54 -10.31 40.69 14.68
C ARG C 54 -10.04 40.30 13.23
N SER C 55 -9.16 41.07 12.59
CA SER C 55 -8.76 40.79 11.22
C SER C 55 -7.85 39.57 11.11
N LYS C 56 -7.33 39.06 12.22
CA LYS C 56 -6.39 37.95 12.23
C LYS C 56 -7.04 36.61 12.54
N ALA C 57 -8.37 36.54 12.48
CA ALA C 57 -9.11 35.30 12.70
C ALA C 57 -9.08 34.41 11.46
N PHE C 58 -9.30 33.12 11.67
CA PHE C 58 -9.29 32.16 10.57
C PHE C 58 -10.23 31.01 10.91
N SER C 59 -10.40 30.11 9.92
CA SER C 59 -11.34 29.00 10.00
C SER C 59 -10.64 27.69 9.66
N ASN C 60 -10.72 26.71 10.56
CA ASN C 60 -10.06 25.43 10.36
C ASN C 60 -11.02 24.28 10.09
N CYS C 61 -11.99 24.44 9.21
CA CYS C 61 -12.96 23.36 9.00
C CYS C 61 -13.46 23.38 7.57
N TYR C 62 -14.56 22.66 7.32
CA TYR C 62 -15.12 22.53 5.98
C TYR C 62 -15.48 23.90 5.43
N PRO C 63 -15.10 24.21 4.19
CA PRO C 63 -15.45 25.52 3.60
C PRO C 63 -16.95 25.69 3.49
N TYR C 64 -17.45 26.75 4.13
CA TYR C 64 -18.88 27.00 4.24
C TYR C 64 -19.23 28.31 3.54
N ASP C 65 -20.43 28.33 2.95
CA ASP C 65 -21.01 29.52 2.36
C ASP C 65 -22.26 29.88 3.15
N VAL C 66 -22.37 31.14 3.54
CA VAL C 66 -23.49 31.62 4.31
C VAL C 66 -24.22 32.69 3.49
N PRO C 67 -25.28 32.32 2.78
CA PRO C 67 -26.13 33.34 2.18
C PRO C 67 -26.78 34.20 3.25
N ASP C 68 -26.76 35.51 3.03
CA ASP C 68 -27.20 36.49 4.03
C ASP C 68 -26.37 36.34 5.31
N TYR C 69 -25.05 36.29 5.13
CA TYR C 69 -24.13 36.14 6.26
C TYR C 69 -24.25 37.31 7.24
N ALA C 70 -24.36 38.53 6.72
CA ALA C 70 -24.42 39.69 7.60
C ALA C 70 -25.73 39.74 8.37
N SER C 71 -26.81 39.20 7.80
CA SER C 71 -28.08 39.15 8.52
C SER C 71 -28.14 38.04 9.55
N LEU C 72 -27.32 36.99 9.40
CA LEU C 72 -27.25 35.97 10.44
C LEU C 72 -26.29 36.40 11.54
N ARG C 73 -25.17 37.04 11.17
CA ARG C 73 -24.25 37.58 12.15
C ARG C 73 -24.88 38.69 12.99
N SER C 74 -25.97 39.28 12.51
CA SER C 74 -26.61 40.40 13.21
C SER C 74 -27.65 39.92 14.22
N LEU C 75 -28.39 38.85 13.89
CA LEU C 75 -29.36 38.33 14.84
C LEU C 75 -28.71 37.53 15.96
N VAL C 76 -27.57 36.90 15.68
CA VAL C 76 -26.85 36.18 16.73
C VAL C 76 -26.08 37.16 17.62
N ALA C 77 -25.55 38.23 17.04
CA ALA C 77 -24.83 39.23 17.84
C ALA C 77 -25.76 39.88 18.85
N SER C 78 -26.95 40.28 18.41
CA SER C 78 -27.91 40.92 19.31
C SER C 78 -28.47 39.97 20.35
N SER C 79 -28.23 38.67 20.23
CA SER C 79 -28.66 37.73 21.27
C SER C 79 -27.73 37.75 22.47
N GLY C 80 -26.42 37.87 22.24
CA GLY C 80 -25.48 37.94 23.33
C GLY C 80 -25.15 36.63 24.01
N THR C 81 -25.48 35.50 23.41
CA THR C 81 -25.20 34.21 24.03
C THR C 81 -25.15 33.12 22.97
N LEU C 82 -24.33 32.12 23.23
CA LEU C 82 -24.26 30.90 22.43
C LEU C 82 -24.89 29.71 23.14
N GLU C 83 -25.99 29.96 23.85
CA GLU C 83 -26.59 28.92 24.68
C GLU C 83 -27.20 27.86 23.79
N PHE C 84 -26.45 26.79 23.51
CA PHE C 84 -26.87 25.75 22.58
C PHE C 84 -27.38 24.56 23.37
N ILE C 85 -28.63 24.17 23.11
CA ILE C 85 -29.28 23.07 23.82
C ILE C 85 -29.47 21.95 22.81
N THR C 86 -28.77 20.84 23.04
CA THR C 86 -28.92 19.66 22.20
C THR C 86 -30.31 19.05 22.35
N GLU C 87 -30.89 18.60 21.24
CA GLU C 87 -32.26 18.12 21.20
C GLU C 87 -32.38 16.62 21.07
N GLY C 88 -31.57 15.98 20.22
CA GLY C 88 -31.61 14.54 20.09
C GLY C 88 -32.59 14.06 19.04
N PHE C 89 -32.43 14.54 17.81
CA PHE C 89 -33.34 14.22 16.72
C PHE C 89 -33.21 12.75 16.30
N THR C 90 -34.20 12.30 15.52
CA THR C 90 -34.30 10.92 15.05
C THR C 90 -33.86 10.86 13.58
N TRP C 91 -32.70 10.25 13.34
CA TRP C 91 -32.17 10.06 12.00
C TRP C 91 -32.15 8.57 11.65
N THR C 92 -33.30 7.92 11.70
CA THR C 92 -33.37 6.47 11.54
C THR C 92 -33.03 6.08 10.11
N GLY C 93 -31.95 5.33 9.95
CA GLY C 93 -31.46 4.90 8.66
C GLY C 93 -30.65 5.96 7.95
N VAL C 94 -29.74 6.63 8.68
CA VAL C 94 -28.96 7.73 8.15
C VAL C 94 -27.46 7.49 8.32
N THR C 95 -27.05 6.90 9.45
CA THR C 95 -25.62 6.73 9.80
C THR C 95 -24.92 8.09 9.87
N GLN C 96 -25.35 8.85 10.87
CA GLN C 96 -24.90 10.21 11.11
C GLN C 96 -23.49 10.23 11.69
N ASN C 97 -23.05 11.42 12.14
CA ASN C 97 -21.75 11.63 12.77
C ASN C 97 -20.59 11.28 11.84
N GLY C 98 -20.57 11.96 10.69
CA GLY C 98 -19.50 11.87 9.73
C GLY C 98 -18.65 13.13 9.76
N GLY C 99 -17.46 13.03 9.16
CA GLY C 99 -16.57 14.17 9.15
C GLY C 99 -15.48 14.03 8.11
N SER C 100 -14.65 15.07 8.02
CA SER C 100 -13.57 15.15 7.05
C SER C 100 -12.28 15.55 7.75
N ASN C 101 -11.16 15.38 7.04
CA ASN C 101 -9.85 15.68 7.59
C ASN C 101 -9.54 17.16 7.64
N ALA C 102 -10.38 18.01 7.06
CA ALA C 102 -10.16 19.45 7.12
C ALA C 102 -10.69 20.06 8.41
N CYS C 103 -11.75 19.50 8.97
CA CYS C 103 -12.31 19.93 10.26
C CYS C 103 -11.68 19.16 11.42
N LYS C 104 -10.35 19.16 11.49
CA LYS C 104 -9.61 18.32 12.42
C LYS C 104 -9.94 18.65 13.87
N ARG C 105 -10.69 17.76 14.52
CA ARG C 105 -10.99 17.84 15.95
C ARG C 105 -10.23 16.74 16.68
N GLY C 106 -8.95 17.00 16.93
CA GLY C 106 -8.11 16.02 17.60
C GLY C 106 -7.13 15.37 16.65
N PRO C 107 -6.98 14.06 16.74
CA PRO C 107 -5.97 13.38 15.92
C PRO C 107 -6.30 13.40 14.43
N GLY C 108 -7.47 12.87 14.08
CA GLY C 108 -7.84 12.68 12.70
C GLY C 108 -9.01 13.53 12.21
N SER C 109 -9.87 12.89 11.42
CA SER C 109 -11.02 13.59 10.86
C SER C 109 -12.02 13.94 11.94
N GLY C 110 -12.57 15.15 11.84
CA GLY C 110 -13.57 15.64 12.76
C GLY C 110 -14.62 16.48 12.05
N PHE C 111 -15.53 17.09 12.81
CA PHE C 111 -16.57 17.90 12.20
C PHE C 111 -16.99 18.98 13.20
N PHE C 112 -17.99 19.76 12.81
CA PHE C 112 -18.49 20.82 13.66
C PHE C 112 -19.23 20.22 14.86
N SER C 113 -19.16 20.94 15.99
CA SER C 113 -19.80 20.46 17.20
C SER C 113 -21.30 20.69 17.18
N ARG C 114 -21.76 21.65 16.38
CA ARG C 114 -23.17 22.03 16.28
C ARG C 114 -23.84 21.51 15.02
N LEU C 115 -23.16 20.65 14.26
CA LEU C 115 -23.72 20.13 13.03
C LEU C 115 -23.51 18.63 12.93
N ASN C 116 -24.32 18.01 12.08
CA ASN C 116 -24.34 16.57 11.91
C ASN C 116 -24.26 16.30 10.41
N TRP C 117 -23.25 15.54 10.00
CA TRP C 117 -23.09 15.20 8.59
C TRP C 117 -23.76 13.86 8.39
N LEU C 118 -24.74 13.83 7.50
CA LEU C 118 -25.58 12.65 7.31
C LEU C 118 -25.12 11.95 6.05
N THR C 119 -24.41 10.84 6.24
CA THR C 119 -23.91 10.01 5.17
C THR C 119 -24.99 8.99 4.78
N LYS C 120 -24.60 7.94 4.08
CA LYS C 120 -25.56 6.90 3.73
C LYS C 120 -25.61 5.80 4.78
N SER C 121 -26.70 5.04 4.74
CA SER C 121 -26.93 3.96 5.69
C SER C 121 -27.03 2.62 4.96
N GLY C 122 -25.97 2.24 4.25
CA GLY C 122 -25.98 1.02 3.46
C GLY C 122 -26.06 1.26 1.96
N SER C 123 -27.22 1.02 1.35
CA SER C 123 -27.40 1.35 -0.06
C SER C 123 -28.62 2.24 -0.30
N THR C 124 -29.08 2.93 0.73
CA THR C 124 -30.27 3.76 0.67
C THR C 124 -30.03 5.06 1.41
N TYR C 125 -30.71 6.12 0.99
CA TYR C 125 -30.76 7.38 1.72
C TYR C 125 -32.24 7.69 1.78
N PRO C 126 -32.90 7.26 2.86
CA PRO C 126 -34.35 7.43 2.97
C PRO C 126 -34.72 8.90 3.14
N VAL C 127 -36.01 9.16 2.97
CA VAL C 127 -36.52 10.51 3.17
C VAL C 127 -36.74 10.75 4.65
N LEU C 128 -36.34 11.94 5.10
CA LEU C 128 -36.39 12.30 6.51
C LEU C 128 -37.68 13.07 6.76
N ASN C 129 -38.45 12.63 7.75
CA ASN C 129 -39.68 13.30 8.18
C ASN C 129 -39.49 13.54 9.66
N VAL C 130 -38.96 14.71 10.00
CA VAL C 130 -38.59 15.04 11.36
C VAL C 130 -39.44 16.21 11.83
N THR C 131 -39.76 16.18 13.13
CA THR C 131 -40.57 17.24 13.71
C THR C 131 -40.11 17.48 15.15
N MET C 132 -40.08 18.76 15.54
CA MET C 132 -39.75 19.14 16.90
C MET C 132 -40.34 20.50 17.23
N PRO C 133 -41.48 20.57 17.91
CA PRO C 133 -42.11 21.86 18.21
C PRO C 133 -41.40 22.59 19.33
N ASN C 134 -41.65 23.90 19.37
CA ASN C 134 -41.14 24.76 20.45
C ASN C 134 -42.29 25.01 21.42
N ASN C 135 -42.47 24.06 22.36
CA ASN C 135 -43.49 24.21 23.38
C ASN C 135 -43.11 25.27 24.41
N ASP C 136 -41.88 25.77 24.35
CA ASP C 136 -41.42 26.81 25.26
C ASP C 136 -41.98 28.14 24.79
N ASN C 137 -41.55 29.23 25.40
CA ASN C 137 -42.02 30.56 25.05
C ASN C 137 -40.88 31.48 24.64
N PHE C 138 -39.96 30.96 23.82
CA PHE C 138 -38.88 31.77 23.28
C PHE C 138 -38.55 31.25 21.90
N ASP C 139 -37.98 32.12 21.07
CA ASP C 139 -37.59 31.72 19.73
C ASP C 139 -36.37 30.83 19.77
N LYS C 140 -36.39 29.78 18.94
CA LYS C 140 -35.27 28.87 18.80
C LYS C 140 -34.52 29.14 17.50
N LEU C 141 -33.21 28.95 17.53
CA LEU C 141 -32.36 29.15 16.37
C LEU C 141 -31.71 27.83 15.98
N TYR C 142 -32.11 27.29 14.84
CA TYR C 142 -31.56 26.06 14.31
C TYR C 142 -30.67 26.38 13.11
N ILE C 143 -29.43 25.89 13.16
CA ILE C 143 -28.46 26.12 12.08
C ILE C 143 -28.27 24.79 11.35
N TRP C 144 -28.45 24.82 10.03
CA TRP C 144 -28.34 23.62 9.22
C TRP C 144 -27.69 23.98 7.89
N GLY C 145 -27.43 22.97 7.07
CA GLY C 145 -26.75 23.20 5.82
C GLY C 145 -26.98 22.09 4.82
N ILE C 146 -26.24 22.19 3.71
CA ILE C 146 -26.32 21.23 2.61
C ILE C 146 -24.93 21.04 2.03
N HIS C 147 -24.61 19.81 1.63
CA HIS C 147 -23.29 19.45 1.14
C HIS C 147 -23.28 19.47 -0.39
N HIS C 148 -22.23 20.07 -0.95
CA HIS C 148 -22.07 20.15 -2.41
C HIS C 148 -20.82 19.39 -2.83
N PRO C 149 -20.96 18.15 -3.32
CA PRO C 149 -19.78 17.36 -3.69
C PRO C 149 -19.03 17.92 -4.90
N SER C 150 -17.93 17.26 -5.27
CA SER C 150 -17.08 17.69 -6.37
C SER C 150 -17.51 17.08 -7.71
N THR C 151 -17.95 15.83 -7.68
CA THR C 151 -18.43 15.16 -8.88
C THR C 151 -19.63 14.30 -8.51
N ASP C 152 -20.35 13.82 -9.53
CA ASP C 152 -21.53 12.98 -9.31
C ASP C 152 -21.17 11.61 -8.75
N GLN C 153 -19.91 11.17 -8.86
CA GLN C 153 -19.54 9.86 -8.34
C GLN C 153 -19.47 9.85 -6.83
N GLU C 154 -19.13 10.98 -6.23
CA GLU C 154 -19.11 11.10 -4.78
C GLU C 154 -20.50 11.40 -4.22
N GLN C 155 -21.39 11.92 -5.06
CA GLN C 155 -22.80 12.05 -4.67
C GLN C 155 -23.45 10.68 -4.56
N THR C 156 -23.15 9.78 -5.51
CA THR C 156 -23.76 8.45 -5.46
C THR C 156 -23.21 7.59 -4.34
N SER C 157 -21.98 7.85 -3.89
CA SER C 157 -21.40 7.05 -2.82
C SER C 157 -21.85 7.48 -1.42
N LEU C 158 -22.07 8.77 -1.21
CA LEU C 158 -22.51 9.27 0.09
C LEU C 158 -24.01 9.53 0.15
N TYR C 159 -24.62 9.89 -0.97
CA TYR C 159 -26.01 10.33 -1.07
C TYR C 159 -26.68 9.58 -2.23
N VAL C 160 -26.81 8.27 -2.07
CA VAL C 160 -27.11 7.30 -3.13
C VAL C 160 -28.15 7.81 -4.13
N GLN C 161 -29.13 8.58 -3.65
CA GLN C 161 -30.14 9.12 -4.55
C GLN C 161 -29.48 10.05 -5.58
N ALA C 162 -30.02 10.06 -6.80
CA ALA C 162 -29.30 10.69 -7.91
C ALA C 162 -29.01 12.17 -7.65
N SER C 163 -29.96 12.89 -7.06
CA SER C 163 -29.76 14.29 -6.70
C SER C 163 -30.44 14.53 -5.37
N GLY C 164 -29.82 15.37 -4.53
CA GLY C 164 -30.36 15.64 -3.21
C GLY C 164 -31.27 16.84 -3.17
N ARG C 165 -31.81 17.09 -1.99
CA ARG C 165 -32.73 18.19 -1.72
C ARG C 165 -32.89 18.33 -0.22
N VAL C 166 -32.95 19.56 0.26
CA VAL C 166 -33.11 19.86 1.68
C VAL C 166 -34.30 20.80 1.84
N THR C 167 -35.36 20.30 2.48
CA THR C 167 -36.57 21.08 2.73
C THR C 167 -36.73 21.19 4.24
N VAL C 168 -36.54 22.39 4.77
CA VAL C 168 -36.66 22.67 6.20
C VAL C 168 -37.80 23.68 6.34
N SER C 169 -38.97 23.20 6.76
CA SER C 169 -40.17 24.02 6.82
C SER C 169 -40.64 24.22 8.25
N THR C 170 -41.44 25.26 8.43
CA THR C 170 -42.15 25.53 9.67
C THR C 170 -43.60 25.86 9.35
N ARG C 171 -44.36 26.20 10.39
CA ARG C 171 -45.73 26.66 10.20
C ARG C 171 -45.80 28.07 9.64
N ARG C 172 -44.69 28.78 9.51
CA ARG C 172 -44.67 30.12 8.94
C ARG C 172 -43.73 30.26 7.76
N SER C 173 -42.76 29.35 7.60
CA SER C 173 -41.79 29.43 6.53
C SER C 173 -41.51 28.04 5.97
N GLN C 174 -40.88 28.01 4.81
CA GLN C 174 -40.39 26.76 4.23
C GLN C 174 -39.27 27.12 3.27
N GLN C 175 -38.13 26.45 3.42
CA GLN C 175 -36.94 26.72 2.62
C GLN C 175 -36.48 25.41 2.01
N THR C 176 -36.39 25.37 0.69
CA THR C 176 -35.99 24.17 -0.05
C THR C 176 -34.73 24.47 -0.83
N ILE C 177 -33.69 23.70 -0.59
CA ILE C 177 -32.37 23.92 -1.16
C ILE C 177 -31.97 22.70 -1.97
N ILE C 178 -31.41 22.95 -3.15
CA ILE C 178 -30.95 21.90 -4.06
C ILE C 178 -29.42 22.01 -4.16
N PRO C 179 -28.69 20.91 -4.02
CA PRO C 179 -27.23 21.02 -4.07
C PRO C 179 -26.75 21.37 -5.46
N ASN C 180 -25.58 22.01 -5.51
CA ASN C 180 -24.94 22.37 -6.77
C ASN C 180 -23.60 21.65 -6.79
N ILE C 181 -23.55 20.51 -7.45
CA ILE C 181 -22.34 19.69 -7.45
C ILE C 181 -21.36 20.26 -8.47
N GLY C 182 -20.09 20.32 -8.08
CA GLY C 182 -19.06 20.86 -8.95
C GLY C 182 -17.68 20.83 -8.30
N SER C 183 -16.64 20.59 -9.11
CA SER C 183 -15.27 20.56 -8.62
C SER C 183 -14.72 21.98 -8.51
N ARG C 184 -15.04 22.63 -7.40
CA ARG C 184 -14.56 23.98 -7.12
C ARG C 184 -13.10 23.95 -6.65
N PRO C 185 -12.41 25.09 -6.74
CA PRO C 185 -10.99 25.14 -6.32
C PRO C 185 -10.77 24.76 -4.86
N TRP C 186 -9.57 24.26 -4.59
CA TRP C 186 -9.18 23.73 -3.28
C TRP C 186 -9.00 24.85 -2.28
N VAL C 187 -9.91 24.95 -1.30
CA VAL C 187 -9.67 25.70 -0.08
C VAL C 187 -9.53 24.69 1.06
N ARG C 188 -8.38 24.73 1.74
CA ARG C 188 -8.03 23.76 2.78
C ARG C 188 -8.02 22.34 2.23
N GLY C 189 -7.73 22.18 0.94
CA GLY C 189 -7.58 20.87 0.35
C GLY C 189 -8.86 20.24 -0.17
N LEU C 190 -10.00 20.91 -0.03
CA LEU C 190 -11.29 20.35 -0.37
C LEU C 190 -11.84 21.01 -1.63
N SER C 191 -12.22 20.19 -2.60
CA SER C 191 -12.91 20.66 -3.80
C SER C 191 -14.42 20.76 -3.61
N SER C 192 -14.91 20.70 -2.38
CA SER C 192 -16.34 20.71 -2.10
C SER C 192 -16.67 21.82 -1.11
N ARG C 193 -17.90 22.33 -1.20
CA ARG C 193 -18.37 23.40 -0.34
C ARG C 193 -19.66 22.98 0.35
N ILE C 194 -20.11 23.81 1.28
CA ILE C 194 -21.35 23.59 2.02
C ILE C 194 -22.04 24.94 2.23
N SER C 195 -23.33 25.00 1.93
CA SER C 195 -24.11 26.21 2.13
C SER C 195 -24.83 26.15 3.47
N ILE C 196 -24.78 27.26 4.21
CA ILE C 196 -25.29 27.33 5.57
C ILE C 196 -26.57 28.15 5.59
N TYR C 197 -27.59 27.63 6.26
CA TYR C 197 -28.87 28.32 6.42
C TYR C 197 -29.30 28.25 7.88
N TRP C 198 -30.31 29.06 8.22
CA TRP C 198 -30.82 29.12 9.57
C TRP C 198 -32.34 29.19 9.54
N THR C 199 -32.95 28.77 10.64
CA THR C 199 -34.40 28.73 10.76
C THR C 199 -34.77 29.07 12.19
N ILE C 200 -35.68 30.03 12.35
CA ILE C 200 -36.17 30.42 13.66
C ILE C 200 -37.51 29.74 13.89
N VAL C 201 -37.66 29.14 15.06
CA VAL C 201 -38.89 28.46 15.43
C VAL C 201 -39.51 29.27 16.55
N LYS C 202 -40.73 29.71 16.35
CA LYS C 202 -41.38 30.57 17.31
C LYS C 202 -42.17 29.74 18.32
N PRO C 203 -42.54 30.31 19.46
CA PRO C 203 -43.33 29.55 20.43
C PRO C 203 -44.65 29.11 19.83
N GLY C 204 -44.98 27.82 20.01
CA GLY C 204 -46.14 27.25 19.38
C GLY C 204 -45.94 26.82 17.95
N ASP C 205 -44.71 26.89 17.44
CA ASP C 205 -44.39 26.52 16.06
C ASP C 205 -43.54 25.26 16.06
N VAL C 206 -43.57 24.55 14.93
CA VAL C 206 -42.92 23.27 14.80
C VAL C 206 -41.90 23.33 13.67
N LEU C 207 -40.69 22.84 13.95
CA LEU C 207 -39.63 22.75 12.96
C LEU C 207 -39.77 21.41 12.24
N VAL C 208 -39.74 21.45 10.91
CA VAL C 208 -39.85 20.25 10.09
C VAL C 208 -38.63 20.20 9.16
N ILE C 209 -38.02 19.03 9.06
CA ILE C 209 -36.85 18.83 8.21
C ILE C 209 -37.15 17.67 7.25
N ASN C 210 -36.88 17.89 5.98
CA ASN C 210 -37.09 16.87 4.95
C ASN C 210 -35.93 16.88 3.99
N SER C 211 -35.46 15.69 3.61
CA SER C 211 -34.32 15.59 2.72
C SER C 211 -34.27 14.19 2.11
N ASN C 212 -33.72 14.11 0.91
CA ASN C 212 -33.42 12.85 0.25
C ASN C 212 -31.95 12.75 -0.11
N GLY C 213 -31.12 13.58 0.50
CA GLY C 213 -29.68 13.57 0.27
C GLY C 213 -29.09 14.94 0.56
N ASN C 214 -27.78 14.93 0.82
CA ASN C 214 -27.00 16.15 0.98
C ASN C 214 -27.49 17.01 2.14
N LEU C 215 -27.91 16.39 3.23
CA LEU C 215 -28.38 17.14 4.39
C LEU C 215 -27.32 17.11 5.47
N ILE C 216 -27.01 18.29 6.01
CA ILE C 216 -26.22 18.43 7.23
C ILE C 216 -27.20 18.79 8.34
N ALA C 217 -27.24 17.99 9.32
CA ALA C 217 -28.32 18.17 10.25
C ALA C 217 -27.86 18.96 11.48
N PRO C 218 -28.76 19.72 12.09
CA PRO C 218 -28.44 20.37 13.36
C PRO C 218 -28.59 19.40 14.52
N ARG C 219 -27.94 19.73 15.63
CA ARG C 219 -28.02 18.93 16.84
C ARG C 219 -28.81 19.61 17.95
N GLY C 220 -29.47 20.72 17.67
CA GLY C 220 -30.23 21.37 18.71
C GLY C 220 -30.52 22.82 18.33
N TYR C 221 -30.65 23.66 19.35
CA TYR C 221 -31.03 25.04 19.14
C TYR C 221 -30.23 25.96 20.04
N PHE C 222 -30.34 27.26 19.76
CA PHE C 222 -29.73 28.32 20.54
C PHE C 222 -30.82 29.18 21.17
N LYS C 223 -30.65 29.53 22.44
CA LYS C 223 -31.63 30.37 23.11
C LYS C 223 -31.41 31.82 22.73
N MET C 224 -32.29 32.35 21.88
CA MET C 224 -32.19 33.75 21.50
C MET C 224 -32.90 34.59 22.56
N ARG C 225 -32.43 35.82 22.74
CA ARG C 225 -32.97 36.70 23.76
C ARG C 225 -33.16 38.09 23.19
N THR C 226 -33.87 38.92 23.95
CA THR C 226 -34.09 40.30 23.57
C THR C 226 -33.02 41.12 24.28
N GLY C 227 -31.87 41.22 23.64
CA GLY C 227 -30.73 41.91 24.20
C GLY C 227 -30.31 43.07 23.32
N LYS C 228 -29.66 44.05 23.94
CA LYS C 228 -29.13 45.22 23.25
C LYS C 228 -27.72 45.00 22.73
N SER C 229 -27.30 43.75 22.59
CA SER C 229 -25.94 43.41 22.20
C SER C 229 -25.73 43.65 20.71
N SER C 230 -24.46 43.74 20.33
CA SER C 230 -24.08 43.95 18.94
C SER C 230 -22.67 43.36 18.75
N ILE C 231 -22.07 43.64 17.60
CA ILE C 231 -20.77 43.09 17.25
C ILE C 231 -19.98 44.18 16.54
N MET C 232 -18.68 44.23 16.83
CA MET C 232 -17.80 45.25 16.29
C MET C 232 -16.60 44.59 15.62
N ARG C 233 -16.23 45.09 14.45
CA ARG C 233 -15.03 44.64 13.75
C ARG C 233 -13.92 45.64 14.07
N SER C 234 -13.09 45.30 15.05
CA SER C 234 -12.00 46.16 15.49
C SER C 234 -10.80 45.31 15.84
N ASP C 235 -9.61 45.89 15.70
CA ASP C 235 -8.36 45.24 16.05
C ASP C 235 -7.59 46.02 17.12
N ALA C 236 -8.32 46.73 17.98
CA ALA C 236 -7.83 47.51 19.12
C ALA C 236 -7.67 46.60 20.34
N PRO C 237 -6.61 46.78 21.12
CA PRO C 237 -6.40 45.90 22.28
C PRO C 237 -7.50 46.06 23.31
N ILE C 238 -7.45 45.21 24.32
CA ILE C 238 -8.45 45.22 25.38
C ILE C 238 -7.75 45.80 26.60
N ASP C 239 -8.16 47.00 26.99
CA ASP C 239 -7.59 47.68 28.15
C ASP C 239 -8.63 47.67 29.27
N THR C 240 -8.14 47.82 30.48
CA THR C 240 -8.99 47.75 31.66
C THR C 240 -9.52 49.12 32.08
N CYS C 241 -9.71 50.06 31.15
CA CYS C 241 -10.25 51.35 31.57
C CYS C 241 -11.76 51.28 31.70
N ILE C 242 -12.38 52.43 31.97
CA ILE C 242 -13.82 52.52 32.23
C ILE C 242 -14.41 53.63 31.35
N SER C 243 -15.06 53.23 30.26
CA SER C 243 -15.75 54.16 29.37
C SER C 243 -16.99 53.48 28.82
N GLU C 244 -18.14 54.17 28.88
CA GLU C 244 -19.40 53.56 28.47
C GLU C 244 -19.43 53.34 26.96
N CYS C 245 -18.96 54.31 26.19
CA CYS C 245 -18.97 54.21 24.74
C CYS C 245 -17.76 53.41 24.25
N ILE C 246 -18.01 52.42 23.40
CA ILE C 246 -16.96 51.62 22.78
C ILE C 246 -16.97 51.92 21.29
N THR C 247 -15.77 52.08 20.72
CA THR C 247 -15.60 52.49 19.34
C THR C 247 -14.57 51.60 18.66
N PRO C 248 -14.79 51.25 17.38
CA PRO C 248 -13.79 50.43 16.66
C PRO C 248 -12.38 50.99 16.69
N ASN C 249 -12.21 52.29 16.85
CA ASN C 249 -10.89 52.90 17.01
C ASN C 249 -10.46 52.98 18.47
N GLY C 250 -11.25 52.45 19.40
CA GLY C 250 -10.94 52.54 20.81
C GLY C 250 -12.00 53.31 21.55
N SER C 251 -12.29 52.91 22.79
CA SER C 251 -13.38 53.52 23.54
C SER C 251 -13.19 55.03 23.67
N ILE C 252 -14.29 55.77 23.65
CA ILE C 252 -14.25 57.22 23.67
C ILE C 252 -15.10 57.74 24.82
N PRO C 253 -14.86 58.97 25.27
CA PRO C 253 -15.69 59.55 26.33
C PRO C 253 -17.04 60.02 25.82
N ASN C 254 -18.02 60.00 26.72
CA ASN C 254 -19.40 60.32 26.42
C ASN C 254 -19.82 61.70 26.95
N ASP C 255 -18.87 62.62 27.10
CA ASP C 255 -19.19 63.93 27.66
C ASP C 255 -19.66 64.95 26.63
N LYS C 256 -19.16 64.86 25.37
CA LYS C 256 -19.53 65.83 24.34
C LYS C 256 -20.69 65.30 23.49
N PRO C 257 -21.48 66.20 22.90
CA PRO C 257 -22.67 65.73 22.15
C PRO C 257 -22.36 65.05 20.83
N PHE C 258 -21.21 65.30 20.22
CA PHE C 258 -20.90 64.73 18.92
C PHE C 258 -19.48 64.17 18.89
N GLN C 259 -19.22 63.33 17.89
CA GLN C 259 -17.91 62.69 17.71
C GLN C 259 -17.57 62.67 16.22
N ASN C 260 -16.29 62.39 15.92
CA ASN C 260 -15.83 62.36 14.53
C ASN C 260 -14.87 61.21 14.24
N VAL C 261 -14.75 60.22 15.13
CA VAL C 261 -13.77 59.15 14.93
C VAL C 261 -14.34 58.02 14.08
N ASN C 262 -15.49 57.46 14.49
CA ASN C 262 -16.10 56.37 13.75
C ASN C 262 -17.61 56.49 13.88
N LYS C 263 -18.31 56.15 12.79
CA LYS C 263 -19.76 56.21 12.77
C LYS C 263 -20.41 55.04 13.48
N ILE C 264 -19.73 53.91 13.59
CA ILE C 264 -20.22 52.72 14.28
C ILE C 264 -19.92 52.88 15.77
N THR C 265 -20.97 52.94 16.58
CA THR C 265 -20.83 53.18 18.02
C THR C 265 -21.52 52.07 18.80
N TYR C 266 -21.21 52.02 20.10
CA TYR C 266 -21.81 51.06 21.02
C TYR C 266 -21.83 51.64 22.41
N GLY C 267 -23.01 51.72 23.01
CA GLY C 267 -23.17 52.29 24.33
C GLY C 267 -23.77 53.69 24.28
N ALA C 268 -23.60 54.41 25.39
CA ALA C 268 -24.08 55.79 25.48
C ALA C 268 -23.15 56.72 24.70
N CYS C 269 -23.07 56.48 23.39
CA CYS C 269 -22.21 57.18 22.47
C CYS C 269 -22.90 58.40 21.89
N PRO C 270 -22.14 59.47 21.62
CA PRO C 270 -22.74 60.65 21.01
C PRO C 270 -23.16 60.43 19.57
N LYS C 271 -23.78 61.44 18.97
CA LYS C 271 -24.16 61.39 17.57
C LYS C 271 -22.91 61.54 16.69
N TYR C 272 -23.04 61.16 15.42
CA TYR C 272 -21.95 61.26 14.47
C TYR C 272 -22.16 62.46 13.55
N VAL C 273 -21.07 63.19 13.31
CA VAL C 273 -21.04 64.29 12.36
C VAL C 273 -19.70 64.23 11.62
N LYS C 274 -19.58 65.08 10.60
CA LYS C 274 -18.35 65.19 9.85
C LYS C 274 -17.58 66.45 10.18
N GLN C 275 -18.16 67.34 10.97
CA GLN C 275 -17.48 68.53 11.43
C GLN C 275 -16.60 68.15 12.61
N ASN C 276 -15.43 68.75 12.69
CA ASN C 276 -14.44 68.41 13.71
C ASN C 276 -14.32 69.45 14.81
N THR C 277 -14.63 70.71 14.53
CA THR C 277 -14.61 71.79 15.51
C THR C 277 -16.02 72.29 15.76
N LEU C 278 -16.42 72.29 17.04
CA LEU C 278 -17.69 72.85 17.48
C LEU C 278 -17.43 73.42 18.87
N LYS C 279 -17.33 74.73 18.98
CA LYS C 279 -16.89 75.37 20.21
C LYS C 279 -18.05 76.12 20.85
N LEU C 280 -18.24 75.89 22.15
CA LEU C 280 -19.29 76.54 22.92
C LEU C 280 -18.71 77.21 24.16
N ALA C 281 -19.24 78.39 24.49
CA ALA C 281 -18.75 79.16 25.63
C ALA C 281 -19.54 78.83 26.90
N THR C 282 -18.87 79.00 28.04
CA THR C 282 -19.51 78.80 29.34
C THR C 282 -18.82 79.64 30.42
N VAL D 4 1.61 41.54 4.79
CA VAL D 4 2.37 40.31 4.89
C VAL D 4 3.72 40.47 4.19
N LYS D 5 4.61 39.51 4.41
CA LYS D 5 5.94 39.54 3.81
C LYS D 5 6.35 38.13 3.42
N LEU D 6 6.80 37.97 2.18
CA LEU D 6 7.30 36.69 1.69
C LEU D 6 8.60 36.91 0.94
N VAL D 7 9.68 36.33 1.46
CA VAL D 7 10.97 36.31 0.79
C VAL D 7 11.20 34.88 0.34
N GLU D 8 11.60 34.70 -0.91
CA GLU D 8 11.84 33.38 -1.45
C GLU D 8 13.34 33.20 -1.66
N SER D 9 13.81 31.99 -1.39
CA SER D 9 15.23 31.68 -1.49
C SER D 9 15.41 30.39 -2.28
N GLY D 10 16.61 30.22 -2.81
CA GLY D 10 16.95 29.06 -3.60
C GLY D 10 17.36 29.43 -5.01
N GLU D 11 17.74 30.69 -5.21
CA GLU D 11 18.18 31.11 -6.53
C GLU D 11 19.54 30.49 -6.83
N GLY D 12 19.66 29.88 -7.99
CA GLY D 12 20.88 29.19 -8.34
C GLY D 12 20.78 28.58 -9.72
N LEU D 13 21.70 27.67 -10.00
CA LEU D 13 21.82 26.99 -11.28
C LEU D 13 21.53 25.51 -11.12
N VAL D 14 20.78 24.96 -12.08
CA VAL D 14 20.51 23.54 -12.15
C VAL D 14 20.88 23.05 -13.55
N LYS D 15 21.27 21.79 -13.63
CA LYS D 15 21.54 21.08 -14.87
C LYS D 15 20.41 20.10 -15.17
N PRO D 16 20.21 19.74 -16.45
CA PRO D 16 19.13 18.78 -16.76
C PRO D 16 19.32 17.48 -15.98
N GLY D 17 18.22 16.98 -15.44
CA GLY D 17 18.26 15.82 -14.57
C GLY D 17 18.64 16.10 -13.13
N GLY D 18 18.92 17.35 -12.78
CA GLY D 18 19.36 17.70 -11.44
C GLY D 18 18.20 17.94 -10.49
N SER D 19 18.54 18.41 -9.29
CA SER D 19 17.57 18.66 -8.25
C SER D 19 17.87 19.98 -7.54
N LEU D 20 16.83 20.56 -6.95
CA LEU D 20 16.95 21.79 -6.18
C LEU D 20 15.68 21.99 -5.35
N LYS D 21 15.85 22.46 -4.12
CA LYS D 21 14.73 22.73 -3.23
C LYS D 21 14.67 24.23 -2.94
N LEU D 22 13.49 24.81 -3.08
CA LEU D 22 13.27 26.24 -2.85
C LEU D 22 12.45 26.47 -1.58
N SER D 23 12.66 27.64 -0.97
CA SER D 23 12.02 27.99 0.30
C SER D 23 11.56 29.45 0.27
N CYS D 24 10.35 29.69 0.75
CA CYS D 24 9.82 31.04 0.91
C CYS D 24 9.48 31.27 2.37
N ALA D 25 10.13 32.25 2.99
CA ALA D 25 9.94 32.54 4.41
C ALA D 25 8.86 33.59 4.54
N ALA D 26 7.69 33.17 5.03
CA ALA D 26 6.52 34.04 5.13
C ALA D 26 6.55 34.84 6.43
N SER D 27 6.42 36.16 6.31
CA SER D 27 6.41 37.07 7.44
C SER D 27 5.29 38.08 7.26
N GLY D 28 5.12 38.93 8.27
CA GLY D 28 4.19 40.04 8.22
C GLY D 28 2.91 39.78 8.97
N PHE D 29 2.32 38.60 8.81
CA PHE D 29 1.11 38.25 9.53
C PHE D 29 1.21 36.78 9.93
N THR D 30 0.14 36.26 10.51
CA THR D 30 0.14 34.91 11.07
C THR D 30 0.21 33.87 9.96
N PHE D 31 1.27 33.06 9.98
CA PHE D 31 1.39 31.91 9.10
C PHE D 31 0.50 30.79 9.63
N SER D 32 0.51 29.64 8.94
CA SER D 32 -0.19 28.42 9.33
C SER D 32 -1.70 28.57 9.26
N SER D 33 -2.22 29.73 8.86
CA SER D 33 -3.66 29.96 8.76
C SER D 33 -4.18 29.99 7.34
N TYR D 34 -3.34 30.33 6.37
CA TYR D 34 -3.70 30.38 4.96
C TYR D 34 -3.14 29.17 4.22
N ASP D 35 -3.79 28.84 3.11
CA ASP D 35 -3.24 27.82 2.24
C ASP D 35 -2.05 28.41 1.46
N MET D 36 -1.26 27.53 0.86
CA MET D 36 -0.03 27.96 0.21
C MET D 36 0.11 27.28 -1.14
N SER D 37 0.75 27.97 -2.08
CA SER D 37 0.89 27.49 -3.43
C SER D 37 2.19 28.02 -4.03
N TRP D 38 2.57 27.45 -5.18
CA TRP D 38 3.74 27.86 -5.93
C TRP D 38 3.35 28.27 -7.35
N VAL D 39 3.91 29.38 -7.82
CA VAL D 39 3.67 29.85 -9.19
C VAL D 39 5.01 30.14 -9.86
N ARG D 40 5.07 29.96 -11.17
CA ARG D 40 6.28 30.16 -11.94
C ARG D 40 5.97 31.00 -13.19
N GLN D 41 7.01 31.63 -13.74
CA GLN D 41 6.90 32.38 -14.99
C GLN D 41 8.13 32.12 -15.86
N THR D 42 7.91 31.55 -17.04
CA THR D 42 8.99 31.19 -17.95
C THR D 42 9.59 32.43 -18.61
N PRO D 43 10.79 32.30 -19.21
CA PRO D 43 11.33 33.43 -19.98
C PRO D 43 10.46 33.86 -21.15
N GLU D 44 9.51 33.03 -21.58
CA GLU D 44 8.51 33.44 -22.55
C GLU D 44 7.36 34.20 -21.91
N LYS D 45 7.47 34.52 -20.62
CA LYS D 45 6.47 35.28 -19.87
C LYS D 45 5.12 34.55 -19.85
N ARG D 46 5.17 33.25 -19.58
CA ARG D 46 3.98 32.41 -19.44
C ARG D 46 3.90 31.90 -18.02
N LEU D 47 2.76 32.16 -17.37
CA LEU D 47 2.53 31.72 -16.00
C LEU D 47 2.09 30.26 -15.95
N GLU D 48 2.54 29.55 -14.92
CA GLU D 48 2.21 28.15 -14.73
C GLU D 48 2.09 27.85 -13.24
N TRP D 49 1.05 27.13 -12.86
CA TRP D 49 0.82 26.74 -11.48
C TRP D 49 1.58 25.46 -11.17
N VAL D 50 2.13 25.38 -9.95
CA VAL D 50 3.04 24.30 -9.57
C VAL D 50 2.41 23.40 -8.51
N ALA D 51 2.12 23.94 -7.33
CA ALA D 51 1.73 23.10 -6.20
C ALA D 51 0.74 23.84 -5.32
N TYR D 52 0.26 23.14 -4.29
CA TYR D 52 -0.72 23.65 -3.34
C TYR D 52 -0.66 22.79 -2.08
N ILE D 53 -0.73 23.43 -0.92
CA ILE D 53 -0.74 22.72 0.36
C ILE D 53 -1.76 23.37 1.28
N SER D 54 -2.40 22.54 2.10
CA SER D 54 -3.56 22.94 2.90
C SER D 54 -3.15 23.19 4.35
N SER D 55 -2.49 24.33 4.59
CA SER D 55 -2.17 24.83 5.93
C SER D 55 -1.16 23.94 6.65
N GLY D 56 -0.57 22.96 5.98
CA GLY D 56 0.43 22.08 6.54
C GLY D 56 0.35 20.80 5.77
N GLY D 57 -0.86 20.44 5.36
CA GLY D 57 -1.03 19.48 4.30
C GLY D 57 -1.20 18.00 4.61
N ASP D 58 -2.44 17.55 4.44
CA ASP D 58 -2.72 16.16 4.14
C ASP D 58 -3.12 16.06 2.68
N TYR D 59 -3.47 17.20 2.09
CA TYR D 59 -3.83 17.37 0.69
C TYR D 59 -2.72 18.18 0.03
N ILE D 60 -2.05 17.59 -0.95
CA ILE D 60 -1.05 18.26 -1.76
C ILE D 60 -1.35 17.93 -3.21
N TYR D 61 -1.26 18.93 -4.09
CA TYR D 61 -1.61 18.70 -5.49
C TYR D 61 -0.63 19.41 -6.41
N TYR D 62 -0.24 18.73 -7.49
CA TYR D 62 0.70 19.23 -8.48
C TYR D 62 0.06 19.14 -9.87
N ALA D 63 0.74 19.76 -10.84
CA ALA D 63 0.30 19.67 -12.22
C ALA D 63 0.83 18.39 -12.86
N ASP D 64 0.07 17.87 -13.83
CA ASP D 64 0.47 16.65 -14.54
C ASP D 64 1.81 16.80 -15.26
N THR D 65 2.26 18.04 -15.52
CA THR D 65 3.57 18.24 -16.11
C THR D 65 4.69 17.89 -15.13
N VAL D 66 4.46 18.11 -13.83
CA VAL D 66 5.50 17.93 -12.82
C VAL D 66 5.03 16.95 -11.76
N LYS D 67 4.17 16.02 -12.13
CA LYS D 67 3.74 14.96 -11.22
C LYS D 67 4.81 13.89 -11.12
N GLY D 68 5.16 13.52 -9.89
CA GLY D 68 6.23 12.58 -9.63
C GLY D 68 7.61 13.17 -9.66
N ARG D 69 7.74 14.45 -9.99
CA ARG D 69 9.02 15.14 -9.98
C ARG D 69 9.17 16.16 -8.87
N PHE D 70 8.08 16.82 -8.47
CA PHE D 70 8.12 17.82 -7.43
C PHE D 70 7.43 17.30 -6.17
N THR D 71 7.67 18.02 -5.07
CA THR D 71 7.06 17.70 -3.80
C THR D 71 6.96 18.99 -2.98
N ILE D 72 5.77 19.29 -2.50
CA ILE D 72 5.55 20.50 -1.71
C ILE D 72 5.36 20.09 -0.25
N SER D 73 5.98 20.86 0.65
CA SER D 73 5.89 20.62 2.06
C SER D 73 5.75 21.96 2.76
N ARG D 74 5.30 21.92 4.00
CA ARG D 74 5.08 23.13 4.77
C ARG D 74 5.52 22.90 6.19
N ASP D 75 6.14 23.93 6.78
CA ASP D 75 6.57 23.89 8.17
C ASP D 75 5.87 25.05 8.85
N ASN D 76 4.87 24.72 9.68
CA ASN D 76 4.10 25.73 10.38
C ASN D 76 4.90 26.38 11.50
N ALA D 77 6.06 25.80 11.85
CA ALA D 77 6.93 26.33 12.88
C ALA D 77 7.99 27.27 12.29
N ARG D 78 8.67 26.84 11.23
CA ARG D 78 9.66 27.70 10.58
C ARG D 78 9.03 28.75 9.67
N ASN D 79 7.72 28.70 9.48
CA ASN D 79 6.99 29.63 8.60
C ASN D 79 7.60 29.63 7.21
N THR D 80 7.95 28.45 6.72
CA THR D 80 8.62 28.29 5.44
C THR D 80 7.90 27.22 4.60
N LEU D 81 7.77 27.49 3.32
CA LEU D 81 7.17 26.56 2.36
C LEU D 81 8.27 26.03 1.44
N TYR D 82 8.34 24.71 1.28
CA TYR D 82 9.39 24.07 0.52
C TYR D 82 8.83 23.44 -0.76
N LEU D 83 9.71 23.28 -1.74
CA LEU D 83 9.33 22.65 -3.02
C LEU D 83 10.56 21.92 -3.55
N GLN D 84 10.61 20.60 -3.39
CA GLN D 84 11.72 19.79 -3.87
C GLN D 84 11.56 19.49 -5.35
N MET D 85 12.37 20.16 -6.16
CA MET D 85 12.42 19.93 -7.60
C MET D 85 13.48 18.89 -7.92
N SER D 86 13.10 17.82 -8.63
CA SER D 86 14.06 16.79 -8.99
C SER D 86 13.87 16.41 -10.46
N SER D 87 14.95 15.91 -11.05
CA SER D 87 14.97 15.55 -12.47
C SER D 87 14.48 16.69 -13.34
N LEU D 88 15.11 17.85 -13.17
CA LEU D 88 14.65 19.07 -13.82
C LEU D 88 14.86 19.02 -15.32
N LYS D 89 14.09 19.84 -16.02
CA LYS D 89 14.16 19.97 -17.47
C LYS D 89 14.53 21.40 -17.82
N SER D 90 14.83 21.62 -19.10
CA SER D 90 15.11 22.96 -19.58
C SER D 90 13.87 23.85 -19.47
N GLU D 91 12.68 23.26 -19.63
CA GLU D 91 11.44 24.02 -19.63
C GLU D 91 11.02 24.45 -18.23
N ASP D 92 11.65 23.92 -17.18
CA ASP D 92 11.41 24.39 -15.82
C ASP D 92 12.27 25.60 -15.46
N THR D 93 12.91 26.20 -16.44
CA THR D 93 13.67 27.42 -16.21
C THR D 93 12.65 28.55 -16.10
N ALA D 94 12.51 29.12 -14.91
CA ALA D 94 11.49 30.12 -14.66
C ALA D 94 11.80 30.77 -13.32
N MET D 95 11.11 31.87 -13.05
CA MET D 95 11.11 32.51 -11.76
C MET D 95 9.92 31.96 -10.97
N TYR D 96 10.18 31.23 -9.90
CA TYR D 96 9.12 30.62 -9.13
C TYR D 96 8.66 31.61 -8.06
N TYR D 97 7.35 31.69 -7.87
CA TYR D 97 6.76 32.63 -6.93
C TYR D 97 6.00 31.86 -5.87
N CYS D 98 6.09 32.36 -4.64
CA CYS D 98 5.40 31.75 -3.51
C CYS D 98 4.29 32.71 -3.09
N THR D 99 3.05 32.23 -3.16
CA THR D 99 1.88 33.08 -2.95
C THR D 99 1.19 32.65 -1.66
N ARG D 100 1.07 33.58 -0.72
CA ARG D 100 0.30 33.33 0.49
C ARG D 100 -1.13 33.81 0.23
N VAL D 101 -1.91 32.95 -0.40
CA VAL D 101 -3.26 33.27 -0.84
C VAL D 101 -4.21 32.24 -0.27
N GLY D 102 -5.37 32.71 0.17
CA GLY D 102 -6.45 31.82 0.55
C GLY D 102 -7.74 32.16 -0.16
N GLU D 103 -8.18 31.28 -1.08
CA GLU D 103 -9.33 31.60 -1.90
C GLU D 103 -10.64 31.58 -1.13
N TYR D 104 -10.61 31.34 0.18
CA TYR D 104 -11.84 31.42 0.95
C TYR D 104 -12.29 32.86 1.13
N ASP D 105 -11.37 33.82 1.03
CA ASP D 105 -11.71 35.23 1.08
C ASP D 105 -11.22 36.01 -0.14
N ALA D 106 -10.01 35.75 -0.62
CA ALA D 106 -9.52 36.40 -1.83
C ALA D 106 -8.73 35.39 -2.66
N TRP D 107 -8.79 35.56 -3.98
CA TRP D 107 -8.18 34.65 -4.92
C TRP D 107 -6.87 35.20 -5.45
N PHE D 108 -5.80 34.40 -5.38
CA PHE D 108 -4.46 34.80 -5.86
C PHE D 108 -4.03 36.17 -5.33
N ALA D 109 -4.34 36.44 -4.06
CA ALA D 109 -4.23 37.80 -3.56
C ALA D 109 -2.77 38.27 -3.52
N TYR D 110 -1.89 37.54 -2.84
CA TYR D 110 -0.54 37.99 -2.57
C TYR D 110 0.47 37.25 -3.44
N TRP D 111 1.41 37.99 -4.03
CA TRP D 111 2.52 37.45 -4.81
C TRP D 111 3.82 38.03 -4.28
N ASP D 112 4.93 37.66 -4.92
CA ASP D 112 6.26 38.05 -4.45
C ASP D 112 7.09 38.69 -5.54
N GLN D 113 8.39 38.90 -5.28
CA GLN D 113 9.33 39.39 -6.26
C GLN D 113 9.99 38.27 -7.06
N GLY D 114 9.91 37.04 -6.58
CA GLY D 114 10.37 35.88 -7.33
C GLY D 114 11.80 35.48 -6.97
N THR D 115 12.13 34.25 -7.34
CA THR D 115 13.49 33.73 -7.27
C THR D 115 13.78 32.97 -8.56
N LEU D 116 14.99 33.17 -9.09
CA LEU D 116 15.32 32.63 -10.41
C LEU D 116 16.20 31.39 -10.29
N VAL D 117 15.76 30.32 -10.92
CA VAL D 117 16.51 29.08 -11.04
C VAL D 117 16.67 28.76 -12.53
N THR D 118 17.88 28.36 -12.93
CA THR D 118 18.21 28.16 -14.33
C THR D 118 18.57 26.70 -14.56
N VAL D 119 18.01 26.12 -15.62
CA VAL D 119 18.32 24.75 -16.03
C VAL D 119 18.89 24.84 -17.44
N SER D 120 20.20 24.83 -17.55
CA SER D 120 20.90 24.94 -18.83
C SER D 120 21.86 23.79 -19.08
N GLY D 121 22.56 23.33 -18.04
CA GLY D 121 23.65 22.39 -18.21
C GLY D 121 24.99 23.02 -18.51
N ALA D 122 25.05 24.35 -18.57
CA ALA D 122 26.27 25.07 -18.87
C ALA D 122 27.07 25.36 -17.59
N SER D 123 28.25 25.94 -17.78
CA SER D 123 29.18 26.25 -16.70
C SER D 123 28.89 27.62 -16.10
N THR D 124 28.91 27.68 -14.76
CA THR D 124 28.70 28.92 -14.02
C THR D 124 29.92 29.84 -14.10
N LYS D 125 29.67 31.11 -14.40
CA LYS D 125 30.73 32.12 -14.48
C LYS D 125 30.62 33.09 -13.31
N GLY D 126 31.69 33.87 -13.12
CA GLY D 126 31.75 34.86 -12.06
C GLY D 126 31.86 36.28 -12.57
N PRO D 127 31.22 37.22 -11.88
CA PRO D 127 31.24 38.62 -12.32
C PRO D 127 32.61 39.28 -12.12
N SER D 128 32.80 40.39 -12.83
CA SER D 128 34.01 41.21 -12.74
C SER D 128 33.61 42.62 -12.29
N VAL D 129 33.94 42.97 -11.06
CA VAL D 129 33.50 44.22 -10.45
C VAL D 129 34.55 45.30 -10.69
N PHE D 130 34.10 46.45 -11.22
CA PHE D 130 34.98 47.58 -11.46
C PHE D 130 34.34 48.88 -10.96
N PRO D 131 35.12 49.79 -10.40
CA PRO D 131 34.55 51.02 -9.83
C PRO D 131 34.29 52.11 -10.88
N LEU D 132 33.21 52.86 -10.65
CA LEU D 132 32.90 54.02 -11.47
C LEU D 132 33.10 55.30 -10.66
N ALA D 133 34.05 56.12 -11.09
CA ALA D 133 34.47 57.38 -10.48
C ALA D 133 33.49 58.50 -10.83
N PRO D 134 33.17 59.39 -9.88
CA PRO D 134 32.23 60.47 -10.16
C PRO D 134 32.77 61.41 -11.25
N SER D 135 31.90 62.29 -11.72
CA SER D 135 32.26 63.22 -12.80
C SER D 135 33.18 64.31 -12.27
N SER D 136 34.21 64.62 -13.05
CA SER D 136 35.28 65.49 -12.58
C SER D 136 35.05 66.97 -12.87
N LYS D 137 34.45 67.32 -14.02
CA LYS D 137 34.26 68.72 -14.41
C LYS D 137 32.92 68.82 -15.13
N SER D 138 32.55 70.02 -15.56
CA SER D 138 31.26 70.27 -16.20
C SER D 138 30.13 69.82 -15.29
N THR D 139 30.21 70.22 -14.01
CA THR D 139 29.09 69.95 -13.14
C THR D 139 27.96 70.96 -13.38
N SER D 140 26.78 70.63 -12.86
CA SER D 140 25.63 71.52 -12.91
C SER D 140 25.26 72.08 -11.54
N GLY D 141 26.21 72.12 -10.60
CA GLY D 141 25.86 72.39 -9.22
C GLY D 141 25.21 71.20 -8.57
N GLY D 142 25.31 70.03 -9.21
CA GLY D 142 24.59 68.83 -8.81
C GLY D 142 25.42 67.88 -7.96
N THR D 143 24.72 66.92 -7.36
CA THR D 143 25.31 66.06 -6.34
C THR D 143 26.52 65.30 -6.82
N ALA D 144 26.31 64.21 -7.57
CA ALA D 144 27.40 63.39 -8.10
C ALA D 144 26.80 62.18 -8.79
N ALA D 145 27.65 61.49 -9.56
CA ALA D 145 27.26 60.23 -10.20
C ALA D 145 28.45 59.28 -10.09
N LEU D 146 28.30 58.23 -9.28
CA LEU D 146 29.28 57.17 -9.15
C LEU D 146 28.56 55.84 -9.21
N GLY D 147 29.27 54.79 -9.58
CA GLY D 147 28.62 53.51 -9.75
C GLY D 147 29.52 52.32 -9.64
N CYS D 148 29.06 51.22 -10.22
CA CYS D 148 29.72 49.93 -10.14
C CYS D 148 29.45 49.18 -11.44
N LEU D 149 30.44 48.42 -11.90
CA LEU D 149 30.33 47.66 -13.14
C LEU D 149 30.46 46.18 -12.83
N VAL D 150 29.39 45.43 -13.10
CA VAL D 150 29.35 43.99 -12.92
C VAL D 150 29.41 43.38 -14.31
N LYS D 151 30.57 42.83 -14.68
CA LYS D 151 30.82 42.38 -16.04
C LYS D 151 30.93 40.87 -16.12
N ASP D 152 30.33 40.29 -17.17
CA ASP D 152 30.56 38.91 -17.58
C ASP D 152 30.25 37.92 -16.46
N TYR D 153 28.97 37.88 -16.10
CA TYR D 153 28.49 36.91 -15.13
C TYR D 153 27.37 36.08 -15.73
N PHE D 154 27.17 34.90 -15.15
CA PHE D 154 26.19 33.92 -15.59
C PHE D 154 25.99 33.00 -14.40
N PRO D 155 24.74 32.56 -14.11
CA PRO D 155 23.48 32.81 -14.80
C PRO D 155 22.39 33.75 -14.25
N GLU D 156 22.62 34.98 -13.71
CA GLU D 156 21.43 35.77 -13.31
C GLU D 156 20.55 35.12 -12.24
N PRO D 157 20.50 35.67 -11.01
CA PRO D 157 20.94 37.06 -10.83
C PRO D 157 22.17 37.36 -9.99
N VAL D 158 22.46 38.66 -9.97
CA VAL D 158 23.40 39.26 -9.04
C VAL D 158 22.68 40.39 -8.31
N THR D 159 22.99 40.57 -7.04
CA THR D 159 22.44 41.64 -6.24
C THR D 159 23.56 42.61 -5.89
N VAL D 160 23.33 43.90 -6.10
CA VAL D 160 24.32 44.92 -5.86
C VAL D 160 23.79 45.78 -4.73
N SER D 161 24.52 45.82 -3.63
CA SER D 161 24.17 46.64 -2.48
C SER D 161 25.23 47.70 -2.28
N TRP D 162 24.89 48.69 -1.47
CA TRP D 162 25.80 49.80 -1.19
C TRP D 162 25.86 49.97 0.32
N ASN D 163 27.02 49.67 0.88
CA ASN D 163 27.26 49.73 2.32
C ASN D 163 26.29 48.84 3.09
N SER D 164 25.88 47.73 2.47
CA SER D 164 25.07 46.71 3.12
C SER D 164 23.76 47.27 3.64
N GLY D 165 23.16 48.19 2.88
CA GLY D 165 21.89 48.78 3.27
C GLY D 165 21.94 50.15 3.91
N ALA D 166 23.07 50.85 3.87
CA ALA D 166 23.17 52.18 4.44
C ALA D 166 22.94 53.30 3.44
N LEU D 167 22.85 52.98 2.14
CA LEU D 167 22.65 53.97 1.08
C LEU D 167 21.44 53.58 0.21
N THR D 168 20.26 53.47 0.83
CA THR D 168 19.09 53.01 0.10
C THR D 168 18.34 54.14 -0.60
N SER D 169 18.83 55.37 -0.51
CA SER D 169 18.11 56.52 -1.06
C SER D 169 18.95 57.02 -2.24
N GLY D 170 18.43 56.82 -3.44
CA GLY D 170 19.16 57.25 -4.61
C GLY D 170 19.95 56.11 -5.23
N VAL D 171 19.35 54.93 -5.36
CA VAL D 171 20.06 53.75 -5.88
C VAL D 171 19.35 53.31 -7.16
N HIS D 172 20.15 53.05 -8.20
CA HIS D 172 19.63 52.54 -9.47
C HIS D 172 20.42 51.31 -9.88
N THR D 173 19.77 50.14 -9.86
CA THR D 173 20.33 48.92 -10.40
C THR D 173 19.58 48.60 -11.70
N PHE D 174 20.29 48.68 -12.81
CA PHE D 174 19.68 48.50 -14.12
C PHE D 174 19.65 47.02 -14.49
N PRO D 175 18.68 46.59 -15.31
CA PRO D 175 18.66 45.18 -15.72
C PRO D 175 19.91 44.83 -16.50
N ALA D 176 20.14 43.53 -16.64
CA ALA D 176 21.36 43.05 -17.26
C ALA D 176 21.23 43.02 -18.78
N VAL D 177 22.39 43.02 -19.44
CA VAL D 177 22.48 42.99 -20.89
C VAL D 177 22.86 41.57 -21.29
N LEU D 178 22.22 41.06 -22.35
CA LEU D 178 22.57 39.72 -22.82
C LEU D 178 23.72 39.92 -23.80
N GLN D 179 24.92 39.92 -23.23
CA GLN D 179 26.19 40.12 -23.91
C GLN D 179 26.63 38.82 -24.58
N SER D 180 27.89 38.75 -25.00
CA SER D 180 28.39 37.60 -25.76
C SER D 180 28.54 36.37 -24.88
N SER D 181 28.91 35.25 -25.52
CA SER D 181 29.21 33.98 -24.88
C SER D 181 28.02 33.40 -24.10
N GLY D 182 26.88 34.08 -24.11
CA GLY D 182 25.78 33.65 -23.28
C GLY D 182 25.79 34.23 -21.88
N LEU D 183 26.49 35.33 -21.65
CA LEU D 183 26.67 35.90 -20.33
C LEU D 183 26.01 37.27 -20.23
N TYR D 184 25.86 37.73 -18.98
CA TYR D 184 25.22 38.99 -18.67
C TYR D 184 26.25 40.00 -18.15
N SER D 185 25.77 41.23 -17.94
CA SER D 185 26.59 42.32 -17.42
C SER D 185 25.67 43.39 -16.85
N LEU D 186 25.91 43.79 -15.61
CA LEU D 186 25.06 44.73 -14.90
C LEU D 186 25.86 45.93 -14.42
N SER D 187 25.15 47.04 -14.16
CA SER D 187 25.73 48.26 -13.66
C SER D 187 24.77 48.95 -12.71
N SER D 188 25.29 49.43 -11.58
CA SER D 188 24.51 50.15 -10.58
C SER D 188 25.15 51.49 -10.29
N VAL D 189 24.31 52.53 -10.12
CA VAL D 189 24.78 53.90 -9.89
C VAL D 189 23.94 54.54 -8.80
N VAL D 190 24.61 55.18 -7.84
CA VAL D 190 23.95 55.88 -6.74
C VAL D 190 24.22 57.38 -6.84
N THR D 191 23.37 58.15 -6.14
CA THR D 191 23.45 59.61 -6.10
C THR D 191 23.95 60.03 -4.73
N VAL D 192 25.05 60.79 -4.71
CA VAL D 192 25.76 61.14 -3.47
C VAL D 192 26.03 62.65 -3.45
N PRO D 193 25.84 63.33 -2.32
CA PRO D 193 26.15 64.77 -2.26
C PRO D 193 27.63 65.01 -2.50
N SER D 194 27.94 66.09 -3.23
CA SER D 194 29.32 66.39 -3.60
C SER D 194 30.17 66.83 -2.40
N SER D 195 29.55 67.18 -1.28
CA SER D 195 30.30 67.52 -0.08
C SER D 195 30.93 66.28 0.55
N SER D 196 30.22 65.15 0.52
CA SER D 196 30.67 63.93 1.17
C SER D 196 31.57 63.07 0.30
N LEU D 197 32.33 63.70 -0.61
CA LEU D 197 33.24 62.96 -1.47
C LEU D 197 34.64 62.79 -0.89
N GLY D 198 35.02 63.57 0.12
CA GLY D 198 36.35 63.39 0.69
C GLY D 198 36.41 62.81 2.09
N THR D 199 35.26 62.43 2.65
CA THR D 199 35.19 61.82 3.97
C THR D 199 34.41 60.51 4.03
N GLN D 200 33.51 60.24 3.07
CA GLN D 200 32.63 59.09 3.13
C GLN D 200 33.19 57.90 2.35
N THR D 201 32.98 56.72 2.90
CA THR D 201 33.38 55.46 2.28
C THR D 201 32.20 54.85 1.54
N TYR D 202 32.34 54.68 0.23
CA TYR D 202 31.30 54.06 -0.59
C TYR D 202 31.85 52.76 -1.16
N ILE D 203 31.21 51.65 -0.80
CA ILE D 203 31.66 50.32 -1.19
C ILE D 203 30.54 49.65 -1.96
N CYS D 204 30.89 48.99 -3.05
CA CYS D 204 29.93 48.29 -3.89
C CYS D 204 29.95 46.80 -3.55
N ASN D 205 28.84 46.30 -3.03
CA ASN D 205 28.73 44.94 -2.54
C ASN D 205 27.90 44.13 -3.54
N VAL D 206 28.58 43.31 -4.34
CA VAL D 206 27.94 42.46 -5.34
C VAL D 206 28.04 41.02 -4.87
N ASN D 207 26.92 40.30 -4.94
CA ASN D 207 26.87 38.90 -4.58
C ASN D 207 26.17 38.11 -5.68
N HIS D 208 26.76 36.98 -6.06
CA HIS D 208 26.22 36.09 -7.08
C HIS D 208 26.08 34.74 -6.41
N LYS D 209 24.85 34.32 -6.15
CA LYS D 209 24.61 33.11 -5.36
C LYS D 209 25.07 31.85 -6.09
N PRO D 210 24.77 31.66 -7.42
CA PRO D 210 25.21 30.43 -8.10
C PRO D 210 26.70 30.15 -7.95
N SER D 211 27.54 31.11 -8.33
CA SER D 211 28.97 31.06 -8.06
C SER D 211 29.24 32.12 -7.00
N ASN D 212 29.56 31.69 -5.79
CA ASN D 212 29.50 32.60 -4.65
C ASN D 212 30.61 33.64 -4.77
N THR D 213 30.29 34.72 -5.47
CA THR D 213 31.22 35.83 -5.70
C THR D 213 30.66 37.01 -4.93
N LYS D 214 30.96 37.04 -3.63
CA LYS D 214 30.53 38.13 -2.74
C LYS D 214 31.70 39.09 -2.67
N VAL D 215 31.72 40.06 -3.58
CA VAL D 215 32.83 41.00 -3.72
C VAL D 215 32.39 42.36 -3.22
N ASP D 216 33.19 42.96 -2.35
CA ASP D 216 33.02 44.35 -1.95
C ASP D 216 34.06 45.18 -2.69
N LYS D 217 33.64 46.33 -3.21
CA LYS D 217 34.53 47.19 -3.98
C LYS D 217 34.35 48.63 -3.53
N ARG D 218 35.46 49.29 -3.18
CA ARG D 218 35.42 50.67 -2.71
C ARG D 218 35.56 51.65 -3.87
N VAL D 219 34.79 52.74 -3.79
CA VAL D 219 34.75 53.77 -4.83
C VAL D 219 35.43 55.02 -4.32
N GLU D 220 36.59 55.34 -4.90
CA GLU D 220 37.39 56.51 -4.58
C GLU D 220 37.51 57.43 -5.79
N PRO D 221 37.78 58.71 -5.58
CA PRO D 221 38.13 59.59 -6.70
C PRO D 221 39.45 59.19 -7.34
N LYS D 222 39.73 59.79 -8.49
CA LYS D 222 40.82 59.36 -9.35
C LYS D 222 42.14 60.07 -9.06
N SER D 223 42.13 61.41 -9.04
CA SER D 223 43.33 62.23 -8.82
C SER D 223 44.44 61.92 -9.82
N CYS D 224 44.09 61.36 -10.97
CA CYS D 224 45.02 60.92 -12.02
C CYS D 224 44.21 60.60 -13.26
N ASP D 225 44.91 60.34 -14.36
CA ASP D 225 44.26 60.05 -15.63
C ASP D 225 43.93 58.56 -15.73
N THR E 1 17.20 -68.84 -30.62
CA THR E 1 17.13 -69.44 -29.30
C THR E 1 18.27 -68.93 -28.42
N ASN E 2 19.33 -68.43 -29.06
CA ASN E 2 20.48 -67.87 -28.38
C ASN E 2 20.59 -66.39 -28.71
N ALA E 3 21.35 -65.66 -27.89
CA ALA E 3 21.52 -64.23 -28.16
C ALA E 3 22.87 -63.76 -27.63
N THR E 4 23.79 -63.49 -28.54
CA THR E 4 25.03 -62.79 -28.25
C THR E 4 24.86 -61.33 -28.68
N GLU E 5 25.52 -60.43 -27.98
CA GLU E 5 25.38 -59.02 -28.33
C GLU E 5 26.41 -58.65 -29.39
N LEU E 6 26.06 -57.65 -30.22
CA LEU E 6 26.91 -57.24 -31.33
C LEU E 6 27.33 -55.79 -31.21
N VAL E 7 27.24 -55.23 -30.00
CA VAL E 7 27.65 -53.86 -29.73
C VAL E 7 28.25 -53.84 -28.33
N GLN E 8 29.49 -53.38 -28.21
CA GLN E 8 30.10 -53.23 -26.91
C GLN E 8 29.75 -51.83 -26.42
N SER E 9 28.70 -51.75 -25.61
CA SER E 9 28.25 -50.49 -25.03
C SER E 9 28.99 -50.15 -23.76
N SER E 10 29.68 -51.13 -23.18
CA SER E 10 30.37 -50.97 -21.92
C SER E 10 31.85 -50.76 -22.17
N SER E 11 32.52 -50.15 -21.20
CA SER E 11 33.94 -49.85 -21.31
C SER E 11 34.65 -50.32 -20.05
N THR E 12 35.97 -50.19 -20.06
CA THR E 12 36.80 -50.57 -18.91
C THR E 12 37.04 -49.39 -17.99
N GLY E 13 37.07 -48.17 -18.53
CA GLY E 13 37.42 -47.00 -17.77
C GLY E 13 38.90 -46.73 -17.65
N LYS E 14 39.76 -47.71 -17.95
CA LYS E 14 41.20 -47.54 -17.92
C LYS E 14 41.81 -48.07 -19.22
N ILE E 15 43.01 -47.62 -19.58
CA ILE E 15 43.67 -48.02 -20.83
C ILE E 15 44.66 -49.16 -20.57
N CYS E 16 44.67 -50.18 -21.45
CA CYS E 16 45.64 -51.26 -21.27
C CYS E 16 46.95 -50.93 -21.98
N ASN E 17 48.07 -51.16 -21.27
CA ASN E 17 49.42 -50.81 -21.72
C ASN E 17 50.06 -51.93 -22.51
N ASN E 18 49.29 -52.96 -22.89
CA ASN E 18 49.85 -54.06 -23.66
C ASN E 18 49.03 -54.26 -24.94
N PRO E 19 49.69 -54.60 -26.06
CA PRO E 19 51.14 -54.77 -26.22
C PRO E 19 51.85 -53.50 -26.68
N HIS E 20 51.20 -52.35 -26.58
CA HIS E 20 51.81 -51.14 -27.10
C HIS E 20 52.55 -50.43 -25.98
N ARG E 21 53.46 -49.55 -26.35
CA ARG E 21 54.14 -48.69 -25.39
C ARG E 21 53.36 -47.39 -25.30
N ILE E 22 52.94 -47.03 -24.09
CA ILE E 22 52.18 -45.81 -23.84
C ILE E 22 53.07 -44.84 -23.10
N LEU E 23 53.02 -43.57 -23.50
CA LEU E 23 53.76 -42.50 -22.85
C LEU E 23 52.75 -41.44 -22.44
N ASP E 24 52.74 -41.11 -21.15
CA ASP E 24 51.70 -40.26 -20.58
C ASP E 24 52.18 -38.80 -20.60
N GLY E 25 51.39 -37.95 -21.24
CA GLY E 25 51.66 -36.52 -21.20
C GLY E 25 50.86 -35.87 -20.09
N ILE E 26 51.16 -36.24 -18.85
CA ILE E 26 50.36 -35.81 -17.71
C ILE E 26 50.28 -34.28 -17.64
N ASP E 27 51.43 -33.62 -17.62
CA ASP E 27 51.51 -32.18 -17.53
C ASP E 27 52.08 -31.56 -18.80
N CYS E 28 52.13 -32.33 -19.88
CA CYS E 28 52.78 -31.91 -21.11
C CYS E 28 51.98 -32.39 -22.31
N THR E 29 52.06 -31.62 -23.38
CA THR E 29 51.48 -32.01 -24.66
C THR E 29 52.57 -32.65 -25.51
N LEU E 30 52.21 -33.02 -26.74
CA LEU E 30 53.22 -33.63 -27.61
C LEU E 30 54.19 -32.58 -28.12
N ILE E 31 53.70 -31.35 -28.32
CA ILE E 31 54.56 -30.25 -28.74
C ILE E 31 55.35 -29.67 -27.57
N ASP E 32 54.79 -29.71 -26.35
CA ASP E 32 55.51 -29.20 -25.18
C ASP E 32 56.80 -29.99 -24.95
N ALA E 33 56.73 -31.32 -25.07
CA ALA E 33 57.94 -32.12 -24.96
C ALA E 33 58.81 -32.04 -26.21
N LEU E 34 58.20 -31.77 -27.36
CA LEU E 34 58.95 -31.62 -28.60
C LEU E 34 59.84 -30.39 -28.59
N LEU E 35 59.39 -29.31 -27.95
CA LEU E 35 60.15 -28.07 -27.91
C LEU E 35 61.25 -28.11 -26.87
N GLY E 36 61.04 -28.85 -25.78
CA GLY E 36 62.04 -28.91 -24.72
C GLY E 36 61.71 -28.01 -23.56
N ASP E 37 60.58 -28.26 -22.92
CA ASP E 37 60.11 -27.50 -21.76
C ASP E 37 60.69 -28.13 -20.49
N PRO E 38 61.28 -27.32 -19.61
CA PRO E 38 61.90 -27.87 -18.39
C PRO E 38 61.04 -28.86 -17.62
N HIS E 39 59.72 -28.71 -17.62
CA HIS E 39 58.86 -29.72 -17.02
C HIS E 39 58.46 -30.81 -18.02
N CYS E 40 58.95 -30.73 -19.27
CA CYS E 40 58.71 -31.77 -20.26
C CYS E 40 60.01 -32.36 -20.80
N ASP E 41 61.12 -32.17 -20.09
CA ASP E 41 62.39 -32.74 -20.48
C ASP E 41 62.53 -34.21 -20.10
N VAL E 42 61.54 -34.75 -19.40
CA VAL E 42 61.55 -36.19 -19.08
C VAL E 42 61.38 -37.01 -20.35
N PHE E 43 60.68 -36.45 -21.34
CA PHE E 43 60.35 -37.13 -22.58
C PHE E 43 61.41 -36.95 -23.66
N GLN E 44 62.62 -36.55 -23.28
CA GLN E 44 63.69 -36.34 -24.25
C GLN E 44 64.07 -37.65 -24.93
N ASN E 45 63.94 -37.68 -26.27
CA ASN E 45 64.33 -38.82 -27.09
C ASN E 45 63.64 -40.11 -26.68
N GLU E 46 62.44 -39.99 -26.12
CA GLU E 46 61.71 -41.18 -25.71
C GLU E 46 60.84 -41.69 -26.85
N THR E 47 60.32 -42.91 -26.67
CA THR E 47 59.49 -43.55 -27.69
C THR E 47 58.15 -43.96 -27.09
N TRP E 48 57.22 -44.30 -27.98
CA TRP E 48 55.88 -44.72 -27.58
C TRP E 48 55.21 -45.39 -28.78
N ASP E 49 54.05 -45.97 -28.53
CA ASP E 49 53.17 -46.44 -29.59
C ASP E 49 51.84 -45.70 -29.66
N LEU E 50 51.45 -45.02 -28.58
CA LEU E 50 50.26 -44.16 -28.61
C LEU E 50 50.42 -43.13 -27.50
N PHE E 51 50.37 -41.85 -27.87
CA PHE E 51 50.50 -40.76 -26.90
C PHE E 51 49.15 -40.36 -26.34
N VAL E 52 49.15 -39.95 -25.07
CA VAL E 52 47.95 -39.51 -24.39
C VAL E 52 48.21 -38.12 -23.84
N GLU E 53 47.49 -37.13 -24.36
CA GLU E 53 47.53 -35.78 -23.80
C GLU E 53 46.39 -35.66 -22.80
N ARG E 54 46.70 -35.18 -21.61
CA ARG E 54 45.74 -35.10 -20.53
C ARG E 54 45.21 -33.68 -20.41
N SER E 55 44.04 -33.56 -19.76
CA SER E 55 43.41 -32.26 -19.59
C SER E 55 44.18 -31.35 -18.64
N LYS E 56 45.18 -31.87 -17.94
CA LYS E 56 45.98 -31.09 -17.01
C LYS E 56 47.29 -30.61 -17.60
N ALA E 57 47.45 -30.69 -18.93
CA ALA E 57 48.71 -30.30 -19.52
C ALA E 57 48.85 -28.79 -19.62
N PHE E 58 50.10 -28.34 -19.53
CA PHE E 58 50.43 -26.93 -19.63
C PHE E 58 51.89 -26.84 -20.05
N SER E 59 52.32 -25.63 -20.37
CA SER E 59 53.70 -25.34 -20.70
C SER E 59 54.08 -24.11 -19.91
N ASN E 60 55.06 -24.24 -19.01
CA ASN E 60 55.42 -23.13 -18.12
C ASN E 60 56.64 -22.40 -18.69
N CYS E 61 56.47 -21.96 -19.93
CA CYS E 61 57.57 -21.36 -20.67
C CYS E 61 57.01 -20.27 -21.56
N TYR E 62 57.80 -19.86 -22.55
CA TYR E 62 57.46 -18.74 -23.41
C TYR E 62 56.14 -19.01 -24.13
N PRO E 63 55.20 -18.07 -24.11
CA PRO E 63 53.93 -18.26 -24.83
C PRO E 63 54.14 -18.40 -26.33
N TYR E 64 53.78 -19.55 -26.87
CA TYR E 64 53.98 -19.86 -28.27
C TYR E 64 52.65 -20.18 -28.94
N ASP E 65 52.50 -19.75 -30.19
CA ASP E 65 51.38 -20.13 -31.04
C ASP E 65 51.96 -20.85 -32.26
N VAL E 66 51.36 -21.98 -32.62
CA VAL E 66 51.84 -22.82 -33.70
C VAL E 66 50.78 -22.87 -34.79
N PRO E 67 50.95 -22.12 -35.87
CA PRO E 67 50.10 -22.33 -37.05
C PRO E 67 50.26 -23.74 -37.58
N ASP E 68 49.12 -24.34 -37.95
CA ASP E 68 49.04 -25.76 -38.31
C ASP E 68 49.47 -26.64 -37.13
N TYR E 69 48.93 -26.30 -35.95
CA TYR E 69 49.23 -27.06 -34.74
C TYR E 69 48.71 -28.49 -34.84
N ALA E 70 47.49 -28.66 -35.36
CA ALA E 70 46.87 -29.98 -35.42
C ALA E 70 47.48 -30.87 -36.50
N SER E 71 47.96 -30.29 -37.62
CA SER E 71 48.59 -31.09 -38.65
C SER E 71 50.02 -31.46 -38.32
N LEU E 72 50.67 -30.70 -37.43
CA LEU E 72 52.00 -31.07 -36.98
C LEU E 72 51.92 -32.13 -35.88
N ARG E 73 50.89 -32.05 -35.04
CA ARG E 73 50.67 -33.05 -34.01
C ARG E 73 50.42 -34.44 -34.60
N SER E 74 50.07 -34.53 -35.88
CA SER E 74 49.81 -35.82 -36.49
C SER E 74 51.07 -36.44 -37.09
N LEU E 75 51.94 -35.63 -37.71
CA LEU E 75 53.17 -36.16 -38.28
C LEU E 75 54.23 -36.41 -37.22
N VAL E 76 54.22 -35.63 -36.13
CA VAL E 76 55.18 -35.88 -35.05
C VAL E 76 54.73 -37.07 -34.21
N ALA E 77 53.42 -37.23 -34.01
CA ALA E 77 52.92 -38.40 -33.30
C ALA E 77 53.24 -39.67 -34.06
N SER E 78 53.03 -39.64 -35.38
CA SER E 78 53.31 -40.80 -36.23
C SER E 78 54.81 -41.11 -36.31
N SER E 79 55.66 -40.24 -35.78
CA SER E 79 57.08 -40.57 -35.67
C SER E 79 57.33 -41.54 -34.52
N GLY E 80 56.60 -41.37 -33.42
CA GLY E 80 56.72 -42.28 -32.30
C GLY E 80 57.95 -42.10 -31.46
N THR E 81 58.65 -40.98 -31.62
CA THR E 81 59.88 -40.73 -30.88
C THR E 81 60.17 -39.24 -30.87
N LEU E 82 60.87 -38.80 -29.82
CA LEU E 82 61.40 -37.44 -29.76
C LEU E 82 62.91 -37.44 -29.97
N GLU E 83 63.39 -38.35 -30.82
CA GLU E 83 64.83 -38.57 -30.97
C GLU E 83 65.46 -37.37 -31.66
N PHE E 84 66.05 -36.49 -30.87
CA PHE E 84 66.65 -35.26 -31.36
C PHE E 84 68.14 -35.44 -31.46
N ILE E 85 68.70 -35.18 -32.64
CA ILE E 85 70.13 -35.34 -32.89
C ILE E 85 70.72 -33.93 -33.02
N THR E 86 71.58 -33.57 -32.07
CA THR E 86 72.26 -32.28 -32.15
C THR E 86 73.14 -32.27 -33.39
N GLU E 87 73.13 -31.14 -34.09
CA GLU E 87 73.76 -31.01 -35.40
C GLU E 87 75.04 -30.21 -35.35
N GLY E 88 75.06 -29.13 -34.58
CA GLY E 88 76.24 -28.32 -34.44
C GLY E 88 76.32 -27.19 -35.45
N PHE E 89 75.27 -26.38 -35.51
CA PHE E 89 75.28 -25.27 -36.45
C PHE E 89 76.30 -24.21 -36.03
N THR E 90 76.69 -23.40 -37.00
CA THR E 90 77.64 -22.30 -36.81
C THR E 90 76.86 -20.98 -36.91
N TRP E 91 76.67 -20.31 -35.77
CA TRP E 91 75.98 -19.02 -35.72
C TRP E 91 77.04 -17.96 -35.47
N THR E 92 77.46 -17.27 -36.53
CA THR E 92 78.57 -16.34 -36.46
C THR E 92 78.15 -15.01 -35.84
N GLY E 93 78.55 -14.78 -34.60
CA GLY E 93 78.41 -13.47 -33.98
C GLY E 93 77.03 -13.00 -33.59
N VAL E 94 76.20 -13.85 -32.97
CA VAL E 94 74.84 -13.45 -32.67
C VAL E 94 74.51 -13.62 -31.18
N THR E 95 75.49 -13.96 -30.35
CA THR E 95 75.30 -14.19 -28.91
C THR E 95 74.26 -15.28 -28.65
N GLN E 96 74.64 -16.49 -28.97
CA GLN E 96 73.73 -17.63 -28.85
C GLN E 96 73.54 -17.95 -27.37
N ASN E 97 72.82 -19.04 -27.09
CA ASN E 97 72.56 -19.50 -25.72
C ASN E 97 71.82 -18.44 -24.91
N GLY E 98 70.68 -18.01 -25.42
CA GLY E 98 69.83 -17.06 -24.72
C GLY E 98 68.57 -17.66 -24.15
N GLY E 99 67.95 -16.96 -23.20
CA GLY E 99 66.73 -17.45 -22.58
C GLY E 99 66.04 -16.35 -21.80
N SER E 100 64.90 -16.71 -21.22
CA SER E 100 64.10 -15.78 -20.44
C SER E 100 63.74 -16.41 -19.10
N ASN E 101 63.31 -15.56 -18.16
CA ASN E 101 62.96 -16.04 -16.84
C ASN E 101 61.59 -16.69 -16.78
N ALA E 102 60.82 -16.66 -17.87
CA ALA E 102 59.52 -17.32 -17.88
C ALA E 102 59.65 -18.81 -18.18
N CYS E 103 60.64 -19.20 -18.97
CA CYS E 103 60.93 -20.61 -19.24
C CYS E 103 61.95 -21.15 -18.25
N LYS E 104 61.66 -20.98 -16.96
CA LYS E 104 62.60 -21.27 -15.88
C LYS E 104 63.01 -22.74 -15.89
N ARG E 105 64.27 -23.01 -16.22
CA ARG E 105 64.82 -24.36 -16.12
C ARG E 105 65.62 -24.48 -14.84
N GLY E 106 64.91 -24.43 -13.72
CA GLY E 106 65.59 -24.50 -12.45
C GLY E 106 65.72 -23.13 -11.81
N PRO E 107 66.96 -22.75 -11.54
CA PRO E 107 67.23 -21.49 -10.83
C PRO E 107 66.85 -20.23 -11.60
N GLY E 108 67.40 -20.03 -12.78
CA GLY E 108 67.23 -18.77 -13.48
C GLY E 108 66.51 -18.77 -14.82
N SER E 109 66.99 -17.91 -15.71
CA SER E 109 66.43 -17.71 -17.05
C SER E 109 66.78 -18.91 -17.92
N GLY E 110 65.79 -19.76 -18.17
CA GLY E 110 65.95 -20.89 -19.06
C GLY E 110 65.15 -20.68 -20.34
N PHE E 111 65.24 -21.67 -21.22
CA PHE E 111 64.53 -21.62 -22.49
C PHE E 111 64.33 -23.04 -22.97
N PHE E 112 63.79 -23.19 -24.17
CA PHE E 112 63.58 -24.53 -24.71
C PHE E 112 64.92 -25.18 -25.04
N SER E 113 64.99 -26.50 -24.83
CA SER E 113 66.24 -27.23 -25.01
C SER E 113 66.54 -27.57 -26.47
N ARG E 114 65.53 -27.59 -27.34
CA ARG E 114 65.74 -27.98 -28.73
C ARG E 114 65.82 -26.78 -29.67
N LEU E 115 65.76 -25.56 -29.16
CA LEU E 115 65.87 -24.36 -29.99
C LEU E 115 66.66 -23.30 -29.22
N ASN E 116 67.15 -22.30 -29.97
CA ASN E 116 68.10 -21.32 -29.48
C ASN E 116 67.65 -19.89 -29.77
N TRP E 117 67.77 -19.03 -28.74
CA TRP E 117 67.42 -17.62 -28.82
C TRP E 117 68.69 -16.79 -29.04
N LEU E 118 68.73 -16.04 -30.15
CA LEU E 118 69.88 -15.22 -30.54
C LEU E 118 69.51 -13.74 -30.43
N THR E 119 70.08 -13.03 -29.44
CA THR E 119 69.73 -11.62 -29.30
C THR E 119 70.58 -10.70 -30.19
N LYS E 120 71.86 -10.54 -29.88
CA LYS E 120 72.80 -9.73 -30.67
C LYS E 120 74.16 -9.74 -29.98
N SER E 121 75.20 -9.41 -30.75
CA SER E 121 76.58 -9.44 -30.28
C SER E 121 77.11 -8.02 -30.24
N GLY E 122 76.76 -7.30 -29.17
CA GLY E 122 77.16 -5.91 -29.04
C GLY E 122 76.04 -4.99 -29.48
N SER E 123 76.19 -4.40 -30.66
CA SER E 123 75.13 -3.66 -31.33
C SER E 123 74.98 -4.14 -32.76
N THR E 124 75.28 -5.40 -33.02
CA THR E 124 75.34 -5.93 -34.37
C THR E 124 74.52 -7.20 -34.50
N TYR E 125 73.89 -7.37 -35.65
CA TYR E 125 73.17 -8.58 -36.02
C TYR E 125 73.50 -8.90 -37.46
N PRO E 126 74.49 -9.77 -37.71
CA PRO E 126 74.90 -10.04 -39.09
C PRO E 126 73.81 -10.77 -39.88
N VAL E 127 74.01 -10.80 -41.19
CA VAL E 127 73.10 -11.53 -42.06
C VAL E 127 73.46 -13.01 -41.98
N LEU E 128 72.44 -13.86 -41.95
CA LEU E 128 72.64 -15.27 -41.66
C LEU E 128 72.81 -16.04 -42.98
N ASN E 129 73.94 -16.74 -43.10
CA ASN E 129 74.20 -17.64 -44.23
C ASN E 129 74.63 -18.96 -43.59
N VAL E 130 73.66 -19.78 -43.24
CA VAL E 130 73.88 -21.07 -42.62
C VAL E 130 73.19 -22.13 -43.46
N THR E 131 73.80 -23.31 -43.55
CA THR E 131 73.26 -24.40 -44.32
C THR E 131 73.61 -25.70 -43.60
N MET E 132 72.73 -26.68 -43.72
CA MET E 132 72.95 -27.98 -43.12
C MET E 132 72.27 -29.01 -44.00
N PRO E 133 73.01 -29.67 -44.89
CA PRO E 133 72.40 -30.62 -45.80
C PRO E 133 72.06 -31.93 -45.10
N ASN E 134 71.14 -32.67 -45.71
CA ASN E 134 70.78 -34.00 -45.22
C ASN E 134 71.49 -35.01 -46.13
N ASN E 135 72.77 -35.24 -45.82
CA ASN E 135 73.55 -36.20 -46.57
C ASN E 135 73.15 -37.63 -46.25
N ASP E 136 72.30 -37.82 -45.25
CA ASP E 136 71.82 -39.13 -44.82
C ASP E 136 70.72 -39.60 -45.77
N ASN E 137 70.06 -40.70 -45.40
CA ASN E 137 69.00 -41.31 -46.22
C ASN E 137 67.68 -41.36 -45.45
N PHE E 138 67.36 -40.28 -44.74
CA PHE E 138 66.09 -40.19 -44.04
C PHE E 138 65.66 -38.73 -43.90
N ASP E 139 64.37 -38.53 -43.71
CA ASP E 139 63.84 -37.17 -43.55
C ASP E 139 64.25 -36.59 -42.21
N LYS E 140 64.62 -35.32 -42.22
CA LYS E 140 64.95 -34.59 -41.01
C LYS E 140 63.83 -33.63 -40.69
N LEU E 141 63.56 -33.42 -39.40
CA LEU E 141 62.52 -32.51 -38.95
C LEU E 141 63.17 -31.39 -38.14
N TYR E 142 63.14 -30.17 -38.68
CA TYR E 142 63.73 -29.01 -38.03
C TYR E 142 62.62 -28.14 -37.45
N ILE E 143 62.75 -27.83 -36.16
CA ILE E 143 61.80 -26.99 -35.44
C ILE E 143 62.46 -25.64 -35.19
N TRP E 144 61.81 -24.57 -35.62
CA TRP E 144 62.35 -23.23 -35.47
C TRP E 144 61.20 -22.25 -35.20
N GLY E 145 61.56 -21.02 -34.92
CA GLY E 145 60.55 -20.03 -34.59
C GLY E 145 61.06 -18.61 -34.79
N ILE E 146 60.24 -17.66 -34.34
CA ILE E 146 60.53 -16.24 -34.44
C ILE E 146 60.03 -15.55 -33.19
N HIS E 147 60.76 -14.54 -32.73
CA HIS E 147 60.44 -13.81 -31.52
C HIS E 147 59.70 -12.54 -31.90
N HIS E 148 58.61 -12.24 -31.18
CA HIS E 148 57.81 -11.06 -31.45
C HIS E 148 57.91 -10.11 -30.27
N PRO E 149 58.71 -9.05 -30.35
CA PRO E 149 58.83 -8.13 -29.21
C PRO E 149 57.54 -7.38 -28.94
N SER E 150 57.52 -6.59 -27.86
CA SER E 150 56.32 -5.87 -27.45
C SER E 150 56.23 -4.48 -28.05
N THR E 151 57.35 -3.78 -28.16
CA THR E 151 57.39 -2.43 -28.71
C THR E 151 58.65 -2.28 -29.56
N ASP E 152 58.75 -1.14 -30.24
CA ASP E 152 59.93 -0.86 -31.05
C ASP E 152 61.17 -0.67 -30.20
N GLN E 153 61.01 -0.35 -28.90
CA GLN E 153 62.16 -0.16 -28.03
C GLN E 153 62.75 -1.49 -27.56
N GLU E 154 61.92 -2.50 -27.35
CA GLU E 154 62.43 -3.82 -26.98
C GLU E 154 62.85 -4.62 -28.20
N GLN E 155 62.38 -4.23 -29.39
CA GLN E 155 62.90 -4.81 -30.62
C GLN E 155 64.33 -4.35 -30.88
N THR E 156 64.57 -3.04 -30.77
CA THR E 156 65.90 -2.49 -31.04
C THR E 156 66.90 -2.74 -29.92
N SER E 157 66.44 -3.02 -28.70
CA SER E 157 67.39 -3.24 -27.61
C SER E 157 68.06 -4.59 -27.75
N LEU E 158 67.35 -5.58 -28.27
CA LEU E 158 67.92 -6.88 -28.56
C LEU E 158 68.24 -7.08 -30.03
N TYR E 159 67.47 -6.46 -30.94
CA TYR E 159 67.63 -6.67 -32.38
C TYR E 159 67.72 -5.29 -33.03
N VAL E 160 68.96 -4.77 -33.10
CA VAL E 160 69.21 -3.40 -33.52
C VAL E 160 68.61 -3.12 -34.89
N GLN E 161 68.66 -4.09 -35.80
CA GLN E 161 68.09 -3.84 -37.12
C GLN E 161 66.60 -3.58 -36.95
N ALA E 162 66.08 -2.60 -37.69
CA ALA E 162 64.74 -2.08 -37.41
C ALA E 162 63.66 -3.15 -37.52
N SER E 163 63.82 -4.08 -38.45
CA SER E 163 62.85 -5.14 -38.67
C SER E 163 63.55 -6.46 -38.83
N GLY E 164 62.95 -7.52 -38.27
CA GLY E 164 63.52 -8.84 -38.35
C GLY E 164 62.96 -9.60 -39.55
N ARG E 165 63.48 -10.81 -39.72
CA ARG E 165 63.06 -11.65 -40.84
C ARG E 165 63.58 -13.06 -40.60
N VAL E 166 62.75 -14.05 -40.94
CA VAL E 166 63.13 -15.45 -40.86
C VAL E 166 62.85 -16.07 -42.22
N THR E 167 63.91 -16.40 -42.95
CA THR E 167 63.78 -17.04 -44.25
C THR E 167 64.46 -18.40 -44.16
N VAL E 168 63.66 -19.46 -44.13
CA VAL E 168 64.17 -20.83 -44.02
C VAL E 168 63.69 -21.57 -45.26
N SER E 169 64.59 -21.77 -46.22
CA SER E 169 64.26 -22.41 -47.47
C SER E 169 65.05 -23.70 -47.63
N THR E 170 64.54 -24.58 -48.50
CA THR E 170 65.22 -25.80 -48.86
C THR E 170 65.24 -25.96 -50.38
N ARG E 171 65.68 -27.11 -50.88
CA ARG E 171 65.62 -27.35 -52.31
C ARG E 171 64.21 -27.52 -52.83
N ARG E 172 63.23 -27.67 -51.96
CA ARG E 172 61.83 -27.82 -52.36
C ARG E 172 60.90 -26.86 -51.65
N SER E 173 61.32 -26.21 -50.59
CA SER E 173 60.43 -25.39 -49.79
C SER E 173 61.07 -24.04 -49.52
N GLN E 174 60.23 -23.11 -49.09
CA GLN E 174 60.68 -21.79 -48.69
C GLN E 174 59.66 -21.20 -47.74
N GLN E 175 60.13 -20.75 -46.57
CA GLN E 175 59.27 -20.08 -45.62
C GLN E 175 59.96 -18.78 -45.26
N THR E 176 59.29 -17.68 -45.54
CA THR E 176 59.81 -16.34 -45.24
C THR E 176 58.81 -15.71 -44.30
N ILE E 177 59.25 -15.37 -43.10
CA ILE E 177 58.36 -14.92 -42.03
C ILE E 177 58.80 -13.53 -41.60
N ILE E 178 57.82 -12.66 -41.40
CA ILE E 178 58.06 -11.28 -40.97
C ILE E 178 57.46 -11.10 -39.60
N PRO E 179 58.17 -10.52 -38.64
CA PRO E 179 57.64 -10.38 -37.28
C PRO E 179 56.48 -9.39 -37.21
N ASN E 180 55.63 -9.61 -36.21
CA ASN E 180 54.47 -8.76 -35.93
C ASN E 180 54.62 -8.22 -34.51
N ILE E 181 55.04 -6.97 -34.39
CA ILE E 181 55.31 -6.36 -33.09
C ILE E 181 54.00 -5.96 -32.43
N GLY E 182 53.91 -6.18 -31.11
CA GLY E 182 52.72 -5.78 -30.38
C GLY E 182 52.77 -6.11 -28.91
N SER E 183 52.26 -5.19 -28.08
CA SER E 183 52.19 -5.39 -26.63
C SER E 183 50.94 -6.20 -26.33
N ARG E 184 51.08 -7.52 -26.46
CA ARG E 184 49.98 -8.41 -26.16
C ARG E 184 49.81 -8.46 -24.65
N PRO E 185 48.66 -8.90 -24.14
CA PRO E 185 48.53 -9.02 -22.69
C PRO E 185 49.61 -9.95 -22.16
N TRP E 186 50.17 -9.66 -20.99
CA TRP E 186 51.23 -10.53 -20.45
C TRP E 186 50.66 -11.87 -20.02
N VAL E 187 51.01 -12.94 -20.72
CA VAL E 187 50.73 -14.29 -20.26
C VAL E 187 52.03 -14.84 -19.70
N ARG E 188 51.98 -15.26 -18.44
CA ARG E 188 53.16 -15.61 -17.66
C ARG E 188 54.12 -14.43 -17.55
N GLY E 189 53.58 -13.21 -17.58
CA GLY E 189 54.35 -12.02 -17.38
C GLY E 189 54.96 -11.44 -18.64
N LEU E 190 54.76 -12.06 -19.79
CA LEU E 190 55.40 -11.66 -21.03
C LEU E 190 54.38 -11.01 -21.94
N SER E 191 54.65 -9.77 -22.36
CA SER E 191 53.87 -9.11 -23.39
C SER E 191 54.37 -9.44 -24.78
N SER E 192 55.21 -10.46 -24.90
CA SER E 192 55.83 -10.86 -26.15
C SER E 192 55.50 -12.34 -26.40
N ARG E 193 55.43 -12.69 -27.68
CA ARG E 193 55.07 -14.06 -28.08
C ARG E 193 56.13 -14.59 -29.03
N ILE E 194 55.99 -15.86 -29.38
CA ILE E 194 56.88 -16.53 -30.33
C ILE E 194 56.03 -17.44 -31.20
N SER E 195 56.20 -17.34 -32.51
CA SER E 195 55.51 -18.19 -33.46
C SER E 195 56.42 -19.35 -33.85
N ILE E 196 55.87 -20.56 -33.84
CA ILE E 196 56.64 -21.78 -34.05
C ILE E 196 56.31 -22.35 -35.42
N TYR E 197 57.35 -22.72 -36.18
CA TYR E 197 57.22 -23.33 -37.49
C TYR E 197 58.11 -24.56 -37.54
N TRP E 198 57.92 -25.38 -38.57
CA TRP E 198 58.71 -26.61 -38.72
C TRP E 198 59.06 -26.81 -40.18
N THR E 199 60.12 -27.59 -40.42
CA THR E 199 60.62 -27.84 -41.76
C THR E 199 61.15 -29.26 -41.86
N ILE E 200 60.70 -30.01 -42.86
CA ILE E 200 61.16 -31.36 -43.12
C ILE E 200 62.15 -31.33 -44.29
N VAL E 201 63.31 -31.97 -44.11
CA VAL E 201 64.35 -32.02 -45.14
C VAL E 201 64.56 -33.48 -45.54
N LYS E 202 64.47 -33.76 -46.84
CA LYS E 202 64.62 -35.09 -47.41
C LYS E 202 66.05 -35.36 -47.86
N PRO E 203 66.40 -36.64 -48.06
CA PRO E 203 67.72 -36.97 -48.62
C PRO E 203 67.88 -36.35 -50.01
N GLY E 204 69.04 -35.75 -50.24
CA GLY E 204 69.25 -34.99 -51.45
C GLY E 204 68.76 -33.56 -51.38
N ASP E 205 68.28 -33.13 -50.22
CA ASP E 205 67.83 -31.77 -50.00
C ASP E 205 68.77 -31.08 -49.03
N VAL E 206 68.88 -29.77 -49.15
CA VAL E 206 69.80 -28.98 -48.35
C VAL E 206 68.99 -27.90 -47.65
N LEU E 207 69.21 -27.74 -46.35
CA LEU E 207 68.52 -26.73 -45.56
C LEU E 207 69.25 -25.40 -45.67
N VAL E 208 68.51 -24.34 -45.92
CA VAL E 208 69.04 -22.98 -45.96
C VAL E 208 68.25 -22.14 -44.98
N ILE E 209 68.95 -21.41 -44.12
CA ILE E 209 68.32 -20.53 -43.14
C ILE E 209 68.94 -19.15 -43.30
N ASN E 210 68.11 -18.14 -43.40
CA ASN E 210 68.58 -16.77 -43.56
C ASN E 210 67.73 -15.86 -42.68
N SER E 211 68.38 -14.91 -42.01
CA SER E 211 67.67 -14.03 -41.10
C SER E 211 68.52 -12.79 -40.84
N ASN E 212 67.84 -11.68 -40.55
CA ASN E 212 68.52 -10.44 -40.13
C ASN E 212 68.01 -9.93 -38.79
N GLY E 213 67.36 -10.78 -37.99
CA GLY E 213 66.91 -10.38 -36.68
C GLY E 213 65.70 -11.18 -36.24
N ASN E 214 65.50 -11.22 -34.92
CA ASN E 214 64.30 -11.81 -34.31
C ASN E 214 64.19 -13.30 -34.65
N LEU E 215 65.31 -14.01 -34.58
CA LEU E 215 65.40 -15.41 -34.97
C LEU E 215 65.47 -16.34 -33.76
N ILE E 216 64.72 -17.42 -33.81
CA ILE E 216 64.87 -18.55 -32.89
C ILE E 216 65.55 -19.67 -33.66
N ALA E 217 66.77 -20.10 -33.17
CA ALA E 217 67.55 -21.04 -33.96
C ALA E 217 67.42 -22.47 -33.44
N PRO E 218 67.46 -23.46 -34.33
CA PRO E 218 67.48 -24.86 -33.91
C PRO E 218 68.89 -25.36 -33.60
N ARG E 219 68.94 -26.47 -32.87
CA ARG E 219 70.20 -27.13 -32.55
C ARG E 219 70.36 -28.45 -33.28
N GLY E 220 69.45 -28.78 -34.19
CA GLY E 220 69.50 -30.06 -34.88
C GLY E 220 68.15 -30.40 -35.48
N TYR E 221 67.89 -31.70 -35.57
CA TYR E 221 66.67 -32.19 -36.20
C TYR E 221 66.12 -33.37 -35.40
N PHE E 222 64.94 -33.84 -35.81
CA PHE E 222 64.33 -35.06 -35.29
C PHE E 222 64.25 -36.07 -36.42
N LYS E 223 64.68 -37.30 -36.16
CA LYS E 223 64.66 -38.36 -37.16
C LYS E 223 63.25 -38.98 -37.18
N MET E 224 62.55 -38.80 -38.29
CA MET E 224 61.18 -39.26 -38.45
C MET E 224 61.12 -40.75 -38.72
N ARG E 225 59.97 -41.34 -38.39
CA ARG E 225 59.74 -42.77 -38.56
C ARG E 225 58.41 -42.99 -39.24
N THR E 226 58.25 -44.15 -39.85
CA THR E 226 57.00 -44.57 -40.49
C THR E 226 56.38 -45.65 -39.60
N GLY E 227 55.61 -45.21 -38.60
CA GLY E 227 55.03 -46.11 -37.63
C GLY E 227 53.53 -45.98 -37.55
N LYS E 228 52.91 -46.96 -36.89
CA LYS E 228 51.49 -46.92 -36.61
C LYS E 228 51.17 -46.11 -35.36
N SER E 229 52.10 -45.26 -34.92
CA SER E 229 51.93 -44.50 -33.70
C SER E 229 50.98 -43.33 -33.94
N SER E 230 50.38 -42.87 -32.85
CA SER E 230 49.43 -41.76 -32.92
C SER E 230 49.33 -41.13 -31.54
N ILE E 231 48.34 -40.26 -31.35
CA ILE E 231 48.14 -39.53 -30.12
C ILE E 231 46.64 -39.46 -29.84
N MET E 232 46.27 -39.64 -28.58
CA MET E 232 44.87 -39.67 -28.16
C MET E 232 44.66 -38.71 -27.01
N ARG E 233 43.52 -38.02 -27.03
CA ARG E 233 43.13 -37.12 -25.95
C ARG E 233 42.24 -37.94 -25.02
N SER E 234 42.81 -38.45 -23.93
CA SER E 234 42.07 -39.31 -23.03
C SER E 234 42.42 -38.98 -21.58
N ASP E 235 41.46 -39.23 -20.69
CA ASP E 235 41.64 -39.05 -19.25
C ASP E 235 41.44 -40.36 -18.50
N ALA E 236 41.67 -41.50 -19.17
CA ALA E 236 41.55 -42.84 -18.61
C ALA E 236 42.88 -43.29 -18.00
N PRO E 237 42.85 -43.92 -16.83
CA PRO E 237 44.09 -44.37 -16.18
C PRO E 237 44.77 -45.50 -16.96
N ILE E 238 45.97 -45.85 -16.48
CA ILE E 238 46.82 -46.86 -17.10
C ILE E 238 46.87 -48.09 -16.20
N ASP E 239 46.42 -49.24 -16.72
CA ASP E 239 46.55 -50.49 -15.97
C ASP E 239 46.98 -51.60 -16.92
N THR E 240 47.50 -52.69 -16.35
CA THR E 240 48.03 -53.79 -17.16
C THR E 240 46.93 -54.77 -17.50
N CYS E 241 46.72 -54.97 -18.79
CA CYS E 241 45.68 -55.89 -19.25
C CYS E 241 46.04 -56.30 -20.69
N ILE E 242 45.22 -57.14 -21.34
CA ILE E 242 45.50 -57.58 -22.70
C ILE E 242 44.27 -57.21 -23.50
N SER E 243 44.28 -56.01 -24.08
CA SER E 243 43.17 -55.55 -24.90
C SER E 243 43.73 -54.63 -25.98
N GLU E 244 43.47 -54.94 -27.25
CA GLU E 244 44.04 -54.16 -28.35
C GLU E 244 43.29 -52.87 -28.60
N CYS E 245 41.96 -52.90 -28.52
CA CYS E 245 41.19 -51.72 -28.86
C CYS E 245 41.24 -50.75 -27.70
N ILE E 246 41.66 -49.52 -27.99
CA ILE E 246 41.78 -48.46 -26.99
C ILE E 246 40.76 -47.38 -27.30
N THR E 247 40.10 -46.90 -26.26
CA THR E 247 39.04 -45.91 -26.35
C THR E 247 39.28 -44.85 -25.28
N PRO E 248 39.04 -43.57 -25.59
CA PRO E 248 39.20 -42.52 -24.56
C PRO E 248 38.42 -42.79 -23.29
N ASN E 249 37.36 -43.58 -23.39
CA ASN E 249 36.59 -44.00 -22.23
C ASN E 249 37.15 -45.27 -21.59
N GLY E 250 38.26 -45.80 -22.11
CA GLY E 250 38.82 -47.03 -21.60
C GLY E 250 38.81 -48.13 -22.63
N SER E 251 39.86 -48.96 -22.64
CA SER E 251 39.97 -50.02 -23.62
C SER E 251 38.74 -50.93 -23.54
N ILE E 252 38.33 -51.45 -24.68
CA ILE E 252 37.15 -52.30 -24.75
C ILE E 252 37.57 -53.63 -25.35
N PRO E 253 36.81 -54.70 -25.11
CA PRO E 253 37.15 -55.96 -25.77
C PRO E 253 36.72 -55.85 -27.23
N ASN E 254 37.53 -56.47 -28.10
CA ASN E 254 37.33 -56.40 -29.53
C ASN E 254 36.74 -57.68 -30.09
N ASP E 255 35.94 -58.36 -29.27
CA ASP E 255 35.30 -59.62 -29.65
C ASP E 255 34.02 -59.41 -30.44
N LYS E 256 33.32 -58.28 -30.24
CA LYS E 256 32.07 -58.07 -30.95
C LYS E 256 32.33 -57.34 -32.26
N PRO E 257 31.46 -57.51 -33.26
CA PRO E 257 31.75 -56.94 -34.59
C PRO E 257 31.64 -55.43 -34.66
N PHE E 258 30.86 -54.81 -33.77
CA PHE E 258 30.67 -53.37 -33.79
C PHE E 258 30.86 -52.82 -32.38
N GLN E 259 31.08 -51.51 -32.28
CA GLN E 259 31.23 -50.87 -30.98
C GLN E 259 30.50 -49.55 -30.98
N ASN E 260 30.25 -49.03 -29.77
CA ASN E 260 29.50 -47.78 -29.62
C ASN E 260 30.10 -46.89 -28.54
N VAL E 261 31.36 -47.08 -28.17
CA VAL E 261 31.91 -46.33 -27.05
C VAL E 261 32.38 -44.96 -27.50
N ASN E 262 33.32 -44.93 -28.45
CA ASN E 262 33.82 -43.67 -28.99
C ASN E 262 34.34 -43.89 -30.40
N LYS E 263 34.22 -42.85 -31.22
CA LYS E 263 34.75 -42.93 -32.58
C LYS E 263 36.27 -42.85 -32.59
N ILE E 264 36.88 -42.31 -31.54
CA ILE E 264 38.34 -42.27 -31.47
C ILE E 264 38.78 -43.67 -31.02
N THR E 265 39.36 -44.42 -31.95
CA THR E 265 39.75 -45.79 -31.69
C THR E 265 41.21 -45.98 -32.06
N TYR E 266 41.79 -47.07 -31.58
CA TYR E 266 43.18 -47.38 -31.92
C TYR E 266 43.36 -48.89 -31.85
N GLY E 267 43.82 -49.48 -32.95
CA GLY E 267 44.03 -50.91 -33.02
C GLY E 267 42.94 -51.63 -33.77
N ALA E 268 42.86 -52.94 -33.54
CA ALA E 268 41.85 -53.79 -34.15
C ALA E 268 40.51 -53.61 -33.46
N CYS E 269 39.98 -52.39 -33.58
CA CYS E 269 38.72 -52.07 -32.94
C CYS E 269 37.56 -52.49 -33.84
N PRO E 270 36.42 -52.87 -33.25
CA PRO E 270 35.26 -53.25 -34.06
C PRO E 270 34.74 -52.07 -34.85
N LYS E 271 33.74 -52.28 -35.70
CA LYS E 271 33.16 -51.14 -36.39
C LYS E 271 32.37 -50.28 -35.42
N TYR E 272 32.02 -49.09 -35.87
CA TYR E 272 31.33 -48.11 -35.06
C TYR E 272 29.85 -48.10 -35.42
N VAL E 273 28.99 -48.01 -34.40
CA VAL E 273 27.56 -47.89 -34.57
C VAL E 273 27.03 -46.83 -33.60
N LYS E 274 25.76 -46.47 -33.79
CA LYS E 274 25.11 -45.48 -32.96
C LYS E 274 24.05 -46.05 -32.05
N GLN E 275 23.65 -47.30 -32.24
CA GLN E 275 22.60 -47.94 -31.46
C GLN E 275 23.14 -48.56 -30.18
N ASN E 276 22.23 -49.21 -29.44
CA ASN E 276 22.54 -49.95 -28.22
C ASN E 276 22.05 -51.39 -28.26
N THR E 277 21.01 -51.71 -29.05
CA THR E 277 20.44 -53.04 -29.09
C THR E 277 20.87 -53.75 -30.38
N LEU E 278 21.71 -54.77 -30.22
CA LEU E 278 22.14 -55.62 -31.34
C LEU E 278 22.49 -57.00 -30.83
N LYS E 279 21.57 -57.96 -30.98
CA LYS E 279 21.78 -59.34 -30.59
C LYS E 279 21.61 -60.29 -31.77
N LEU E 280 22.51 -61.26 -31.88
CA LEU E 280 22.48 -62.26 -32.93
C LEU E 280 22.44 -63.67 -32.34
N ALA E 281 21.72 -64.55 -33.01
CA ALA E 281 21.57 -65.93 -32.57
C ALA E 281 22.61 -66.81 -33.25
N THR E 282 22.99 -67.88 -32.56
CA THR E 282 23.92 -68.86 -33.11
C THR E 282 23.71 -70.24 -32.49
N VAL F 4 35.25 -25.72 -11.78
CA VAL F 4 36.29 -25.20 -10.91
C VAL F 4 35.67 -24.61 -9.65
N LYS F 5 36.50 -24.32 -8.66
CA LYS F 5 36.04 -23.72 -7.41
C LYS F 5 37.09 -22.70 -6.96
N LEU F 6 36.65 -21.46 -6.74
CA LEU F 6 37.51 -20.40 -6.22
C LEU F 6 36.71 -19.63 -5.19
N VAL F 7 37.15 -19.68 -3.92
CA VAL F 7 36.52 -18.95 -2.83
C VAL F 7 37.46 -17.87 -2.33
N GLU F 8 36.91 -16.69 -2.08
CA GLU F 8 37.69 -15.54 -1.62
C GLU F 8 37.31 -15.18 -0.19
N SER F 9 38.31 -14.74 0.57
CA SER F 9 38.12 -14.33 1.96
C SER F 9 38.82 -13.00 2.19
N GLY F 10 38.41 -12.32 3.27
CA GLY F 10 38.96 -11.01 3.58
C GLY F 10 37.87 -9.96 3.66
N GLU F 11 36.63 -10.39 3.90
CA GLU F 11 35.51 -9.45 3.99
C GLU F 11 35.62 -8.61 5.25
N GLY F 12 35.54 -7.30 5.09
CA GLY F 12 35.54 -6.41 6.24
C GLY F 12 35.51 -4.97 5.81
N LEU F 13 35.60 -4.09 6.80
CA LEU F 13 35.57 -2.64 6.60
C LEU F 13 36.89 -2.05 7.09
N VAL F 14 37.44 -1.13 6.30
CA VAL F 14 38.64 -0.39 6.65
C VAL F 14 38.33 1.09 6.49
N LYS F 15 39.09 1.91 7.19
CA LYS F 15 38.93 3.35 7.06
C LYS F 15 39.94 3.90 6.07
N PRO F 16 39.65 5.04 5.44
CA PRO F 16 40.54 5.59 4.41
C PRO F 16 41.98 5.74 4.90
N GLY F 17 42.91 5.38 4.02
CA GLY F 17 44.32 5.32 4.36
C GLY F 17 44.75 4.04 5.05
N GLY F 18 43.82 3.11 5.28
CA GLY F 18 44.10 1.89 6.00
C GLY F 18 44.63 0.78 5.10
N SER F 19 44.67 -0.42 5.67
CA SER F 19 45.19 -1.59 5.00
C SER F 19 44.21 -2.75 5.18
N LEU F 20 44.30 -3.71 4.28
CA LEU F 20 43.42 -4.87 4.32
C LEU F 20 44.03 -5.98 3.47
N LYS F 21 43.91 -7.21 3.94
CA LYS F 21 44.41 -8.37 3.22
C LYS F 21 43.24 -9.23 2.78
N LEU F 22 43.24 -9.58 1.50
CA LEU F 22 42.24 -10.46 0.93
C LEU F 22 42.90 -11.77 0.57
N SER F 23 42.11 -12.85 0.56
CA SER F 23 42.63 -14.18 0.28
C SER F 23 41.68 -14.86 -0.67
N CYS F 24 42.23 -15.47 -1.72
CA CYS F 24 41.45 -16.22 -2.70
C CYS F 24 41.95 -17.66 -2.72
N ALA F 25 41.10 -18.59 -2.27
CA ALA F 25 41.44 -20.01 -2.17
C ALA F 25 40.86 -20.77 -3.36
N ALA F 26 41.71 -21.14 -4.31
CA ALA F 26 41.31 -21.89 -5.49
C ALA F 26 41.39 -23.39 -5.19
N SER F 27 40.33 -24.12 -5.53
CA SER F 27 40.32 -25.57 -5.34
C SER F 27 39.83 -26.24 -6.62
N GLY F 28 39.95 -27.56 -6.66
CA GLY F 28 39.38 -28.30 -7.77
C GLY F 28 40.33 -28.70 -8.89
N PHE F 29 41.26 -27.83 -9.27
CA PHE F 29 42.12 -28.04 -10.42
C PHE F 29 43.59 -27.83 -10.05
N THR F 30 44.45 -28.05 -11.04
CA THR F 30 45.89 -27.96 -10.84
C THR F 30 46.28 -26.49 -10.71
N PHE F 31 46.81 -26.12 -9.55
CA PHE F 31 47.30 -24.76 -9.37
C PHE F 31 48.66 -24.62 -10.05
N SER F 32 49.23 -23.42 -9.97
CA SER F 32 50.57 -23.07 -10.44
C SER F 32 50.71 -23.17 -11.95
N SER F 33 49.65 -23.52 -12.69
CA SER F 33 49.73 -23.62 -14.14
C SER F 33 48.99 -22.51 -14.85
N TYR F 34 47.96 -21.94 -14.23
CA TYR F 34 47.21 -20.84 -14.82
C TYR F 34 47.57 -19.53 -14.14
N ASP F 35 47.45 -18.45 -14.88
CA ASP F 35 47.64 -17.12 -14.35
C ASP F 35 46.39 -16.66 -13.59
N MET F 36 46.56 -15.60 -12.78
CA MET F 36 45.49 -15.10 -11.93
C MET F 36 45.51 -13.59 -11.87
N SER F 37 44.33 -13.00 -11.65
CA SER F 37 44.18 -11.56 -11.61
C SER F 37 43.09 -11.20 -10.60
N TRP F 38 43.00 -9.92 -10.28
CA TRP F 38 41.98 -9.38 -9.39
C TRP F 38 41.17 -8.33 -10.13
N VAL F 39 39.86 -8.43 -10.04
CA VAL F 39 38.92 -7.49 -10.65
C VAL F 39 37.94 -7.08 -9.56
N ARG F 40 37.38 -5.87 -9.68
CA ARG F 40 36.49 -5.33 -8.67
C ARG F 40 35.20 -4.88 -9.34
N GLN F 41 34.16 -4.72 -8.51
CA GLN F 41 32.87 -4.22 -8.97
C GLN F 41 32.40 -3.15 -7.99
N THR F 42 32.35 -1.91 -8.45
CA THR F 42 31.95 -0.79 -7.62
C THR F 42 30.44 -0.80 -7.41
N PRO F 43 29.93 -0.04 -6.42
CA PRO F 43 28.48 0.09 -6.30
C PRO F 43 27.80 0.68 -7.53
N GLU F 44 28.56 1.33 -8.42
CA GLU F 44 28.05 1.77 -9.70
C GLU F 44 28.07 0.67 -10.76
N LYS F 45 28.40 -0.56 -10.36
CA LYS F 45 28.40 -1.73 -11.25
C LYS F 45 29.37 -1.55 -12.41
N ARG F 46 30.56 -1.05 -12.11
CA ARG F 46 31.63 -0.89 -13.11
C ARG F 46 32.79 -1.82 -12.75
N LEU F 47 33.20 -2.63 -13.73
CA LEU F 47 34.31 -3.52 -13.54
C LEU F 47 35.63 -2.77 -13.65
N GLU F 48 36.60 -3.14 -12.83
CA GLU F 48 37.89 -2.47 -12.81
C GLU F 48 38.95 -3.51 -12.50
N TRP F 49 40.03 -3.47 -13.28
CA TRP F 49 41.13 -4.41 -13.09
C TRP F 49 42.07 -3.91 -12.00
N VAL F 50 42.57 -4.83 -11.18
CA VAL F 50 43.35 -4.50 -9.98
C VAL F 50 44.81 -4.97 -10.08
N ALA F 51 45.03 -6.31 -10.12
CA ALA F 51 46.38 -6.85 -9.98
C ALA F 51 46.53 -8.13 -10.80
N TYR F 52 47.74 -8.70 -10.84
CA TYR F 52 48.07 -9.89 -11.65
C TYR F 52 49.38 -10.53 -11.15
N ILE F 53 49.45 -11.86 -11.21
CA ILE F 53 50.66 -12.57 -10.83
C ILE F 53 50.86 -13.61 -11.90
N SER F 54 52.12 -13.91 -12.23
CA SER F 54 52.45 -14.74 -13.39
C SER F 54 52.71 -16.17 -12.95
N SER F 55 51.69 -16.72 -12.28
CA SER F 55 51.56 -18.12 -11.93
C SER F 55 52.64 -18.63 -10.97
N GLY F 56 53.66 -17.83 -10.68
CA GLY F 56 54.64 -18.18 -9.67
C GLY F 56 55.06 -16.96 -8.90
N GLY F 57 55.04 -15.86 -9.63
CA GLY F 57 55.21 -14.51 -9.18
C GLY F 57 56.66 -14.11 -9.33
N ASP F 58 56.94 -13.46 -10.45
CA ASP F 58 58.10 -12.59 -10.66
C ASP F 58 57.72 -11.37 -11.45
N TYR F 59 56.63 -11.44 -12.22
CA TYR F 59 56.06 -10.32 -12.96
C TYR F 59 54.72 -10.03 -12.33
N ILE F 60 54.59 -8.84 -11.74
CA ILE F 60 53.33 -8.40 -11.15
C ILE F 60 53.06 -6.99 -11.64
N TYR F 61 51.80 -6.74 -12.00
CA TYR F 61 51.41 -5.47 -12.57
C TYR F 61 50.07 -5.08 -11.98
N TYR F 62 49.92 -3.80 -11.65
CA TYR F 62 48.70 -3.29 -11.04
C TYR F 62 48.13 -2.18 -11.91
N ALA F 63 46.91 -1.77 -11.58
CA ALA F 63 46.25 -0.69 -12.30
C ALA F 63 46.74 0.65 -11.78
N ASP F 64 46.69 1.66 -12.65
CA ASP F 64 47.11 3.00 -12.25
C ASP F 64 46.30 3.51 -11.07
N THR F 65 45.12 2.93 -10.82
CA THR F 65 44.37 3.25 -9.62
C THR F 65 45.08 2.69 -8.38
N VAL F 66 45.74 1.54 -8.51
CA VAL F 66 46.35 0.86 -7.37
C VAL F 66 47.83 0.59 -7.64
N LYS F 67 48.47 1.45 -8.44
CA LYS F 67 49.90 1.32 -8.66
C LYS F 67 50.61 1.85 -7.42
N GLY F 68 51.46 1.01 -6.82
CA GLY F 68 52.14 1.44 -5.62
C GLY F 68 51.31 1.40 -4.35
N ARG F 69 50.04 1.00 -4.43
CA ARG F 69 49.19 0.98 -3.24
C ARG F 69 48.83 -0.41 -2.73
N PHE F 70 48.70 -1.40 -3.60
CA PHE F 70 48.33 -2.76 -3.22
C PHE F 70 49.51 -3.72 -3.40
N THR F 71 49.34 -4.96 -2.93
CA THR F 71 50.40 -5.96 -3.03
C THR F 71 49.79 -7.35 -3.20
N ILE F 72 50.23 -8.06 -4.25
CA ILE F 72 49.74 -9.39 -4.61
C ILE F 72 50.83 -10.44 -4.37
N SER F 73 50.42 -11.61 -3.89
CA SER F 73 51.33 -12.73 -3.62
C SER F 73 50.68 -14.04 -4.06
N ARG F 74 51.49 -15.12 -4.09
CA ARG F 74 51.02 -16.44 -4.51
C ARG F 74 51.54 -17.51 -3.56
N ASP F 75 50.72 -18.54 -3.31
CA ASP F 75 51.07 -19.65 -2.42
C ASP F 75 50.92 -20.99 -3.15
N ASN F 76 52.05 -21.67 -3.40
CA ASN F 76 52.00 -22.98 -4.05
C ASN F 76 51.51 -24.10 -3.13
N ALA F 77 51.52 -23.89 -1.81
CA ALA F 77 51.13 -24.98 -0.92
C ALA F 77 49.65 -24.94 -0.57
N ARG F 78 49.16 -23.80 -0.10
CA ARG F 78 47.74 -23.68 0.21
C ARG F 78 46.89 -23.39 -1.02
N ASN F 79 47.51 -23.17 -2.18
CA ASN F 79 46.78 -22.84 -3.41
C ASN F 79 45.89 -21.61 -3.18
N THR F 80 46.46 -20.60 -2.55
CA THR F 80 45.73 -19.41 -2.13
C THR F 80 46.36 -18.18 -2.75
N LEU F 81 45.51 -17.27 -3.20
CA LEU F 81 45.91 -16.00 -3.78
C LEU F 81 45.56 -14.88 -2.82
N TYR F 82 46.54 -14.04 -2.51
CA TYR F 82 46.37 -12.96 -1.56
C TYR F 82 46.48 -11.62 -2.28
N LEU F 83 45.89 -10.60 -1.66
CA LEU F 83 45.96 -9.24 -2.19
C LEU F 83 46.00 -8.32 -0.98
N GLN F 84 47.19 -7.84 -0.65
CA GLN F 84 47.35 -6.92 0.47
C GLN F 84 46.93 -5.54 -0.03
N MET F 85 45.73 -5.11 0.34
CA MET F 85 45.25 -3.79 -0.01
C MET F 85 45.68 -2.82 1.08
N SER F 86 46.38 -1.77 0.67
CA SER F 86 46.91 -0.78 1.60
C SER F 86 46.65 0.62 1.04
N SER F 87 46.62 1.60 1.95
CA SER F 87 46.34 2.99 1.61
C SER F 87 45.00 3.12 0.87
N LEU F 88 43.96 2.57 1.49
CA LEU F 88 42.66 2.52 0.84
C LEU F 88 42.04 3.92 0.76
N LYS F 89 41.21 4.12 -0.26
CA LYS F 89 40.49 5.37 -0.48
C LYS F 89 38.98 5.08 -0.56
N SER F 90 38.20 6.17 -0.69
CA SER F 90 36.77 6.03 -0.82
C SER F 90 36.39 5.30 -2.10
N GLU F 91 37.15 5.50 -3.18
CA GLU F 91 36.85 4.83 -4.44
C GLU F 91 37.26 3.37 -4.44
N ASP F 92 38.00 2.91 -3.44
CA ASP F 92 38.40 1.51 -3.36
C ASP F 92 37.33 0.61 -2.77
N THR F 93 36.11 1.11 -2.58
CA THR F 93 34.99 0.29 -2.15
C THR F 93 34.38 -0.44 -3.34
N ALA F 94 34.45 -1.77 -3.34
CA ALA F 94 33.97 -2.55 -4.45
C ALA F 94 33.85 -4.01 -4.04
N MET F 95 33.18 -4.79 -4.88
CA MET F 95 33.14 -6.25 -4.75
C MET F 95 34.21 -6.86 -5.64
N TYR F 96 35.22 -7.48 -5.02
CA TYR F 96 36.40 -7.98 -5.71
C TYR F 96 36.27 -9.45 -6.08
N TYR F 97 36.73 -9.79 -7.29
CA TYR F 97 36.72 -11.15 -7.79
C TYR F 97 38.12 -11.57 -8.20
N CYS F 98 38.47 -12.83 -7.95
CA CYS F 98 39.76 -13.40 -8.32
C CYS F 98 39.55 -14.41 -9.44
N THR F 99 40.27 -14.23 -10.55
CA THR F 99 40.05 -14.98 -11.78
C THR F 99 41.22 -15.92 -12.06
N ARG F 100 40.90 -17.20 -12.25
CA ARG F 100 41.87 -18.21 -12.71
C ARG F 100 41.80 -18.26 -14.23
N VAL F 101 42.60 -17.44 -14.89
CA VAL F 101 42.56 -17.32 -16.35
C VAL F 101 43.93 -17.61 -16.93
N GLY F 102 43.95 -18.34 -18.06
CA GLY F 102 45.15 -18.46 -18.85
C GLY F 102 44.84 -18.01 -20.26
N GLU F 103 45.36 -16.83 -20.61
CA GLU F 103 45.03 -16.12 -21.85
C GLU F 103 45.70 -16.68 -23.10
N TYR F 104 46.47 -17.77 -22.99
CA TYR F 104 47.10 -18.33 -24.17
C TYR F 104 46.13 -19.07 -25.08
N ASP F 105 44.97 -19.49 -24.57
CA ASP F 105 43.95 -20.09 -25.41
C ASP F 105 42.62 -19.35 -25.34
N ALA F 106 42.22 -18.92 -24.15
CA ALA F 106 41.05 -18.09 -23.93
C ALA F 106 41.39 -17.07 -22.87
N TRP F 107 40.73 -15.93 -22.90
CA TRP F 107 41.06 -14.87 -21.95
C TRP F 107 40.17 -15.02 -20.71
N PHE F 108 39.96 -13.93 -19.97
CA PHE F 108 39.24 -13.95 -18.70
C PHE F 108 37.97 -14.80 -18.76
N ALA F 109 37.99 -15.92 -18.04
CA ALA F 109 36.96 -16.95 -18.14
C ALA F 109 36.25 -17.22 -16.83
N TYR F 110 37.00 -17.52 -15.77
CA TYR F 110 36.43 -18.02 -14.53
C TYR F 110 36.39 -16.90 -13.49
N TRP F 111 35.24 -16.76 -12.83
CA TRP F 111 35.06 -15.76 -11.79
C TRP F 111 34.53 -16.44 -10.53
N ASP F 112 34.22 -15.63 -9.51
CA ASP F 112 33.79 -16.14 -8.23
C ASP F 112 32.48 -15.51 -7.79
N GLN F 113 32.12 -15.72 -6.52
CA GLN F 113 30.99 -15.03 -5.92
C GLN F 113 31.40 -13.70 -5.32
N GLY F 114 32.70 -13.44 -5.18
CA GLY F 114 33.20 -12.14 -4.80
C GLY F 114 33.45 -11.98 -3.32
N THR F 115 34.19 -10.93 -2.98
CA THR F 115 34.39 -10.49 -1.62
C THR F 115 34.19 -8.98 -1.57
N LEU F 116 33.46 -8.53 -0.56
CA LEU F 116 33.05 -7.14 -0.43
C LEU F 116 33.87 -6.44 0.65
N VAL F 117 34.51 -5.33 0.28
CA VAL F 117 35.20 -4.48 1.23
C VAL F 117 34.61 -3.08 1.10
N THR F 118 34.36 -2.44 2.23
CA THR F 118 33.72 -1.14 2.28
C THR F 118 34.65 -0.13 2.92
N VAL F 119 34.81 1.02 2.27
CA VAL F 119 35.62 2.13 2.79
C VAL F 119 34.70 3.32 2.96
N SER F 120 34.27 3.57 4.19
CA SER F 120 33.36 4.66 4.48
C SER F 120 33.92 5.64 5.50
N GLY F 121 34.61 5.14 6.52
CA GLY F 121 35.06 5.96 7.63
C GLY F 121 34.04 6.15 8.72
N ALA F 122 32.85 5.58 8.57
CA ALA F 122 31.79 5.69 9.55
C ALA F 122 31.90 4.57 10.59
N SER F 123 31.01 4.60 11.58
CA SER F 123 31.03 3.63 12.66
C SER F 123 30.23 2.38 12.28
N THR F 124 30.82 1.22 12.51
CA THR F 124 30.17 -0.06 12.22
C THR F 124 29.09 -0.37 13.24
N LYS F 125 27.91 -0.76 12.74
CA LYS F 125 26.79 -1.14 13.59
C LYS F 125 26.60 -2.66 13.58
N GLY F 126 25.82 -3.13 14.55
CA GLY F 126 25.52 -4.53 14.69
C GLY F 126 24.04 -4.80 14.51
N PRO F 127 23.69 -5.93 13.90
CA PRO F 127 22.28 -6.23 13.65
C PRO F 127 21.52 -6.52 14.93
N SER F 128 20.19 -6.38 14.83
CA SER F 128 19.26 -6.72 15.89
C SER F 128 18.30 -7.77 15.34
N VAL F 129 18.45 -9.00 15.81
CA VAL F 129 17.73 -10.13 15.24
C VAL F 129 16.41 -10.32 15.99
N PHE F 130 15.32 -10.46 15.25
CA PHE F 130 13.98 -10.66 15.79
C PHE F 130 13.25 -11.80 15.09
N PRO F 131 12.43 -12.54 15.84
CA PRO F 131 11.66 -13.64 15.24
C PRO F 131 10.40 -13.13 14.55
N LEU F 132 9.98 -13.88 13.52
CA LEU F 132 8.76 -13.59 12.78
C LEU F 132 7.67 -14.57 13.20
N ALA F 133 6.56 -14.04 13.69
CA ALA F 133 5.49 -14.91 14.19
C ALA F 133 4.79 -15.58 13.01
N PRO F 134 4.69 -16.90 12.99
CA PRO F 134 4.05 -17.59 11.84
C PRO F 134 2.54 -17.44 11.83
N SER F 135 1.97 -17.69 10.65
CA SER F 135 0.53 -17.71 10.47
C SER F 135 0.03 -19.15 10.55
N SER F 136 -0.99 -19.39 11.37
CA SER F 136 -1.50 -20.74 11.58
C SER F 136 -2.81 -21.01 10.84
N LYS F 137 -3.44 -20.03 10.22
CA LYS F 137 -4.79 -20.25 9.72
C LYS F 137 -5.05 -19.62 8.34
N SER F 138 -6.27 -19.92 7.86
CA SER F 138 -6.91 -19.40 6.64
C SER F 138 -6.05 -19.43 5.38
N THR F 139 -5.29 -20.51 5.20
CA THR F 139 -4.68 -20.80 3.91
C THR F 139 -5.64 -21.68 3.11
N SER F 140 -5.23 -22.10 1.92
CA SER F 140 -6.01 -23.02 1.09
C SER F 140 -5.41 -24.40 1.17
N GLY F 141 -4.74 -24.68 2.29
CA GLY F 141 -3.94 -25.89 2.46
C GLY F 141 -2.50 -25.58 2.07
N GLY F 142 -2.16 -24.29 2.13
CA GLY F 142 -0.87 -23.72 1.71
C GLY F 142 0.26 -23.84 2.71
N THR F 143 0.47 -25.01 3.27
CA THR F 143 1.61 -25.27 4.19
C THR F 143 1.73 -24.20 5.27
N ALA F 144 2.67 -23.27 5.11
CA ALA F 144 2.87 -22.31 6.20
C ALA F 144 4.18 -21.57 5.94
N ALA F 145 4.40 -20.41 6.55
CA ALA F 145 5.66 -19.70 6.34
C ALA F 145 6.14 -19.04 7.61
N LEU F 146 7.40 -19.31 7.99
CA LEU F 146 8.03 -18.63 9.11
C LEU F 146 9.37 -18.08 8.65
N GLY F 147 9.87 -17.08 9.38
CA GLY F 147 11.09 -16.41 8.97
C GLY F 147 11.89 -15.75 10.06
N CYS F 148 12.72 -14.78 9.68
CA CYS F 148 13.67 -14.15 10.58
C CYS F 148 13.82 -12.68 10.20
N LEU F 149 14.02 -11.84 11.21
CA LEU F 149 14.13 -10.39 11.02
C LEU F 149 15.50 -9.92 11.49
N VAL F 150 16.32 -9.44 10.55
CA VAL F 150 17.64 -8.88 10.84
C VAL F 150 17.57 -7.37 10.65
N LYS F 151 17.57 -6.63 11.75
CA LYS F 151 17.33 -5.19 11.73
C LYS F 151 18.59 -4.42 12.09
N ASP F 152 18.79 -3.29 11.40
CA ASP F 152 19.74 -2.26 11.80
C ASP F 152 21.18 -2.81 11.87
N TYR F 153 21.69 -3.20 10.71
CA TYR F 153 23.08 -3.64 10.62
C TYR F 153 23.82 -2.83 9.55
N PHE F 154 25.14 -2.79 9.68
CA PHE F 154 26.00 -2.09 8.73
C PHE F 154 27.42 -2.58 8.95
N PRO F 155 28.18 -2.86 7.87
CA PRO F 155 27.83 -2.75 6.46
C PRO F 155 27.41 -4.08 5.85
N GLU F 156 27.35 -4.13 4.53
CA GLU F 156 27.01 -5.34 3.81
C GLU F 156 28.22 -6.27 3.72
N PRO F 157 28.00 -7.59 3.67
CA PRO F 157 26.71 -8.30 3.66
C PRO F 157 26.47 -9.08 4.95
N VAL F 158 25.31 -9.71 5.08
CA VAL F 158 25.05 -10.66 6.16
C VAL F 158 24.54 -11.98 5.57
N THR F 159 24.92 -13.07 6.23
CA THR F 159 24.52 -14.42 5.83
C THR F 159 23.60 -15.02 6.89
N VAL F 160 22.48 -15.59 6.44
CA VAL F 160 21.47 -16.16 7.34
C VAL F 160 21.33 -17.64 7.03
N SER F 161 21.56 -18.47 8.04
CA SER F 161 21.37 -19.91 7.94
C SER F 161 20.24 -20.37 8.85
N TRP F 162 19.77 -21.59 8.62
CA TRP F 162 18.67 -22.16 9.37
C TRP F 162 19.04 -23.57 9.82
N ASN F 163 19.16 -23.77 11.14
CA ASN F 163 19.49 -25.08 11.71
C ASN F 163 20.81 -25.63 11.16
N SER F 164 21.78 -24.72 10.96
CA SER F 164 23.15 -25.07 10.57
C SER F 164 23.22 -25.77 9.21
N GLY F 165 22.36 -25.38 8.28
CA GLY F 165 22.39 -25.96 6.95
C GLY F 165 21.46 -27.13 6.74
N ALA F 166 20.56 -27.39 7.69
CA ALA F 166 19.62 -28.50 7.59
C ALA F 166 18.28 -28.08 7.01
N LEU F 167 18.08 -26.78 6.78
CA LEU F 167 16.84 -26.26 6.23
C LEU F 167 17.14 -25.46 4.97
N THR F 168 17.83 -26.08 4.02
CA THR F 168 18.28 -25.46 2.79
C THR F 168 17.28 -25.62 1.65
N SER F 169 16.08 -26.14 1.94
CA SER F 169 15.04 -26.36 0.92
C SER F 169 13.79 -25.57 1.27
N GLY F 170 13.47 -24.56 0.47
CA GLY F 170 12.23 -23.81 0.64
C GLY F 170 12.42 -22.52 1.41
N VAL F 171 13.55 -21.86 1.14
CA VAL F 171 13.92 -20.62 1.81
C VAL F 171 14.21 -19.56 0.75
N HIS F 172 13.75 -18.34 1.02
CA HIS F 172 14.09 -17.17 0.22
C HIS F 172 14.73 -16.16 1.16
N THR F 173 16.00 -15.84 0.90
CA THR F 173 16.72 -14.83 1.65
C THR F 173 16.63 -13.54 0.84
N PHE F 174 15.97 -12.59 1.38
CA PHE F 174 15.74 -11.41 0.56
C PHE F 174 16.91 -10.45 0.67
N PRO F 175 17.16 -9.68 -0.38
CA PRO F 175 18.31 -8.75 -0.40
C PRO F 175 18.19 -7.70 0.71
N ALA F 176 19.30 -7.00 0.92
CA ALA F 176 19.36 -6.02 1.99
C ALA F 176 18.76 -4.70 1.54
N VAL F 177 18.17 -3.98 2.50
CA VAL F 177 17.60 -2.66 2.26
C VAL F 177 18.46 -1.62 2.99
N LEU F 178 18.76 -0.52 2.29
CA LEU F 178 19.52 0.60 2.84
C LEU F 178 18.57 1.67 3.37
N GLN F 179 18.37 1.71 4.68
CA GLN F 179 17.51 2.73 5.26
C GLN F 179 18.22 4.09 5.19
N SER F 180 17.42 5.16 5.28
CA SER F 180 17.97 6.50 5.19
C SER F 180 18.53 6.96 6.52
N SER F 181 19.36 6.11 7.14
CA SER F 181 20.04 6.45 8.38
C SER F 181 21.47 5.93 8.42
N GLY F 182 21.93 5.25 7.38
CA GLY F 182 23.22 4.60 7.37
C GLY F 182 23.23 3.17 7.87
N LEU F 183 22.08 2.52 8.00
CA LEU F 183 22.01 1.15 8.46
C LEU F 183 21.28 0.30 7.42
N TYR F 184 21.45 -1.01 7.51
CA TYR F 184 20.79 -1.97 6.62
C TYR F 184 19.78 -2.80 7.40
N SER F 185 19.06 -3.65 6.68
CA SER F 185 18.08 -4.54 7.28
C SER F 185 17.78 -5.69 6.34
N LEU F 186 17.91 -6.92 6.82
CA LEU F 186 17.70 -8.11 6.01
C LEU F 186 16.69 -9.01 6.68
N SER F 187 16.03 -9.86 5.87
CA SER F 187 15.09 -10.83 6.39
C SER F 187 15.10 -12.06 5.51
N SER F 188 15.06 -13.24 6.13
CA SER F 188 15.00 -14.52 5.45
C SER F 188 13.80 -15.30 5.97
N VAL F 189 13.13 -16.01 5.06
CA VAL F 189 11.89 -16.72 5.37
C VAL F 189 11.95 -18.12 4.79
N VAL F 190 11.57 -19.11 5.58
CA VAL F 190 11.55 -20.51 5.16
C VAL F 190 10.11 -20.98 5.04
N THR F 191 9.91 -22.05 4.27
CA THR F 191 8.59 -22.62 4.04
C THR F 191 8.50 -23.99 4.73
N VAL F 192 7.54 -24.11 5.64
CA VAL F 192 7.36 -25.33 6.42
C VAL F 192 5.88 -25.70 6.43
N PRO F 193 5.52 -26.96 6.21
CA PRO F 193 4.11 -27.35 6.28
C PRO F 193 3.56 -27.18 7.69
N SER F 194 2.29 -26.77 7.76
CA SER F 194 1.65 -26.56 9.06
C SER F 194 1.44 -27.85 9.82
N SER F 195 1.59 -29.01 9.16
CA SER F 195 1.52 -30.29 9.85
C SER F 195 2.72 -30.50 10.77
N SER F 196 3.91 -30.17 10.27
CA SER F 196 5.17 -30.28 11.01
C SER F 196 5.56 -28.96 11.68
N LEU F 197 4.57 -28.20 12.13
CA LEU F 197 4.78 -26.88 12.71
C LEU F 197 5.02 -26.88 14.21
N GLY F 198 4.52 -27.90 14.90
CA GLY F 198 4.66 -28.00 16.34
C GLY F 198 5.56 -29.10 16.85
N THR F 199 6.36 -29.74 15.98
CA THR F 199 7.14 -30.89 16.39
C THR F 199 8.64 -30.70 16.27
N GLN F 200 9.12 -30.00 15.24
CA GLN F 200 10.55 -29.80 15.04
C GLN F 200 10.91 -28.36 15.35
N THR F 201 12.11 -28.17 15.89
CA THR F 201 12.60 -26.87 16.31
C THR F 201 13.38 -26.18 15.19
N TYR F 202 12.97 -24.95 14.86
CA TYR F 202 13.56 -24.16 13.79
C TYR F 202 14.31 -22.98 14.37
N ILE F 203 15.60 -22.88 14.05
CA ILE F 203 16.48 -21.85 14.59
C ILE F 203 17.04 -21.03 13.44
N CYS F 204 17.08 -19.71 13.62
CA CYS F 204 17.60 -18.78 12.62
C CYS F 204 19.04 -18.41 13.00
N ASN F 205 19.99 -18.77 12.14
CA ASN F 205 21.41 -18.61 12.40
C ASN F 205 21.97 -17.48 11.54
N VAL F 206 22.23 -16.33 12.17
CA VAL F 206 22.78 -15.15 11.52
C VAL F 206 24.21 -14.94 11.98
N ASN F 207 25.11 -14.67 11.04
CA ASN F 207 26.51 -14.38 11.32
C ASN F 207 26.91 -13.12 10.57
N HIS F 208 27.94 -12.43 11.08
CA HIS F 208 28.37 -11.18 10.47
C HIS F 208 29.86 -10.97 10.74
N LYS F 209 30.69 -11.07 9.71
CA LYS F 209 32.14 -11.00 9.92
C LYS F 209 32.63 -9.61 10.31
N PRO F 210 32.25 -8.50 9.63
CA PRO F 210 32.80 -7.19 10.01
C PRO F 210 32.64 -6.83 11.49
N SER F 211 31.41 -6.89 12.00
CA SER F 211 31.12 -6.72 13.42
C SER F 211 30.79 -8.10 13.97
N ASN F 212 31.64 -8.63 14.83
CA ASN F 212 31.58 -10.05 15.19
C ASN F 212 30.30 -10.27 15.99
N THR F 213 29.20 -10.40 15.25
CA THR F 213 27.87 -10.60 15.82
C THR F 213 27.29 -11.90 15.26
N LYS F 214 27.65 -13.02 15.89
CA LYS F 214 27.14 -14.33 15.49
C LYS F 214 25.96 -14.65 16.41
N VAL F 215 24.76 -14.26 15.99
CA VAL F 215 23.56 -14.41 16.79
C VAL F 215 22.70 -15.51 16.17
N ASP F 216 22.30 -16.47 16.99
CA ASP F 216 21.31 -17.48 16.63
C ASP F 216 19.99 -17.13 17.27
N LYS F 217 18.90 -17.29 16.51
CA LYS F 217 17.58 -16.92 16.98
C LYS F 217 16.58 -18.03 16.69
N ARG F 218 15.85 -18.43 17.73
CA ARG F 218 14.83 -19.45 17.58
C ARG F 218 13.50 -18.80 17.22
N VAL F 219 12.81 -19.39 16.26
CA VAL F 219 11.51 -18.92 15.83
C VAL F 219 10.50 -19.96 16.28
N GLU F 220 9.67 -19.60 17.22
CA GLU F 220 8.67 -20.52 17.69
C GLU F 220 7.31 -20.01 17.24
N PRO F 221 6.34 -20.89 16.99
CA PRO F 221 4.99 -20.38 16.77
C PRO F 221 4.47 -19.78 18.06
N LYS F 222 4.00 -18.55 17.99
CA LYS F 222 3.61 -17.90 19.23
C LYS F 222 2.15 -18.16 19.54
N SER F 223 1.32 -18.24 18.50
CA SER F 223 -0.10 -18.58 18.62
C SER F 223 -0.80 -17.77 19.70
N CYS F 224 -0.27 -16.60 20.05
CA CYS F 224 -0.85 -15.84 21.13
C CYS F 224 -2.19 -15.25 20.72
N ASP F 225 -3.08 -15.10 21.69
CA ASP F 225 -4.40 -14.53 21.44
C ASP F 225 -4.39 -13.02 21.70
N GLN G 3 41.55 9.03 -20.00
CA GLN G 3 41.97 8.26 -21.17
C GLN G 3 41.62 6.78 -21.01
N ALA G 4 41.46 6.11 -22.16
CA ALA G 4 41.18 4.68 -22.23
C ALA G 4 39.86 4.35 -21.52
N VAL G 5 38.79 4.96 -22.03
CA VAL G 5 37.43 4.74 -21.54
C VAL G 5 36.63 4.06 -22.63
N VAL G 6 36.12 2.87 -22.34
CA VAL G 6 35.35 2.08 -23.30
C VAL G 6 33.86 2.25 -23.01
N THR G 7 33.07 2.46 -24.06
CA THR G 7 31.64 2.66 -23.95
C THR G 7 30.92 1.66 -24.84
N GLN G 8 29.73 1.26 -24.42
CA GLN G 8 28.92 0.28 -25.14
C GLN G 8 27.45 0.54 -24.81
N GLU G 9 26.58 -0.35 -25.28
CA GLU G 9 25.15 -0.19 -25.06
C GLU G 9 24.81 -0.39 -23.58
N SER G 10 23.67 0.17 -23.18
CA SER G 10 23.20 0.06 -21.80
C SER G 10 22.11 -0.98 -21.63
N ALA G 11 21.16 -1.07 -22.57
CA ALA G 11 20.08 -2.04 -22.48
C ALA G 11 19.56 -2.36 -23.87
N LEU G 12 19.43 -3.65 -24.17
CA LEU G 12 18.82 -4.13 -25.41
C LEU G 12 17.77 -5.18 -25.07
N THR G 13 17.02 -5.59 -26.09
CA THR G 13 15.97 -6.59 -25.93
C THR G 13 15.77 -7.36 -27.22
N THR G 14 15.35 -8.61 -27.10
CA THR G 14 15.15 -9.49 -28.25
C THR G 14 14.15 -10.58 -27.87
N SER G 15 13.83 -11.43 -28.84
CA SER G 15 12.93 -12.55 -28.69
C SER G 15 13.59 -13.82 -29.23
N PRO G 16 13.20 -14.98 -28.71
CA PRO G 16 13.79 -16.23 -29.18
C PRO G 16 13.65 -16.42 -30.69
N GLY G 17 14.79 -16.64 -31.35
CA GLY G 17 14.87 -16.82 -32.78
C GLY G 17 15.47 -15.65 -33.54
N GLU G 18 15.55 -14.48 -32.93
CA GLU G 18 16.09 -13.30 -33.60
C GLU G 18 17.60 -13.18 -33.38
N THR G 19 18.21 -12.30 -34.18
CA THR G 19 19.66 -12.06 -34.15
C THR G 19 19.95 -10.71 -33.50
N VAL G 20 20.83 -10.72 -32.49
CA VAL G 20 21.22 -9.52 -31.76
C VAL G 20 22.67 -9.20 -32.07
N THR G 21 23.07 -7.95 -31.82
CA THR G 21 24.45 -7.52 -32.03
C THR G 21 24.79 -6.40 -31.06
N LEU G 22 25.82 -6.60 -30.25
CA LEU G 22 26.31 -5.64 -29.27
C LEU G 22 27.62 -5.01 -29.75
N THR G 23 27.84 -3.75 -29.39
CA THR G 23 28.99 -3.01 -29.84
C THR G 23 29.96 -2.72 -28.68
N CYS G 24 31.17 -2.31 -29.05
CA CYS G 24 32.20 -1.93 -28.08
C CYS G 24 33.14 -0.95 -28.76
N ARG G 25 32.92 0.34 -28.55
CA ARG G 25 33.65 1.40 -29.22
C ARG G 25 34.76 1.99 -28.34
N SER G 26 35.85 2.41 -28.98
CA SER G 26 36.98 3.04 -28.32
C SER G 26 37.03 4.51 -28.70
N SER G 27 37.55 5.35 -27.78
CA SER G 27 37.53 6.79 -28.00
C SER G 27 38.73 7.31 -28.80
N THR G 28 39.93 6.77 -28.59
CA THR G 28 41.10 7.27 -29.30
C THR G 28 41.16 6.77 -30.73
N GLY G 29 40.27 5.85 -31.10
CA GLY G 29 40.22 5.37 -32.48
C GLY G 29 39.44 4.07 -32.59
N ALA G 30 39.78 3.30 -33.62
CA ALA G 30 39.05 2.09 -33.97
C ALA G 30 39.49 0.88 -33.17
N VAL G 31 38.54 0.00 -32.89
CA VAL G 31 38.81 -1.27 -32.22
C VAL G 31 39.40 -2.22 -33.26
N THR G 32 40.70 -2.45 -33.19
CA THR G 32 41.43 -3.34 -34.09
C THR G 32 41.66 -4.69 -33.42
N THR G 33 42.27 -5.61 -34.18
CA THR G 33 42.66 -6.90 -33.61
C THR G 33 43.67 -6.76 -32.50
N SER G 34 44.41 -5.63 -32.45
CA SER G 34 45.35 -5.35 -31.38
C SER G 34 44.67 -4.93 -30.09
N ASN G 35 43.33 -5.00 -30.02
CA ASN G 35 42.60 -4.63 -28.81
C ASN G 35 42.08 -5.84 -28.04
N TYR G 36 42.07 -7.03 -28.66
CA TYR G 36 41.77 -8.29 -28.00
C TYR G 36 40.49 -8.20 -27.16
N ALA G 37 39.38 -7.91 -27.85
CA ALA G 37 38.11 -7.67 -27.18
C ALA G 37 37.63 -8.92 -26.45
N ASN G 38 37.25 -8.74 -25.19
CA ASN G 38 36.69 -9.80 -24.37
C ASN G 38 35.24 -9.52 -23.99
N TRP G 39 34.52 -10.60 -23.71
CA TRP G 39 33.11 -10.54 -23.38
C TRP G 39 32.84 -11.43 -22.18
N VAL G 40 32.38 -10.82 -21.09
CA VAL G 40 32.05 -11.53 -19.87
C VAL G 40 30.53 -11.53 -19.74
N GLN G 41 30.02 -12.49 -18.96
CA GLN G 41 28.58 -12.70 -18.84
C GLN G 41 28.20 -12.72 -17.35
N GLU G 42 27.51 -11.66 -16.91
CA GLU G 42 27.07 -11.55 -15.52
C GLU G 42 25.69 -12.17 -15.40
N LYS G 43 25.62 -13.37 -14.85
CA LYS G 43 24.35 -14.03 -14.57
C LYS G 43 23.88 -13.66 -13.17
N PRO G 44 22.62 -13.93 -12.84
CA PRO G 44 22.12 -13.62 -11.50
C PRO G 44 22.93 -14.31 -10.41
N ASP G 45 22.83 -13.76 -9.20
CA ASP G 45 23.62 -14.18 -8.04
C ASP G 45 25.12 -14.02 -8.31
N HIS G 46 25.47 -13.01 -9.11
CA HIS G 46 26.86 -12.63 -9.38
C HIS G 46 27.67 -13.81 -9.93
N LEU G 47 27.24 -14.28 -11.10
CA LEU G 47 27.87 -15.39 -11.80
C LEU G 47 28.48 -14.87 -13.10
N PHE G 48 29.74 -14.42 -13.03
CA PHE G 48 30.45 -13.92 -14.21
C PHE G 48 31.20 -15.05 -14.91
N ALA G 49 30.91 -15.22 -16.20
CA ALA G 49 31.56 -16.24 -17.01
C ALA G 49 32.12 -15.59 -18.27
N GLY G 50 33.40 -15.81 -18.54
CA GLY G 50 34.00 -15.30 -19.76
C GLY G 50 33.55 -16.10 -20.96
N LEU G 51 33.12 -15.39 -22.02
CA LEU G 51 32.53 -16.03 -23.19
C LEU G 51 33.42 -15.97 -24.43
N ILE G 52 33.97 -14.80 -24.75
CA ILE G 52 34.75 -14.61 -25.97
C ILE G 52 36.05 -13.87 -25.65
N GLY G 53 37.15 -14.35 -26.24
CA GLY G 53 38.42 -13.64 -26.15
C GLY G 53 39.00 -13.47 -27.54
N GLY G 54 40.03 -12.62 -27.63
CA GLY G 54 40.69 -12.33 -28.88
C GLY G 54 39.77 -11.78 -29.95
N THR G 55 38.59 -11.34 -29.52
CA THR G 55 37.54 -10.72 -30.34
C THR G 55 36.85 -11.76 -31.22
N LYS G 56 37.41 -12.97 -31.30
CA LYS G 56 36.71 -14.07 -31.96
C LYS G 56 36.83 -15.40 -31.25
N ASN G 57 37.80 -15.60 -30.37
CA ASN G 57 38.02 -16.91 -29.77
C ASN G 57 37.02 -17.15 -28.65
N ARG G 58 36.30 -18.26 -28.74
CA ARG G 58 35.22 -18.61 -27.84
C ARG G 58 35.68 -19.71 -26.89
N ALA G 59 35.16 -19.68 -25.65
CA ALA G 59 35.52 -20.68 -24.66
C ALA G 59 35.04 -22.06 -25.11
N PRO G 60 35.66 -23.13 -24.61
CA PRO G 60 35.30 -24.48 -25.08
C PRO G 60 33.92 -24.93 -24.66
N GLY G 61 33.31 -24.31 -23.64
CA GLY G 61 32.00 -24.70 -23.16
C GLY G 61 30.87 -23.76 -23.51
N VAL G 62 31.11 -22.77 -24.37
CA VAL G 62 30.11 -21.77 -24.73
C VAL G 62 29.53 -22.16 -26.09
N PRO G 63 28.21 -22.16 -26.27
CA PRO G 63 27.62 -22.61 -27.53
C PRO G 63 28.02 -21.72 -28.71
N ALA G 64 27.80 -22.24 -29.91
CA ALA G 64 28.18 -21.57 -31.14
C ALA G 64 27.24 -20.43 -31.51
N ARG G 65 26.15 -20.23 -30.77
CA ARG G 65 25.25 -19.11 -31.05
C ARG G 65 25.86 -17.76 -30.72
N PHE G 66 26.92 -17.72 -29.92
CA PHE G 66 27.60 -16.47 -29.57
C PHE G 66 28.75 -16.23 -30.54
N SER G 67 28.63 -15.21 -31.38
CA SER G 67 29.64 -14.90 -32.39
C SER G 67 30.23 -13.52 -32.13
N GLY G 68 31.53 -13.47 -31.89
CA GLY G 68 32.26 -12.23 -31.71
C GLY G 68 32.95 -11.83 -33.01
N SER G 69 32.89 -10.54 -33.33
CA SER G 69 33.42 -10.03 -34.59
C SER G 69 33.88 -8.59 -34.41
N LEU G 70 34.31 -7.98 -35.53
CA LEU G 70 34.87 -6.63 -35.53
C LEU G 70 34.14 -5.83 -36.61
N ILE G 71 33.11 -5.08 -36.19
CA ILE G 71 32.23 -4.36 -37.10
C ILE G 71 32.60 -2.89 -37.09
N GLY G 72 32.93 -2.34 -38.27
CA GLY G 72 33.19 -0.92 -38.39
C GLY G 72 34.36 -0.45 -37.55
N ASP G 73 34.13 0.60 -36.78
CA ASP G 73 35.15 1.19 -35.91
C ASP G 73 35.11 0.63 -34.50
N LYS G 74 34.38 -0.47 -34.28
CA LYS G 74 34.21 -1.05 -32.97
C LYS G 74 34.15 -2.57 -33.11
N ALA G 75 33.84 -3.25 -32.01
CA ALA G 75 33.73 -4.70 -31.97
C ALA G 75 32.27 -5.11 -32.09
N ALA G 76 32.02 -6.43 -32.04
CA ALA G 76 30.66 -6.93 -32.17
C ALA G 76 30.52 -8.26 -31.44
N LEU G 77 29.35 -8.48 -30.85
CA LEU G 77 28.98 -9.76 -30.24
C LEU G 77 27.61 -10.14 -30.78
N THR G 78 27.60 -10.96 -31.83
CA THR G 78 26.36 -11.37 -32.48
C THR G 78 25.87 -12.70 -31.91
N ILE G 79 24.59 -12.75 -31.53
CA ILE G 79 24.00 -13.96 -30.99
C ILE G 79 22.94 -14.48 -31.96
N THR G 80 23.34 -15.40 -32.83
CA THR G 80 22.46 -15.99 -33.83
C THR G 80 21.75 -17.19 -33.22
N GLY G 81 20.45 -17.06 -32.98
CA GLY G 81 19.72 -18.11 -32.30
C GLY G 81 19.51 -17.79 -30.84
N ALA G 82 19.02 -16.58 -30.56
CA ALA G 82 18.80 -16.15 -29.18
C ALA G 82 17.91 -17.15 -28.45
N GLN G 83 18.11 -17.24 -27.14
CA GLN G 83 17.42 -18.20 -26.31
C GLN G 83 16.92 -17.48 -25.05
N THR G 84 16.16 -18.21 -24.23
CA THR G 84 15.70 -17.64 -22.98
C THR G 84 16.85 -17.46 -21.99
N GLU G 85 17.88 -18.29 -22.10
CA GLU G 85 19.06 -18.24 -21.23
C GLU G 85 20.05 -17.14 -21.61
N ASP G 86 19.66 -16.21 -22.49
CA ASP G 86 20.55 -15.13 -22.92
C ASP G 86 20.29 -13.80 -22.21
N GLU G 87 19.29 -13.71 -21.33
CA GLU G 87 19.03 -12.46 -20.61
C GLU G 87 20.06 -12.31 -19.50
N ALA G 88 21.01 -11.39 -19.69
CA ALA G 88 22.05 -11.12 -18.70
C ALA G 88 22.73 -9.80 -19.07
N ILE G 89 23.72 -9.42 -18.27
CA ILE G 89 24.56 -8.27 -18.54
C ILE G 89 25.84 -8.78 -19.19
N TYR G 90 26.21 -8.16 -20.32
CA TYR G 90 27.37 -8.58 -21.09
C TYR G 90 28.38 -7.44 -21.11
N PHE G 91 29.60 -7.72 -20.70
CA PHE G 91 30.64 -6.70 -20.56
C PHE G 91 31.65 -6.84 -21.69
N CYS G 92 32.32 -5.73 -22.02
CA CYS G 92 33.40 -5.72 -22.99
C CYS G 92 34.70 -5.27 -22.35
N ALA G 93 35.81 -5.82 -22.84
CA ALA G 93 37.14 -5.50 -22.32
C ALA G 93 38.14 -5.42 -23.47
N LEU G 94 38.72 -4.24 -23.68
CA LEU G 94 39.73 -4.03 -24.71
C LEU G 94 41.12 -3.95 -24.09
N TRP G 95 42.10 -4.54 -24.76
CA TRP G 95 43.47 -4.57 -24.25
C TRP G 95 44.28 -3.39 -24.79
N TYR G 96 44.83 -2.59 -23.87
CA TYR G 96 45.82 -1.58 -24.17
C TYR G 96 47.17 -2.02 -23.63
N SER G 97 48.24 -1.52 -24.27
CA SER G 97 49.60 -2.06 -24.08
C SER G 97 49.93 -2.27 -22.61
N ASN G 98 49.30 -1.51 -21.71
CA ASN G 98 49.47 -1.68 -20.28
C ASN G 98 48.18 -1.96 -19.54
N HIS G 99 47.02 -1.65 -20.10
CA HIS G 99 45.80 -1.64 -19.33
C HIS G 99 44.81 -2.66 -19.84
N TRP G 100 43.78 -2.87 -19.01
CA TRP G 100 42.61 -3.68 -19.33
C TRP G 100 41.44 -2.83 -18.86
N VAL G 101 40.74 -2.20 -19.80
CA VAL G 101 39.66 -1.30 -19.45
C VAL G 101 38.35 -1.99 -19.82
N PHE G 102 37.29 -1.61 -19.11
CA PHE G 102 36.00 -2.26 -19.29
C PHE G 102 34.95 -1.24 -19.69
N GLY G 103 33.91 -1.75 -20.34
CA GLY G 103 32.71 -0.99 -20.62
C GLY G 103 31.75 -1.03 -19.46
N GLY G 104 30.57 -0.45 -19.69
CA GLY G 104 29.55 -0.44 -18.65
C GLY G 104 28.73 -1.71 -18.60
N GLY G 105 28.59 -2.40 -19.73
CA GLY G 105 27.78 -3.59 -19.74
C GLY G 105 26.48 -3.32 -20.46
N THR G 106 26.05 -4.27 -21.28
CA THR G 106 24.80 -4.16 -22.01
C THR G 106 23.83 -5.17 -21.42
N LYS G 107 22.84 -4.66 -20.68
CA LYS G 107 21.84 -5.52 -20.07
C LYS G 107 20.89 -5.99 -21.16
N LEU G 108 21.04 -7.24 -21.57
CA LEU G 108 20.22 -7.81 -22.63
C LEU G 108 18.96 -8.43 -22.05
N THR G 109 17.81 -8.03 -22.60
CA THR G 109 16.53 -8.59 -22.21
C THR G 109 16.06 -9.58 -23.27
N VAL G 110 15.44 -10.67 -22.82
CA VAL G 110 14.89 -11.69 -23.70
C VAL G 110 13.44 -11.90 -23.31
N LEU G 111 12.56 -11.97 -24.30
CA LEU G 111 11.13 -12.08 -24.07
C LEU G 111 10.76 -13.54 -23.86
N GLY G 112 10.34 -13.86 -22.63
CA GLY G 112 9.99 -15.22 -22.26
C GLY G 112 9.48 -15.28 -20.84
N GLN G 113 9.67 -16.43 -20.18
CA GLN G 113 9.22 -16.63 -18.80
C GLN G 113 7.72 -16.37 -18.70
N PRO G 114 6.90 -17.30 -19.21
CA PRO G 114 5.45 -17.02 -19.35
C PRO G 114 4.80 -16.42 -18.11
N LYS G 115 5.05 -16.99 -16.94
CA LYS G 115 4.35 -16.63 -15.71
C LYS G 115 5.30 -15.93 -14.75
N GLY G 116 4.94 -14.71 -14.36
CA GLY G 116 5.68 -13.97 -13.35
C GLY G 116 4.81 -13.43 -12.24
N ALA G 117 3.82 -14.21 -11.80
CA ALA G 117 2.88 -13.73 -10.80
C ALA G 117 3.56 -13.61 -9.44
N PRO G 118 3.41 -12.48 -8.75
CA PRO G 118 4.15 -12.25 -7.51
C PRO G 118 3.56 -12.96 -6.30
N SER G 119 4.44 -13.45 -5.44
CA SER G 119 4.07 -14.04 -4.15
C SER G 119 4.44 -13.07 -3.03
N VAL G 120 3.48 -12.75 -2.18
CA VAL G 120 3.64 -11.75 -1.12
C VAL G 120 3.45 -12.42 0.24
N THR G 121 4.29 -12.04 1.20
CA THR G 121 4.16 -12.47 2.59
C THR G 121 4.37 -11.27 3.50
N LEU G 122 3.46 -11.07 4.46
CA LEU G 122 3.49 -9.92 5.36
C LEU G 122 3.60 -10.40 6.80
N PHE G 123 4.41 -9.71 7.60
CA PHE G 123 4.68 -10.09 8.98
C PHE G 123 4.45 -8.93 9.93
N PRO G 124 3.76 -9.13 11.04
CA PRO G 124 3.63 -8.08 12.05
C PRO G 124 4.89 -7.96 12.89
N PRO G 125 5.00 -6.92 13.71
CA PRO G 125 6.18 -6.78 14.57
C PRO G 125 6.25 -7.87 15.63
N SER G 126 7.46 -8.10 16.12
CA SER G 126 7.73 -9.10 17.13
C SER G 126 7.50 -8.51 18.52
N SER G 127 7.18 -9.39 19.48
CA SER G 127 6.96 -8.94 20.85
C SER G 127 8.21 -8.28 21.43
N GLU G 128 9.39 -8.81 21.11
CA GLU G 128 10.61 -8.18 21.59
C GLU G 128 10.80 -6.79 21.01
N GLU G 129 10.43 -6.61 19.73
CA GLU G 129 10.54 -5.30 19.12
C GLU G 129 9.52 -4.34 19.70
N LEU G 130 8.30 -4.83 19.95
CA LEU G 130 7.30 -4.00 20.62
C LEU G 130 7.71 -3.71 22.06
N GLN G 131 8.37 -4.67 22.72
CA GLN G 131 8.91 -4.43 24.05
C GLN G 131 10.09 -3.46 24.00
N ALA G 132 10.80 -3.43 22.87
CA ALA G 132 11.90 -2.51 22.65
C ALA G 132 11.44 -1.15 22.15
N ASN G 133 10.15 -0.85 22.26
CA ASN G 133 9.57 0.42 21.81
C ASN G 133 9.79 0.62 20.31
N LYS G 134 9.61 -0.43 19.53
CA LYS G 134 9.75 -0.36 18.08
C LYS G 134 8.68 -1.21 17.42
N ALA G 135 8.35 -0.85 16.19
CA ALA G 135 7.37 -1.57 15.38
C ALA G 135 7.83 -1.58 13.93
N THR G 136 7.87 -2.76 13.32
CA THR G 136 8.37 -2.88 11.95
C THR G 136 7.62 -4.02 11.26
N LEU G 137 6.81 -3.68 10.26
CA LEU G 137 6.16 -4.67 9.41
C LEU G 137 7.00 -4.89 8.15
N VAL G 138 7.03 -6.13 7.69
CA VAL G 138 7.88 -6.55 6.58
C VAL G 138 7.00 -7.11 5.48
N CYS G 139 7.09 -6.54 4.29
CA CYS G 139 6.35 -7.01 3.11
C CYS G 139 7.36 -7.54 2.10
N LEU G 140 7.39 -8.85 1.94
CA LEU G 140 8.37 -9.54 1.10
C LEU G 140 7.70 -10.02 -0.17
N ILE G 141 8.21 -9.59 -1.32
CA ILE G 141 7.69 -9.96 -2.63
C ILE G 141 8.72 -10.84 -3.31
N SER G 142 8.26 -11.98 -3.84
CA SER G 142 9.20 -12.96 -4.39
C SER G 142 8.56 -13.66 -5.59
N ASP G 143 9.43 -14.19 -6.45
CA ASP G 143 9.04 -15.02 -7.59
C ASP G 143 8.08 -14.28 -8.53
N PHE G 144 8.55 -13.14 -9.03
CA PHE G 144 7.79 -12.38 -10.01
C PHE G 144 8.74 -11.88 -11.10
N TYR G 145 8.18 -11.67 -12.29
CA TYR G 145 8.93 -11.24 -13.46
C TYR G 145 7.99 -10.53 -14.41
N PRO G 146 8.34 -9.32 -14.91
CA PRO G 146 9.53 -8.49 -14.69
C PRO G 146 9.51 -7.77 -13.33
N GLY G 147 10.59 -7.05 -13.04
CA GLY G 147 10.75 -6.35 -11.78
C GLY G 147 10.20 -4.93 -11.77
N ALA G 148 8.94 -4.76 -12.15
CA ALA G 148 8.29 -3.44 -12.15
C ALA G 148 7.00 -3.58 -11.34
N VAL G 149 7.05 -3.14 -10.08
CA VAL G 149 5.92 -3.22 -9.16
C VAL G 149 5.76 -1.89 -8.44
N THR G 150 4.55 -1.67 -7.91
CA THR G 150 4.25 -0.49 -7.12
C THR G 150 3.83 -0.95 -5.72
N VAL G 151 4.45 -0.38 -4.70
CA VAL G 151 4.19 -0.76 -3.31
C VAL G 151 3.43 0.37 -2.63
N ALA G 152 2.38 0.01 -1.90
CA ALA G 152 1.56 0.97 -1.17
C ALA G 152 1.08 0.32 0.11
N TRP G 153 1.12 1.06 1.21
CA TRP G 153 0.67 0.58 2.51
C TRP G 153 -0.62 1.26 2.92
N LYS G 154 -1.42 0.55 3.69
CA LYS G 154 -2.70 1.04 4.17
C LYS G 154 -2.85 0.73 5.65
N ALA G 155 -3.46 1.66 6.37
CA ALA G 155 -3.75 1.50 7.81
C ALA G 155 -5.23 1.75 8.00
N ASP G 156 -6.00 0.68 8.20
CA ASP G 156 -7.44 0.75 8.37
C ASP G 156 -8.09 1.49 7.20
N SER G 157 -7.81 1.00 6.00
CA SER G 157 -8.35 1.51 4.74
C SER G 157 -7.94 2.96 4.45
N SER G 158 -6.89 3.45 5.14
CA SER G 158 -6.41 4.81 4.90
C SER G 158 -5.01 4.79 4.30
N PRO G 159 -4.72 5.70 3.36
CA PRO G 159 -3.40 5.71 2.73
C PRO G 159 -2.29 6.09 3.71
N VAL G 160 -1.15 5.41 3.58
CA VAL G 160 0.03 5.66 4.40
C VAL G 160 1.23 5.85 3.49
N LYS G 161 1.93 6.98 3.66
CA LYS G 161 3.12 7.27 2.85
C LYS G 161 4.28 7.74 3.72
N ALA G 162 4.26 7.44 5.02
CA ALA G 162 5.32 7.83 5.93
C ALA G 162 5.86 6.59 6.66
N GLY G 163 7.17 6.53 6.82
CA GLY G 163 7.79 5.37 7.43
C GLY G 163 7.88 4.14 6.56
N VAL G 164 7.73 4.28 5.25
CA VAL G 164 7.73 3.16 4.32
C VAL G 164 9.08 3.09 3.62
N GLU G 165 9.80 1.99 3.81
CA GLU G 165 10.98 1.68 3.04
C GLU G 165 10.73 0.44 2.20
N THR G 166 11.19 0.48 0.95
CA THR G 166 10.98 -0.61 0.01
C THR G 166 12.23 -0.76 -0.85
N THR G 167 12.61 -2.01 -1.12
CA THR G 167 13.82 -2.32 -1.84
C THR G 167 13.56 -2.37 -3.34
N THR G 168 14.59 -2.06 -4.12
CA THR G 168 14.50 -2.24 -5.56
C THR G 168 14.47 -3.72 -5.87
N PRO G 169 13.58 -4.18 -6.75
CA PRO G 169 13.49 -5.63 -7.01
C PRO G 169 14.81 -6.15 -7.58
N SER G 170 15.25 -7.28 -7.04
CA SER G 170 16.49 -7.91 -7.47
C SER G 170 16.25 -9.37 -7.79
N LYS G 171 17.11 -9.91 -8.64
CA LYS G 171 16.94 -11.28 -9.12
C LYS G 171 17.22 -12.29 -8.01
N GLN G 172 16.44 -13.38 -8.02
CA GLN G 172 16.64 -14.51 -7.13
C GLN G 172 17.63 -15.49 -7.76
N SER G 173 17.84 -16.62 -7.11
CA SER G 173 18.62 -17.68 -7.73
C SER G 173 17.88 -18.32 -8.89
N ASN G 174 16.55 -18.18 -8.94
CA ASN G 174 15.71 -18.75 -9.98
C ASN G 174 15.34 -17.77 -11.09
N ASN G 175 16.15 -16.72 -11.29
CA ASN G 175 15.96 -15.73 -12.36
C ASN G 175 14.63 -14.99 -12.28
N LYS G 176 13.92 -15.06 -11.16
CA LYS G 176 12.79 -14.18 -10.95
C LYS G 176 13.21 -13.08 -10.00
N TYR G 177 12.47 -11.97 -10.03
CA TYR G 177 12.87 -10.83 -9.23
C TYR G 177 12.24 -10.91 -7.85
N ALA G 178 12.89 -10.28 -6.89
CA ALA G 178 12.40 -10.23 -5.52
C ALA G 178 12.67 -8.86 -4.94
N ALA G 179 11.80 -8.44 -4.03
CA ALA G 179 11.89 -7.15 -3.39
C ALA G 179 11.43 -7.29 -1.95
N SER G 180 11.73 -6.27 -1.15
CA SER G 180 11.41 -6.30 0.27
C SER G 180 10.94 -4.91 0.68
N SER G 181 9.86 -4.87 1.45
CA SER G 181 9.26 -3.62 1.91
C SER G 181 9.17 -3.63 3.43
N TYR G 182 9.56 -2.51 4.04
CA TYR G 182 9.57 -2.36 5.49
C TYR G 182 8.79 -1.11 5.87
N LEU G 183 7.97 -1.22 6.90
CA LEU G 183 7.09 -0.16 7.38
C LEU G 183 7.46 0.24 8.80
N SER G 184 7.90 1.48 8.97
CA SER G 184 8.25 2.00 10.28
C SER G 184 7.01 2.54 10.99
N LEU G 185 6.79 2.07 12.21
CA LEU G 185 5.63 2.49 13.00
C LEU G 185 6.05 2.62 14.46
N THR G 186 5.06 2.84 15.32
CA THR G 186 5.17 2.78 16.77
C THR G 186 4.28 1.67 17.31
N PRO G 187 4.64 1.06 18.46
CA PRO G 187 3.78 0.03 19.03
C PRO G 187 2.38 0.54 19.39
N GLU G 188 2.21 1.85 19.57
CA GLU G 188 0.88 2.39 19.84
C GLU G 188 0.05 2.50 18.57
N GLN G 189 0.63 3.07 17.51
CA GLN G 189 -0.08 3.16 16.24
C GLN G 189 -0.46 1.78 15.71
N TRP G 190 0.38 0.78 15.97
CA TRP G 190 0.07 -0.58 15.55
C TRP G 190 -1.12 -1.13 16.33
N LYS G 191 -1.17 -0.86 17.64
CA LYS G 191 -2.25 -1.33 18.49
C LYS G 191 -3.41 -0.36 18.59
N SER G 192 -3.29 0.84 18.02
CA SER G 192 -4.41 1.78 17.99
C SER G 192 -5.26 1.60 16.75
N HIS G 193 -4.75 0.91 15.75
CA HIS G 193 -5.44 0.67 14.48
C HIS G 193 -5.98 -0.75 14.44
N ARG G 194 -6.90 -0.98 13.50
CA ARG G 194 -7.50 -2.30 13.36
C ARG G 194 -6.58 -3.26 12.61
N SER G 195 -6.01 -2.83 11.49
CA SER G 195 -5.14 -3.69 10.70
C SER G 195 -4.35 -2.86 9.71
N TYR G 196 -3.23 -3.43 9.25
CA TYR G 196 -2.37 -2.82 8.26
C TYR G 196 -2.28 -3.71 7.02
N SER G 197 -2.19 -3.07 5.85
CA SER G 197 -2.20 -3.76 4.57
C SER G 197 -1.03 -3.32 3.70
N CYS G 198 -0.42 -4.29 3.01
CA CYS G 198 0.62 -4.03 2.03
C CYS G 198 0.06 -4.37 0.66
N GLN G 199 -0.13 -3.35 -0.17
CA GLN G 199 -0.75 -3.51 -1.48
C GLN G 199 0.33 -3.52 -2.57
N VAL G 200 0.32 -4.55 -3.39
CA VAL G 200 1.31 -4.74 -4.46
C VAL G 200 0.57 -4.85 -5.79
N THR G 201 1.09 -4.14 -6.80
CA THR G 201 0.53 -4.16 -8.14
C THR G 201 1.59 -4.69 -9.10
N HIS G 202 1.17 -5.62 -9.97
CA HIS G 202 2.10 -6.25 -10.92
C HIS G 202 1.35 -6.51 -12.22
N GLU G 203 1.61 -5.67 -13.23
CA GLU G 203 1.08 -5.85 -14.57
C GLU G 203 -0.45 -5.95 -14.56
N GLY G 204 -1.09 -4.92 -14.04
CA GLY G 204 -2.54 -4.85 -13.97
C GLY G 204 -3.13 -5.52 -12.76
N SER G 205 -2.59 -6.69 -12.41
CA SER G 205 -3.05 -7.46 -11.26
C SER G 205 -2.56 -6.83 -9.96
N THR G 206 -3.46 -6.67 -9.00
CA THR G 206 -3.14 -6.09 -7.70
C THR G 206 -3.33 -7.15 -6.62
N VAL G 207 -2.27 -7.40 -5.85
CA VAL G 207 -2.31 -8.35 -4.74
C VAL G 207 -1.99 -7.58 -3.47
N GLU G 208 -2.92 -7.62 -2.50
CA GLU G 208 -2.77 -6.89 -1.26
C GLU G 208 -3.08 -7.83 -0.10
N LYS G 209 -2.20 -7.84 0.90
CA LYS G 209 -2.35 -8.65 2.09
C LYS G 209 -2.48 -7.76 3.32
N THR G 210 -3.28 -8.20 4.28
CA THR G 210 -3.61 -7.41 5.47
C THR G 210 -3.32 -8.22 6.72
N VAL G 211 -2.66 -7.58 7.70
CA VAL G 211 -2.36 -8.21 8.98
C VAL G 211 -2.96 -7.36 10.09
N ALA G 212 -3.27 -8.01 11.21
CA ALA G 212 -3.90 -7.40 12.37
C ALA G 212 -3.15 -7.76 13.63
N PRO G 213 -3.25 -6.93 14.68
CA PRO G 213 -2.57 -7.22 15.95
C PRO G 213 -3.26 -8.32 16.75
N THR G 214 -4.19 -9.03 16.11
CA THR G 214 -4.95 -10.11 16.76
C THR G 214 -5.68 -9.60 18.00
N GLN H 3 -4.59 19.49 -22.97
CA GLN H 3 -5.58 20.44 -23.44
C GLN H 3 -5.46 21.73 -22.62
N ALA H 4 -6.58 22.42 -22.42
CA ALA H 4 -6.65 23.63 -21.58
C ALA H 4 -5.73 24.72 -22.14
N VAL H 5 -6.08 25.21 -23.32
CA VAL H 5 -5.37 26.30 -23.97
C VAL H 5 -6.24 27.54 -23.82
N VAL H 6 -5.76 28.49 -23.02
CA VAL H 6 -6.48 29.73 -22.74
C VAL H 6 -5.81 30.87 -23.50
N THR H 7 -6.63 31.67 -24.18
CA THR H 7 -6.15 32.81 -24.96
C THR H 7 -6.90 34.07 -24.56
N GLN H 8 -6.22 35.20 -24.69
CA GLN H 8 -6.80 36.50 -24.41
C GLN H 8 -6.10 37.53 -25.29
N GLU H 9 -6.46 38.80 -25.12
CA GLU H 9 -5.84 39.83 -25.93
C GLU H 9 -4.38 40.02 -25.52
N SER H 10 -3.60 40.57 -26.44
CA SER H 10 -2.17 40.78 -26.24
C SER H 10 -1.83 42.21 -25.83
N ALA H 11 -2.52 43.19 -26.41
CA ALA H 11 -2.23 44.59 -26.10
C ALA H 11 -3.48 45.43 -26.33
N LEU H 12 -3.80 46.28 -25.36
CA LEU H 12 -4.87 47.25 -25.49
C LEU H 12 -4.34 48.64 -25.16
N THR H 13 -5.17 49.64 -25.42
CA THR H 13 -4.80 51.02 -25.14
C THR H 13 -6.05 51.79 -24.81
N THR H 14 -5.91 52.79 -23.94
CA THR H 14 -7.05 53.56 -23.47
C THR H 14 -6.54 54.90 -22.93
N SER H 15 -7.47 55.72 -22.48
CA SER H 15 -7.19 57.02 -21.89
C SER H 15 -7.90 57.10 -20.55
N PRO H 16 -7.36 57.89 -19.61
CA PRO H 16 -8.03 58.03 -18.30
C PRO H 16 -9.45 58.52 -18.47
N GLY H 17 -10.40 57.74 -17.94
CA GLY H 17 -11.81 58.04 -18.08
C GLY H 17 -12.54 57.14 -19.04
N GLU H 18 -11.83 56.39 -19.87
CA GLU H 18 -12.45 55.53 -20.86
C GLU H 18 -12.78 54.16 -20.26
N THR H 19 -13.57 53.39 -20.99
CA THR H 19 -14.01 52.08 -20.54
C THR H 19 -13.22 51.00 -21.26
N VAL H 20 -12.59 50.12 -20.49
CA VAL H 20 -11.80 49.03 -21.04
C VAL H 20 -12.52 47.73 -20.74
N THR H 21 -12.19 46.70 -21.51
CA THR H 21 -12.76 45.37 -21.31
C THR H 21 -11.77 44.35 -21.81
N LEU H 22 -11.34 43.46 -20.92
CA LEU H 22 -10.41 42.39 -21.28
C LEU H 22 -11.18 41.08 -21.31
N THR H 23 -10.82 40.21 -22.24
CA THR H 23 -11.52 38.96 -22.45
C THR H 23 -10.61 37.79 -22.08
N CYS H 24 -11.22 36.60 -22.03
CA CYS H 24 -10.48 35.39 -21.69
C CYS H 24 -11.18 34.22 -22.38
N ARG H 25 -10.66 33.81 -23.53
CA ARG H 25 -11.27 32.76 -24.33
C ARG H 25 -10.62 31.43 -24.01
N SER H 26 -11.42 30.37 -24.03
CA SER H 26 -10.99 29.02 -23.75
C SER H 26 -11.09 28.15 -24.99
N SER H 27 -10.28 27.09 -25.00
CA SER H 27 -10.24 26.18 -26.14
C SER H 27 -11.38 25.16 -26.06
N THR H 28 -11.81 24.81 -24.84
CA THR H 28 -12.82 23.77 -24.66
C THR H 28 -14.24 24.21 -24.94
N GLY H 29 -14.52 25.50 -24.99
CA GLY H 29 -15.89 25.91 -25.25
C GLY H 29 -16.18 27.26 -24.60
N ALA H 30 -17.40 27.41 -24.13
CA ALA H 30 -17.81 28.64 -23.48
C ALA H 30 -17.31 28.66 -22.05
N VAL H 31 -16.84 29.82 -21.60
CA VAL H 31 -16.35 29.99 -20.24
C VAL H 31 -17.55 30.22 -19.31
N THR H 32 -17.85 29.22 -18.48
CA THR H 32 -18.96 29.33 -17.54
C THR H 32 -18.43 29.73 -16.17
N THR H 33 -19.36 29.95 -15.23
CA THR H 33 -19.02 30.26 -13.85
C THR H 33 -18.24 29.13 -13.19
N SER H 34 -18.28 27.93 -13.74
CA SER H 34 -17.51 26.80 -13.22
C SER H 34 -16.02 26.92 -13.49
N ASN H 35 -15.55 28.04 -14.04
CA ASN H 35 -14.13 28.25 -14.26
C ASN H 35 -13.50 29.21 -13.26
N TYR H 36 -14.31 29.92 -12.47
CA TYR H 36 -13.83 30.74 -11.36
C TYR H 36 -12.68 31.64 -11.81
N ALA H 37 -13.00 32.51 -12.77
CA ALA H 37 -12.00 33.31 -13.44
C ALA H 37 -11.23 34.19 -12.47
N ASN H 38 -9.91 34.18 -12.61
CA ASN H 38 -9.01 35.00 -11.82
C ASN H 38 -8.36 36.06 -12.69
N TRP H 39 -8.02 37.19 -12.07
CA TRP H 39 -7.43 38.32 -12.76
C TRP H 39 -6.28 38.86 -11.91
N VAL H 40 -5.06 38.78 -12.44
CA VAL H 40 -3.89 39.27 -11.75
C VAL H 40 -3.39 40.52 -12.47
N GLN H 41 -2.63 41.34 -11.76
CA GLN H 41 -2.15 42.63 -12.25
C GLN H 41 -0.64 42.69 -12.05
N GLU H 42 0.10 42.64 -13.15
CA GLU H 42 1.56 42.68 -13.10
C GLU H 42 2.04 44.12 -13.16
N LYS H 43 2.46 44.64 -12.01
CA LYS H 43 3.05 45.97 -11.93
C LYS H 43 4.55 45.88 -12.17
N PRO H 44 5.22 47.01 -12.42
CA PRO H 44 6.67 46.97 -12.66
C PRO H 44 7.44 46.37 -11.49
N ASP H 45 8.65 45.89 -11.81
CA ASP H 45 9.51 45.20 -10.85
C ASP H 45 8.86 43.96 -10.26
N HIS H 46 8.10 43.25 -11.10
CA HIS H 46 7.49 41.95 -10.75
C HIS H 46 6.59 42.08 -9.51
N LEU H 47 5.55 42.91 -9.65
CA LEU H 47 4.57 43.12 -8.58
C LEU H 47 3.22 42.59 -9.04
N PHE H 48 2.97 41.31 -8.81
CA PHE H 48 1.71 40.70 -9.15
C PHE H 48 0.75 40.80 -7.97
N ALA H 49 -0.56 40.82 -8.27
CA ALA H 49 -1.58 40.91 -7.24
C ALA H 49 -2.89 40.43 -7.81
N GLY H 50 -3.55 39.51 -7.11
CA GLY H 50 -4.85 39.03 -7.55
C GLY H 50 -5.91 40.09 -7.31
N LEU H 51 -6.70 40.36 -8.35
CA LEU H 51 -7.68 41.44 -8.33
C LEU H 51 -9.10 40.92 -8.25
N ILE H 52 -9.44 39.92 -9.06
CA ILE H 52 -10.80 39.38 -9.12
C ILE H 52 -10.73 37.86 -9.12
N GLY H 53 -11.58 37.24 -8.30
CA GLY H 53 -11.73 35.80 -8.30
C GLY H 53 -13.20 35.43 -8.42
N GLY H 54 -13.44 34.15 -8.67
CA GLY H 54 -14.81 33.68 -8.81
C GLY H 54 -15.58 34.33 -9.93
N THR H 55 -14.89 35.00 -10.85
CA THR H 55 -15.43 35.65 -12.04
C THR H 55 -16.22 36.93 -11.70
N LYS H 56 -16.49 37.17 -10.42
CA LYS H 56 -17.12 38.43 -10.02
C LYS H 56 -16.58 39.04 -8.73
N ASN H 57 -15.84 38.30 -7.90
CA ASN H 57 -15.48 38.79 -6.57
C ASN H 57 -14.34 39.80 -6.66
N ARG H 58 -14.53 40.95 -6.02
CA ARG H 58 -13.54 42.02 -6.06
C ARG H 58 -12.76 42.02 -4.75
N ALA H 59 -11.46 42.24 -4.85
CA ALA H 59 -10.58 42.21 -3.69
C ALA H 59 -10.84 43.38 -2.75
N PRO H 60 -10.45 43.25 -1.47
CA PRO H 60 -10.70 44.35 -0.53
C PRO H 60 -9.84 45.58 -0.79
N GLY H 61 -8.77 45.46 -1.56
CA GLY H 61 -7.91 46.59 -1.87
C GLY H 61 -8.01 47.07 -3.31
N VAL H 62 -8.93 46.57 -4.09
CA VAL H 62 -9.08 46.95 -5.50
C VAL H 62 -10.28 47.88 -5.63
N PRO H 63 -10.16 49.00 -6.33
CA PRO H 63 -11.28 49.92 -6.45
C PRO H 63 -12.42 49.32 -7.26
N ALA H 64 -13.57 49.98 -7.18
CA ALA H 64 -14.79 49.52 -7.82
C ALA H 64 -14.82 49.71 -9.33
N ARG H 65 -13.78 50.33 -9.92
CA ARG H 65 -13.76 50.49 -11.37
C ARG H 65 -13.59 49.16 -12.09
N PHE H 66 -13.10 48.13 -11.41
CA PHE H 66 -12.84 46.83 -12.01
C PHE H 66 -14.09 45.95 -11.84
N SER H 67 -14.71 45.60 -12.97
CA SER H 67 -15.95 44.83 -12.99
C SER H 67 -15.70 43.47 -13.61
N GLY H 68 -15.95 42.41 -12.86
CA GLY H 68 -15.84 41.05 -13.36
C GLY H 68 -17.18 40.55 -13.79
N SER H 69 -17.21 39.91 -14.97
CA SER H 69 -18.45 39.44 -15.55
C SER H 69 -18.15 38.25 -16.45
N LEU H 70 -19.20 37.73 -17.10
CA LEU H 70 -19.10 36.58 -17.98
C LEU H 70 -19.85 36.93 -19.28
N ILE H 71 -19.14 37.40 -20.28
CA ILE H 71 -19.75 37.90 -21.51
C ILE H 71 -19.67 36.79 -22.57
N GLY H 72 -20.83 36.40 -23.08
CA GLY H 72 -20.86 35.40 -24.15
C GLY H 72 -20.26 34.08 -23.72
N ASP H 73 -19.36 33.57 -24.56
CA ASP H 73 -18.67 32.31 -24.30
C ASP H 73 -17.31 32.51 -23.64
N LYS H 74 -17.02 33.70 -23.12
CA LYS H 74 -15.73 33.97 -22.49
C LYS H 74 -15.97 34.83 -21.26
N ALA H 75 -14.88 35.31 -20.66
CA ALA H 75 -14.93 36.15 -19.49
C ALA H 75 -14.79 37.61 -19.89
N ALA H 76 -14.81 38.49 -18.89
CA ALA H 76 -14.69 39.93 -19.12
C ALA H 76 -14.10 40.59 -17.89
N LEU H 77 -13.26 41.61 -18.12
CA LEU H 77 -12.72 42.46 -17.07
C LEU H 77 -12.93 43.90 -17.50
N THR H 78 -14.03 44.49 -17.05
CA THR H 78 -14.41 45.85 -17.43
C THR H 78 -13.87 46.85 -16.42
N ILE H 79 -13.21 47.89 -16.92
CA ILE H 79 -12.65 48.94 -16.07
C ILE H 79 -13.42 50.24 -16.31
N THR H 80 -14.43 50.50 -15.48
CA THR H 80 -15.26 51.69 -15.61
C THR H 80 -14.61 52.83 -14.82
N GLY H 81 -14.01 53.77 -15.54
CA GLY H 81 -13.29 54.85 -14.90
C GLY H 81 -11.79 54.61 -14.87
N ALA H 82 -11.23 54.20 -16.02
CA ALA H 82 -9.81 53.90 -16.12
C ALA H 82 -8.95 55.10 -15.73
N GLN H 83 -7.76 54.81 -15.21
CA GLN H 83 -6.83 55.84 -14.76
C GLN H 83 -5.43 55.52 -15.24
N THR H 84 -4.49 56.43 -14.92
CA THR H 84 -3.10 56.25 -15.33
C THR H 84 -2.41 55.12 -14.58
N GLU H 85 -2.81 54.84 -13.35
CA GLU H 85 -2.19 53.76 -12.58
C GLU H 85 -2.74 52.39 -12.94
N ASP H 86 -3.51 52.31 -14.03
CA ASP H 86 -4.07 51.04 -14.47
C ASP H 86 -3.26 50.41 -15.60
N GLU H 87 -2.18 51.07 -16.02
CA GLU H 87 -1.30 50.52 -17.05
C GLU H 87 -0.47 49.42 -16.45
N ALA H 88 -0.78 48.17 -16.80
CA ALA H 88 -0.06 47.02 -16.29
C ALA H 88 -0.40 45.82 -17.17
N ILE H 89 0.19 44.67 -16.83
CA ILE H 89 -0.10 43.41 -17.52
C ILE H 89 -1.14 42.66 -16.73
N TYR H 90 -2.19 42.20 -17.40
CA TYR H 90 -3.32 41.54 -16.76
C TYR H 90 -3.43 40.10 -17.26
N PHE H 91 -3.43 39.16 -16.34
CA PHE H 91 -3.53 37.75 -16.65
C PHE H 91 -4.91 37.21 -16.29
N CYS H 92 -5.30 36.14 -16.98
CA CYS H 92 -6.52 35.43 -16.69
C CYS H 92 -6.16 34.01 -16.26
N ALA H 93 -6.94 33.46 -15.34
CA ALA H 93 -6.70 32.12 -14.83
C ALA H 93 -8.04 31.41 -14.68
N LEU H 94 -8.22 30.34 -15.44
CA LEU H 94 -9.46 29.57 -15.42
C LEU H 94 -9.27 28.28 -14.65
N TRP H 95 -10.29 27.90 -13.89
CA TRP H 95 -10.27 26.67 -13.12
C TRP H 95 -10.87 25.55 -13.97
N TYR H 96 -10.07 24.52 -14.22
CA TYR H 96 -10.58 23.29 -14.79
C TYR H 96 -10.57 22.21 -13.71
N SER H 97 -11.54 21.30 -13.81
CA SER H 97 -11.87 20.41 -12.68
C SER H 97 -10.65 19.78 -12.05
N ASN H 98 -9.57 19.61 -12.81
CA ASN H 98 -8.33 19.04 -12.29
C ASN H 98 -7.13 19.94 -12.46
N HIS H 99 -7.20 20.95 -13.33
CA HIS H 99 -6.04 21.73 -13.77
C HIS H 99 -6.22 23.19 -13.37
N TRP H 100 -5.13 23.96 -13.48
CA TRP H 100 -5.18 25.42 -13.32
C TRP H 100 -4.25 26.06 -14.33
N VAL H 101 -4.81 26.63 -15.39
CA VAL H 101 -4.03 27.24 -16.47
C VAL H 101 -4.24 28.75 -16.49
N PHE H 102 -3.29 29.44 -17.12
CA PHE H 102 -3.24 30.89 -17.21
C PHE H 102 -3.34 31.35 -18.65
N GLY H 103 -3.70 32.62 -18.82
CA GLY H 103 -3.67 33.26 -20.12
C GLY H 103 -2.29 33.79 -20.46
N GLY H 104 -2.22 34.48 -21.62
CA GLY H 104 -0.95 35.01 -22.08
C GLY H 104 -0.59 36.36 -21.48
N GLY H 105 -1.59 37.15 -21.10
CA GLY H 105 -1.36 38.47 -20.54
C GLY H 105 -1.73 39.57 -21.52
N THR H 106 -2.46 40.57 -21.02
CA THR H 106 -2.89 41.71 -21.83
C THR H 106 -2.21 42.98 -21.32
N LYS H 107 -1.23 43.48 -22.05
CA LYS H 107 -0.55 44.72 -21.68
C LYS H 107 -1.44 45.90 -22.01
N LEU H 108 -2.02 46.52 -20.99
CA LEU H 108 -2.87 47.69 -21.17
C LEU H 108 -2.01 48.93 -21.18
N THR H 109 -2.16 49.74 -22.22
CA THR H 109 -1.46 51.01 -22.32
C THR H 109 -2.42 52.14 -21.94
N VAL H 110 -1.90 53.10 -21.18
CA VAL H 110 -2.68 54.25 -20.73
C VAL H 110 -1.92 55.51 -21.08
N LEU H 111 -2.61 56.50 -21.60
CA LEU H 111 -2.01 57.74 -22.05
C LEU H 111 -1.91 58.69 -20.86
N GLY H 112 -0.69 58.93 -20.38
CA GLY H 112 -0.47 59.77 -19.22
C GLY H 112 0.98 59.91 -18.85
N GLN H 113 1.26 60.13 -17.55
CA GLN H 113 2.61 60.27 -17.02
C GLN H 113 3.31 61.43 -17.71
N PRO H 114 2.94 62.67 -17.36
CA PRO H 114 3.33 63.84 -18.18
C PRO H 114 4.78 63.91 -18.64
N LYS H 115 5.76 63.75 -17.75
CA LYS H 115 7.14 64.01 -18.11
C LYS H 115 7.93 62.71 -18.15
N GLY H 116 8.56 62.46 -19.28
CA GLY H 116 9.45 61.32 -19.49
C GLY H 116 10.79 61.81 -20.00
N ALA H 117 11.29 62.91 -19.42
CA ALA H 117 12.52 63.51 -19.90
C ALA H 117 13.67 62.56 -19.63
N PRO H 118 14.48 62.23 -20.64
CA PRO H 118 15.49 61.18 -20.44
C PRO H 118 16.67 61.74 -19.67
N SER H 119 17.14 60.95 -18.72
CA SER H 119 18.34 61.26 -17.95
C SER H 119 19.46 60.34 -18.40
N VAL H 120 20.58 60.94 -18.78
CA VAL H 120 21.72 60.19 -19.30
C VAL H 120 22.88 60.39 -18.36
N THR H 121 23.58 59.29 -18.06
CA THR H 121 24.79 59.33 -17.25
C THR H 121 25.83 58.48 -17.96
N LEU H 122 27.02 59.03 -18.14
CA LEU H 122 28.08 58.38 -18.90
C LEU H 122 29.31 58.18 -18.04
N PHE H 123 29.93 57.00 -18.18
CA PHE H 123 31.08 56.64 -17.38
C PHE H 123 32.21 56.16 -18.31
N PRO H 124 33.43 56.65 -18.14
CA PRO H 124 34.56 56.11 -18.89
C PRO H 124 35.02 54.80 -18.27
N PRO H 125 35.91 54.07 -18.92
CA PRO H 125 36.43 52.84 -18.31
C PRO H 125 37.22 53.14 -17.05
N SER H 126 37.27 52.16 -16.17
CA SER H 126 37.99 52.31 -14.91
C SER H 126 39.46 51.97 -15.09
N SER H 127 40.29 52.57 -14.24
CA SER H 127 41.72 52.30 -14.30
C SER H 127 42.02 50.83 -14.04
N GLU H 128 41.26 50.20 -13.13
CA GLU H 128 41.43 48.77 -12.88
C GLU H 128 41.07 47.95 -14.12
N GLU H 129 40.04 48.38 -14.85
CA GLU H 129 39.64 47.66 -16.06
C GLU H 129 40.68 47.83 -17.17
N LEU H 130 41.30 49.00 -17.24
CA LEU H 130 42.35 49.24 -18.23
C LEU H 130 43.54 48.31 -18.02
N GLN H 131 43.81 47.92 -16.77
CA GLN H 131 44.90 46.97 -16.52
C GLN H 131 44.61 45.59 -17.07
N ALA H 132 43.34 45.22 -17.20
CA ALA H 132 42.96 43.92 -17.72
C ALA H 132 42.92 43.86 -19.24
N ASN H 133 43.52 44.86 -19.90
CA ASN H 133 43.55 44.93 -21.37
C ASN H 133 42.14 44.95 -21.94
N LYS H 134 41.23 45.65 -21.26
CA LYS H 134 39.85 45.82 -21.69
C LYS H 134 39.40 47.23 -21.36
N ALA H 135 38.45 47.73 -22.15
CA ALA H 135 37.94 49.09 -21.96
C ALA H 135 36.44 49.10 -22.27
N THR H 136 35.66 49.69 -21.36
CA THR H 136 34.21 49.67 -21.50
C THR H 136 33.61 50.96 -20.94
N LEU H 137 32.97 51.74 -21.80
CA LEU H 137 32.23 52.92 -21.39
C LEU H 137 30.78 52.53 -21.12
N VAL H 138 30.19 53.16 -20.12
CA VAL H 138 28.84 52.82 -19.66
C VAL H 138 27.97 54.06 -19.80
N CYS H 139 26.92 53.95 -20.60
CA CYS H 139 25.95 55.03 -20.79
C CYS H 139 24.61 54.51 -20.29
N LEU H 140 24.17 55.01 -19.14
CA LEU H 140 22.94 54.53 -18.49
C LEU H 140 21.87 55.59 -18.65
N ILE H 141 20.77 55.22 -19.27
CA ILE H 141 19.64 56.12 -19.53
C ILE H 141 18.45 55.65 -18.70
N SER H 142 17.83 56.57 -17.97
CA SER H 142 16.78 56.20 -17.03
C SER H 142 15.73 57.31 -16.97
N ASP H 143 14.56 56.95 -16.44
CA ASP H 143 13.47 57.88 -16.17
C ASP H 143 12.96 58.55 -17.44
N PHE H 144 12.51 57.74 -18.39
CA PHE H 144 11.90 58.25 -19.61
C PHE H 144 10.67 57.44 -19.95
N TYR H 145 9.71 58.10 -20.60
CA TYR H 145 8.45 57.49 -21.03
C TYR H 145 8.02 58.35 -22.22
N PRO H 146 7.65 57.74 -23.35
CA PRO H 146 7.60 56.29 -23.53
C PRO H 146 8.98 55.63 -23.62
N GLY H 147 9.02 54.31 -23.62
CA GLY H 147 10.27 53.59 -23.62
C GLY H 147 10.80 53.29 -25.01
N ALA H 148 10.91 54.32 -25.84
CA ALA H 148 11.43 54.20 -27.19
C ALA H 148 12.54 55.23 -27.37
N VAL H 149 13.79 54.79 -27.30
CA VAL H 149 14.94 55.67 -27.42
C VAL H 149 15.92 55.06 -28.42
N THR H 150 16.72 55.93 -29.02
CA THR H 150 17.80 55.51 -29.92
C THR H 150 19.12 56.02 -29.35
N VAL H 151 20.08 55.11 -29.22
CA VAL H 151 21.38 55.40 -28.63
C VAL H 151 22.41 55.40 -29.73
N ALA H 152 23.35 56.35 -29.68
CA ALA H 152 24.40 56.45 -30.67
C ALA H 152 25.71 56.84 -30.02
N TRP H 153 26.79 56.19 -30.45
CA TRP H 153 28.12 56.44 -29.92
C TRP H 153 28.98 57.13 -30.98
N LYS H 154 29.86 58.00 -30.51
CA LYS H 154 30.74 58.78 -31.36
C LYS H 154 32.15 58.81 -30.81
N ALA H 155 33.14 58.79 -31.70
CA ALA H 155 34.55 58.90 -31.34
C ALA H 155 35.14 60.03 -32.18
N ASP H 156 35.41 61.17 -31.53
CA ASP H 156 35.91 62.36 -32.21
C ASP H 156 34.95 62.79 -33.31
N SER H 157 33.68 62.96 -32.94
CA SER H 157 32.60 63.39 -33.83
C SER H 157 32.37 62.42 -34.98
N SER H 158 32.88 61.19 -34.87
CA SER H 158 32.65 60.21 -35.91
C SER H 158 31.78 59.08 -35.39
N PRO H 159 30.83 58.58 -36.18
CA PRO H 159 29.92 57.54 -35.69
C PRO H 159 30.63 56.23 -35.41
N VAL H 160 30.23 55.60 -34.31
CA VAL H 160 30.74 54.29 -33.90
C VAL H 160 29.53 53.41 -33.65
N LYS H 161 29.47 52.26 -34.34
CA LYS H 161 28.35 51.33 -34.21
C LYS H 161 28.82 49.90 -34.05
N ALA H 162 30.07 49.70 -33.62
CA ALA H 162 30.65 48.38 -33.40
C ALA H 162 31.14 48.31 -31.96
N GLY H 163 30.91 47.16 -31.32
CA GLY H 163 31.22 47.05 -29.91
C GLY H 163 30.22 47.75 -29.02
N VAL H 164 29.05 48.07 -29.55
CA VAL H 164 28.02 48.81 -28.84
C VAL H 164 26.96 47.82 -28.38
N GLU H 165 26.72 47.79 -27.07
CA GLU H 165 25.64 47.00 -26.49
C GLU H 165 24.54 47.94 -26.02
N THR H 166 23.29 47.54 -26.24
CA THR H 166 22.14 48.32 -25.81
C THR H 166 21.06 47.36 -25.36
N THR H 167 20.45 47.65 -24.22
CA THR H 167 19.44 46.78 -23.64
C THR H 167 18.06 47.21 -24.10
N THR H 168 17.15 46.24 -24.14
CA THR H 168 15.76 46.58 -24.38
C THR H 168 15.23 47.32 -23.16
N PRO H 169 14.60 48.48 -23.33
CA PRO H 169 14.14 49.26 -22.16
C PRO H 169 13.08 48.52 -21.35
N SER H 170 13.21 48.60 -20.04
CA SER H 170 12.24 48.02 -19.12
C SER H 170 11.78 49.08 -18.14
N LYS H 171 10.55 48.92 -17.65
CA LYS H 171 9.94 49.91 -16.78
C LYS H 171 10.59 49.91 -15.40
N GLN H 172 10.68 51.10 -14.80
CA GLN H 172 11.17 51.25 -13.44
C GLN H 172 10.01 51.09 -12.47
N SER H 173 10.29 51.24 -11.17
CA SER H 173 9.21 51.24 -10.18
C SER H 173 8.36 52.50 -10.27
N ASN H 174 8.89 53.56 -10.87
CA ASN H 174 8.18 54.84 -11.00
C ASN H 174 7.42 54.95 -12.31
N ASN H 175 7.04 53.83 -12.90
CA ASN H 175 6.27 53.72 -14.14
C ASN H 175 7.02 54.32 -15.33
N LYS H 176 8.30 54.62 -15.18
CA LYS H 176 9.15 55.09 -16.26
C LYS H 176 10.13 53.99 -16.69
N TYR H 177 10.70 54.16 -17.87
CA TYR H 177 11.61 53.18 -18.45
C TYR H 177 13.07 53.52 -18.13
N ALA H 178 13.92 52.50 -18.24
CA ALA H 178 15.35 52.64 -18.03
C ALA H 178 16.09 51.83 -19.09
N ALA H 179 17.29 52.30 -19.44
CA ALA H 179 18.06 51.63 -20.48
C ALA H 179 19.55 51.73 -20.14
N SER H 180 20.34 50.88 -20.82
CA SER H 180 21.77 50.82 -20.58
C SER H 180 22.49 50.53 -21.89
N SER H 181 23.57 51.27 -22.14
CA SER H 181 24.37 51.09 -23.34
C SER H 181 25.83 50.89 -22.94
N TYR H 182 26.49 49.93 -23.59
CA TYR H 182 27.87 49.58 -23.30
C TYR H 182 28.69 49.64 -24.59
N LEU H 183 29.88 50.23 -24.50
CA LEU H 183 30.78 50.35 -25.64
C LEU H 183 32.06 49.59 -25.29
N SER H 184 32.30 48.48 -25.97
CA SER H 184 33.50 47.69 -25.76
C SER H 184 34.62 48.22 -26.65
N LEU H 185 35.77 48.48 -26.04
CA LEU H 185 36.89 49.06 -26.76
C LEU H 185 38.17 48.38 -26.30
N THR H 186 39.30 48.92 -26.74
CA THR H 186 40.62 48.60 -26.24
C THR H 186 41.20 49.84 -25.56
N PRO H 187 42.08 49.67 -24.57
CA PRO H 187 42.69 50.85 -23.94
C PRO H 187 43.44 51.73 -24.92
N GLU H 188 43.81 51.19 -26.08
CA GLU H 188 44.46 52.00 -27.11
C GLU H 188 43.44 52.87 -27.84
N GLN H 189 42.32 52.28 -28.25
CA GLN H 189 41.26 53.08 -28.88
C GLN H 189 40.73 54.14 -27.92
N TRP H 190 40.67 53.82 -26.63
CA TRP H 190 40.18 54.78 -25.65
C TRP H 190 41.14 55.94 -25.49
N LYS H 191 42.44 55.66 -25.48
CA LYS H 191 43.46 56.69 -25.30
C LYS H 191 43.97 57.29 -26.60
N SER H 192 43.52 56.79 -27.76
CA SER H 192 43.93 57.38 -29.03
C SER H 192 43.02 58.51 -29.49
N HIS H 193 41.82 58.61 -28.95
CA HIS H 193 40.86 59.64 -29.32
C HIS H 193 40.82 60.73 -28.26
N ARG H 194 40.25 61.87 -28.64
CA ARG H 194 40.15 62.98 -27.69
C ARG H 194 39.02 62.75 -26.69
N SER H 195 37.86 62.33 -27.19
CA SER H 195 36.71 62.10 -26.33
C SER H 195 35.70 61.26 -27.08
N TYR H 196 34.84 60.60 -26.32
CA TYR H 196 33.75 59.77 -26.83
C TYR H 196 32.43 60.36 -26.38
N SER H 197 31.41 60.23 -27.22
CA SER H 197 30.12 60.84 -26.96
C SER H 197 29.02 59.80 -27.07
N CYS H 198 28.08 59.83 -26.11
CA CYS H 198 26.91 58.98 -26.12
C CYS H 198 25.69 59.85 -26.40
N GLN H 199 25.11 59.70 -27.59
CA GLN H 199 23.98 60.50 -28.02
C GLN H 199 22.72 59.66 -27.91
N VAL H 200 21.73 60.16 -27.17
CA VAL H 200 20.46 59.48 -26.97
C VAL H 200 19.33 60.41 -27.40
N THR H 201 18.40 59.88 -28.19
CA THR H 201 17.25 60.63 -28.67
C THR H 201 15.96 59.93 -28.25
N HIS H 202 15.00 60.73 -27.76
CA HIS H 202 13.72 60.21 -27.31
C HIS H 202 12.66 61.24 -27.73
N GLU H 203 11.95 60.94 -28.82
CA GLU H 203 10.89 61.78 -29.36
C GLU H 203 11.37 63.22 -29.57
N GLY H 204 12.38 63.36 -30.42
CA GLY H 204 12.91 64.67 -30.77
C GLY H 204 13.97 65.17 -29.81
N SER H 205 13.77 64.95 -28.52
CA SER H 205 14.74 65.42 -27.55
C SER H 205 16.00 64.57 -27.65
N THR H 206 17.13 65.23 -27.86
CA THR H 206 18.41 64.56 -27.99
C THR H 206 19.28 65.01 -26.82
N VAL H 207 19.74 64.03 -26.03
CA VAL H 207 20.58 64.28 -24.86
C VAL H 207 21.89 63.56 -25.10
N GLU H 208 22.99 64.30 -25.01
CA GLU H 208 24.31 63.78 -25.31
C GLU H 208 25.27 64.06 -24.17
N LYS H 209 25.99 63.03 -23.73
CA LYS H 209 27.05 63.16 -22.75
C LYS H 209 28.36 62.72 -23.39
N THR H 210 29.43 63.43 -23.07
CA THR H 210 30.73 63.19 -23.67
C THR H 210 31.76 63.07 -22.55
N VAL H 211 32.61 62.06 -22.63
CA VAL H 211 33.68 61.86 -21.66
C VAL H 211 35.00 61.79 -22.41
N ALA H 212 36.07 62.20 -21.72
CA ALA H 212 37.41 62.21 -22.27
C ALA H 212 38.36 61.52 -21.30
N PRO H 213 39.43 60.89 -21.81
CA PRO H 213 40.37 60.22 -20.90
C PRO H 213 41.29 61.18 -20.18
N THR H 214 41.37 62.44 -20.61
CA THR H 214 42.24 63.44 -19.99
C THR H 214 43.66 62.93 -19.79
N GLN I 3 -14.52 -3.22 25.84
CA GLN I 3 -13.83 -4.48 26.13
C GLN I 3 -14.71 -5.63 25.65
N ALA I 4 -15.51 -6.18 26.57
CA ALA I 4 -16.52 -7.20 26.28
C ALA I 4 -15.89 -8.45 25.64
N VAL I 5 -15.02 -9.10 26.41
CA VAL I 5 -14.41 -10.36 26.00
C VAL I 5 -14.98 -11.46 26.88
N VAL I 6 -15.67 -12.41 26.27
CA VAL I 6 -16.27 -13.53 26.98
C VAL I 6 -15.35 -14.73 26.83
N THR I 7 -15.03 -15.38 27.94
CA THR I 7 -14.16 -16.54 27.92
C THR I 7 -14.82 -17.68 28.66
N GLN I 8 -14.57 -18.89 28.17
CA GLN I 8 -15.08 -20.11 28.78
C GLN I 8 -14.16 -21.25 28.37
N GLU I 9 -14.51 -22.46 28.78
CA GLU I 9 -13.73 -23.62 28.41
C GLU I 9 -13.94 -23.95 26.93
N SER I 10 -12.98 -24.68 26.37
CA SER I 10 -13.00 -25.05 24.96
C SER I 10 -13.53 -26.46 24.74
N ALA I 11 -13.20 -27.40 25.62
CA ALA I 11 -13.66 -28.77 25.48
C ALA I 11 -13.73 -29.42 26.86
N LEU I 12 -14.87 -30.04 27.14
CA LEU I 12 -15.09 -30.81 28.35
C LEU I 12 -15.64 -32.19 27.98
N THR I 13 -15.68 -33.07 28.97
CA THR I 13 -16.19 -34.42 28.77
C THR I 13 -16.79 -34.93 30.07
N THR I 14 -17.76 -35.82 29.94
CA THR I 14 -18.49 -36.35 31.08
C THR I 14 -19.08 -37.70 30.69
N SER I 15 -19.79 -38.31 31.63
CA SER I 15 -20.45 -39.59 31.40
C SER I 15 -21.92 -39.48 31.77
N PRO I 16 -22.78 -40.24 31.11
CA PRO I 16 -24.21 -40.23 31.46
C PRO I 16 -24.43 -40.57 32.92
N GLY I 17 -25.11 -39.67 33.63
CA GLY I 17 -25.36 -39.81 35.05
C GLY I 17 -24.55 -38.86 35.90
N GLU I 18 -23.48 -38.28 35.35
CA GLU I 18 -22.64 -37.36 36.09
C GLU I 18 -23.16 -35.93 35.95
N THR I 19 -22.63 -35.05 36.78
CA THR I 19 -23.04 -33.64 36.80
C THR I 19 -21.96 -32.80 36.13
N VAL I 20 -22.37 -31.99 35.17
CA VAL I 20 -21.46 -31.13 34.43
C VAL I 20 -21.72 -29.69 34.85
N THR I 21 -20.73 -28.84 34.61
CA THR I 21 -20.85 -27.43 34.91
C THR I 21 -19.98 -26.66 33.93
N LEU I 22 -20.61 -25.78 33.16
CA LEU I 22 -19.93 -24.95 32.19
C LEU I 22 -19.88 -23.52 32.70
N THR I 23 -18.80 -22.82 32.38
CA THR I 23 -18.56 -21.48 32.89
C THR I 23 -18.66 -20.47 31.75
N CYS I 24 -18.71 -19.19 32.16
CA CYS I 24 -18.75 -18.08 31.21
C CYS I 24 -18.13 -16.87 31.93
N ARG I 25 -16.86 -16.62 31.67
CA ARG I 25 -16.13 -15.57 32.35
C ARG I 25 -16.15 -14.29 31.51
N SER I 26 -16.19 -13.15 32.18
CA SER I 26 -16.17 -11.86 31.52
C SER I 26 -14.84 -11.17 31.82
N SER I 27 -14.35 -10.42 30.83
CA SER I 27 -13.05 -9.75 30.95
C SER I 27 -13.15 -8.39 31.61
N THR I 28 -14.24 -7.66 31.36
CA THR I 28 -14.39 -6.32 31.89
C THR I 28 -14.76 -6.31 33.37
N GLY I 29 -15.08 -7.47 33.93
CA GLY I 29 -15.39 -7.59 35.34
C GLY I 29 -16.20 -8.84 35.60
N ALA I 30 -17.01 -8.77 36.65
CA ALA I 30 -17.80 -9.91 37.07
C ALA I 30 -19.08 -10.00 36.26
N VAL I 31 -19.52 -11.24 36.02
CA VAL I 31 -20.78 -11.49 35.33
C VAL I 31 -21.89 -11.22 36.33
N THR I 32 -22.62 -10.13 36.14
CA THR I 32 -23.67 -9.78 37.07
C THR I 32 -25.00 -10.34 36.56
N THR I 33 -26.02 -10.25 37.41
CA THR I 33 -27.36 -10.66 36.98
C THR I 33 -27.89 -9.76 35.88
N SER I 34 -27.37 -8.54 35.77
CA SER I 34 -27.70 -7.60 34.71
C SER I 34 -27.03 -7.94 33.39
N ASN I 35 -26.38 -9.09 33.28
CA ASN I 35 -25.75 -9.53 32.05
C ASN I 35 -26.56 -10.57 31.30
N TYR I 36 -27.59 -11.13 31.91
CA TYR I 36 -28.57 -11.99 31.24
C TYR I 36 -27.87 -13.08 30.42
N ALA I 37 -27.14 -13.93 31.13
CA ALA I 37 -26.32 -14.95 30.46
C ALA I 37 -27.21 -15.87 29.65
N ASN I 38 -26.80 -16.14 28.42
CA ASN I 38 -27.55 -16.99 27.50
C ASN I 38 -26.79 -18.29 27.25
N TRP I 39 -27.54 -19.33 26.92
CA TRP I 39 -26.96 -20.64 26.65
C TRP I 39 -27.60 -21.24 25.40
N VAL I 40 -26.78 -21.44 24.38
CA VAL I 40 -27.22 -22.02 23.12
C VAL I 40 -26.62 -23.43 23.01
N GLN I 41 -27.23 -24.24 22.16
CA GLN I 41 -26.86 -25.65 21.99
C GLN I 41 -26.64 -25.90 20.52
N GLU I 42 -25.38 -26.10 20.11
CA GLU I 42 -25.04 -26.33 18.71
C GLU I 42 -25.11 -27.82 18.43
N LYS I 43 -26.18 -28.25 17.78
CA LYS I 43 -26.34 -29.62 17.33
C LYS I 43 -25.80 -29.76 15.91
N PRO I 44 -25.61 -31.00 15.43
CA PRO I 44 -25.16 -31.17 14.04
C PRO I 44 -26.14 -30.57 13.05
N ASP I 45 -25.63 -30.32 11.84
CA ASP I 45 -26.36 -29.59 10.79
C ASP I 45 -26.73 -28.19 11.24
N HIS I 46 -25.87 -27.60 12.08
CA HIS I 46 -26.01 -26.21 12.52
C HIS I 46 -27.40 -25.95 13.12
N LEU I 47 -27.68 -26.67 14.21
CA LEU I 47 -28.93 -26.55 14.94
C LEU I 47 -28.58 -25.89 16.26
N PHE I 48 -28.55 -24.55 16.26
CA PHE I 48 -28.23 -23.77 17.46
C PHE I 48 -29.54 -23.51 18.20
N ALA I 49 -29.86 -24.40 19.14
CA ALA I 49 -31.08 -24.26 19.91
C ALA I 49 -30.82 -23.46 21.18
N GLY I 50 -31.60 -22.40 21.39
CA GLY I 50 -31.47 -21.62 22.61
C GLY I 50 -32.07 -22.37 23.78
N LEU I 51 -31.32 -22.47 24.88
CA LEU I 51 -31.74 -23.28 26.02
C LEU I 51 -32.12 -22.46 27.24
N ILE I 52 -31.28 -21.50 27.65
CA ILE I 52 -31.50 -20.76 28.88
C ILE I 52 -31.23 -19.28 28.63
N GLY I 53 -32.13 -18.43 29.15
CA GLY I 53 -31.95 -16.99 29.08
C GLY I 53 -32.09 -16.36 30.46
N GLY I 54 -31.75 -15.08 30.54
CA GLY I 54 -31.83 -14.35 31.80
C GLY I 54 -30.98 -14.93 32.90
N THR I 55 -30.01 -15.79 32.55
CA THR I 55 -29.05 -16.43 33.43
C THR I 55 -29.71 -17.52 34.28
N LYS I 56 -31.05 -17.58 34.30
CA LYS I 56 -31.74 -18.72 34.88
C LYS I 56 -32.99 -19.16 34.15
N ASN I 57 -33.58 -18.35 33.27
CA ASN I 57 -34.86 -18.70 32.66
C ASN I 57 -34.64 -19.72 31.55
N ARG I 58 -35.35 -20.83 31.63
CA ARG I 58 -35.18 -21.97 30.74
C ARG I 58 -36.34 -22.10 29.74
N ALA I 59 -36.01 -22.58 28.54
CA ALA I 59 -37.00 -22.76 27.50
C ALA I 59 -38.00 -23.86 27.88
N PRO I 60 -39.19 -23.85 27.28
CA PRO I 60 -40.22 -24.82 27.68
C PRO I 60 -39.93 -26.26 27.28
N GLY I 61 -39.04 -26.49 26.33
CA GLY I 61 -38.73 -27.82 25.88
C GLY I 61 -37.42 -28.38 26.38
N VAL I 62 -36.79 -27.69 27.33
CA VAL I 62 -35.51 -28.11 27.89
C VAL I 62 -35.78 -28.77 29.23
N PRO I 63 -35.20 -29.94 29.50
CA PRO I 63 -35.50 -30.64 30.76
C PRO I 63 -34.99 -29.86 31.96
N ALA I 64 -35.44 -30.30 33.13
CA ALA I 64 -35.08 -29.61 34.37
C ALA I 64 -33.64 -29.89 34.79
N ARG I 65 -32.92 -30.77 34.08
CA ARG I 65 -31.52 -30.99 34.41
C ARG I 65 -30.66 -29.77 34.10
N PHE I 66 -31.14 -28.86 33.26
CA PHE I 66 -30.41 -27.66 32.94
C PHE I 66 -30.83 -26.58 33.92
N SER I 67 -29.94 -26.23 34.84
CA SER I 67 -30.19 -25.24 35.88
C SER I 67 -29.20 -24.10 35.66
N GLY I 68 -29.73 -22.91 35.44
CA GLY I 68 -28.88 -21.75 35.23
C GLY I 68 -28.67 -21.00 36.53
N SER I 69 -27.42 -20.60 36.76
CA SER I 69 -27.04 -19.97 38.00
C SER I 69 -25.87 -19.03 37.73
N LEU I 70 -25.37 -18.41 38.80
CA LEU I 70 -24.27 -17.44 38.73
C LEU I 70 -23.26 -17.86 39.78
N ILE I 71 -22.23 -18.59 39.37
CA ILE I 71 -21.27 -19.20 40.30
C ILE I 71 -20.08 -18.25 40.38
N GLY I 72 -19.78 -17.79 41.60
CA GLY I 72 -18.64 -16.91 41.80
C GLY I 72 -18.84 -15.62 41.02
N ASP I 73 -17.81 -15.24 40.27
CA ASP I 73 -17.82 -14.03 39.46
C ASP I 73 -18.24 -14.29 38.01
N LYS I 74 -18.83 -15.45 37.71
CA LYS I 74 -19.18 -15.79 36.34
C LYS I 74 -20.53 -16.51 36.36
N ALA I 75 -20.92 -17.03 35.20
CA ALA I 75 -22.17 -17.74 35.06
C ALA I 75 -21.91 -19.25 35.18
N ALA I 76 -22.98 -20.03 35.05
CA ALA I 76 -22.88 -21.47 35.19
C ALA I 76 -23.98 -22.15 34.41
N LEU I 77 -23.65 -23.31 33.85
CA LEU I 77 -24.62 -24.18 33.19
C LEU I 77 -24.43 -25.56 33.81
N THR I 78 -25.24 -25.88 34.82
CA THR I 78 -25.13 -27.15 35.52
C THR I 78 -26.07 -28.15 34.88
N ILE I 79 -25.53 -29.29 34.49
CA ILE I 79 -26.31 -30.36 33.87
C ILE I 79 -26.26 -31.53 34.84
N THR I 80 -27.25 -31.61 35.72
CA THR I 80 -27.32 -32.67 36.73
C THR I 80 -28.07 -33.85 36.13
N GLY I 81 -27.33 -34.92 35.82
CA GLY I 81 -27.92 -36.06 35.16
C GLY I 81 -27.65 -36.03 33.66
N ALA I 82 -26.39 -35.81 33.29
CA ALA I 82 -26.02 -35.75 31.88
C ALA I 82 -26.45 -37.02 31.16
N GLN I 83 -26.72 -36.88 29.87
CA GLN I 83 -27.21 -37.99 29.06
C GLN I 83 -26.46 -37.99 27.73
N THR I 84 -26.74 -38.99 26.89
CA THR I 84 -26.09 -39.05 25.59
C THR I 84 -26.58 -37.95 24.66
N GLU I 85 -27.82 -37.50 24.83
CA GLU I 85 -28.38 -36.45 23.99
C GLU I 85 -27.95 -35.06 24.42
N ASP I 86 -27.00 -34.95 25.35
CA ASP I 86 -26.47 -33.66 25.80
C ASP I 86 -25.10 -33.36 25.18
N GLU I 87 -24.57 -34.26 24.37
CA GLU I 87 -23.28 -34.05 23.72
C GLU I 87 -23.46 -33.07 22.56
N ALA I 88 -22.99 -31.84 22.74
CA ALA I 88 -23.05 -30.80 21.73
C ALA I 88 -22.09 -29.70 22.13
N ILE I 89 -22.04 -28.65 21.31
CA ILE I 89 -21.27 -27.44 21.61
C ILE I 89 -22.23 -26.43 22.23
N TYR I 90 -21.82 -25.87 23.37
CA TYR I 90 -22.66 -24.95 24.12
C TYR I 90 -21.99 -23.58 24.17
N PHE I 91 -22.71 -22.55 23.74
CA PHE I 91 -22.19 -21.20 23.69
C PHE I 91 -22.80 -20.37 24.82
N CYS I 92 -22.07 -19.33 25.20
CA CYS I 92 -22.53 -18.36 26.17
C CYS I 92 -22.60 -16.99 25.52
N ALA I 93 -23.56 -16.20 25.98
CA ALA I 93 -23.76 -14.85 25.47
C ALA I 93 -24.08 -13.95 26.66
N LEU I 94 -23.22 -12.98 26.92
CA LEU I 94 -23.41 -12.05 28.02
C LEU I 94 -23.91 -10.73 27.46
N TRP I 95 -24.85 -10.12 28.16
CA TRP I 95 -25.44 -8.87 27.72
C TRP I 95 -24.65 -7.71 28.32
N TYR I 96 -24.09 -6.89 27.45
CA TYR I 96 -23.53 -5.60 27.83
C TYR I 96 -24.47 -4.53 27.29
N SER I 97 -24.55 -3.42 28.02
CA SER I 97 -25.62 -2.44 27.84
C SER I 97 -25.87 -2.07 26.38
N ASN I 98 -24.89 -2.24 25.50
CA ASN I 98 -25.08 -1.89 24.09
C ASN I 98 -24.90 -3.06 23.11
N HIS I 99 -24.16 -4.11 23.48
CA HIS I 99 -23.77 -5.14 22.55
C HIS I 99 -24.24 -6.53 23.00
N TRP I 100 -24.04 -7.50 22.11
CA TRP I 100 -24.28 -8.91 22.38
C TRP I 100 -23.07 -9.69 21.90
N VAL I 101 -22.24 -10.16 22.83
CA VAL I 101 -21.01 -10.85 22.51
C VAL I 101 -21.17 -12.33 22.86
N PHE I 102 -20.38 -13.15 22.18
CA PHE I 102 -20.45 -14.60 22.32
C PHE I 102 -19.10 -15.15 22.80
N GLY I 103 -19.14 -16.34 23.38
CA GLY I 103 -17.93 -17.06 23.72
C GLY I 103 -17.43 -17.88 22.55
N GLY I 104 -16.38 -18.66 22.83
CA GLY I 104 -15.79 -19.50 21.79
C GLY I 104 -16.53 -20.81 21.63
N GLY I 105 -17.18 -21.28 22.67
CA GLY I 105 -17.90 -22.54 22.63
C GLY I 105 -17.18 -23.60 23.44
N THR I 106 -17.96 -24.36 24.21
CA THR I 106 -17.44 -25.45 25.03
C THR I 106 -17.95 -26.76 24.45
N LYS I 107 -17.05 -27.50 23.79
CA LYS I 107 -17.41 -28.77 23.17
C LYS I 107 -17.57 -29.83 24.25
N LEU I 108 -18.79 -30.21 24.55
CA LEU I 108 -19.08 -31.23 25.55
C LEU I 108 -19.05 -32.60 24.90
N THR I 109 -18.23 -33.49 25.45
CA THR I 109 -18.15 -34.87 25.00
C THR I 109 -18.86 -35.77 25.99
N VAL I 110 -19.59 -36.77 25.47
CA VAL I 110 -20.35 -37.71 26.28
C VAL I 110 -20.01 -39.12 25.84
N LEU I 111 -19.82 -40.01 26.82
CA LEU I 111 -19.42 -41.39 26.55
C LEU I 111 -20.67 -42.22 26.27
N GLY I 112 -20.81 -42.69 25.04
CA GLY I 112 -21.95 -43.48 24.62
C GLY I 112 -21.81 -43.92 23.18
N GLN I 113 -22.94 -44.17 22.50
CA GLN I 113 -22.94 -44.59 21.10
C GLN I 113 -22.12 -45.86 20.91
N PRO I 114 -22.64 -47.02 21.33
CA PRO I 114 -21.81 -48.23 21.40
C PRO I 114 -20.95 -48.53 20.18
N LYS I 115 -21.52 -48.51 18.97
CA LYS I 115 -20.84 -48.99 17.79
C LYS I 115 -20.56 -47.83 16.83
N GLY I 116 -19.29 -47.66 16.47
CA GLY I 116 -18.91 -46.68 15.46
C GLY I 116 -18.01 -47.22 14.37
N ALA I 117 -18.25 -48.45 13.93
CA ALA I 117 -17.38 -49.07 12.93
C ALA I 117 -17.64 -48.47 11.55
N PRO I 118 -16.61 -48.02 10.84
CA PRO I 118 -16.80 -47.34 9.55
C PRO I 118 -17.00 -48.29 8.38
N SER I 119 -17.86 -47.88 7.46
CA SER I 119 -18.02 -48.54 6.17
C SER I 119 -17.35 -47.67 5.11
N VAL I 120 -16.52 -48.27 4.28
CA VAL I 120 -15.67 -47.55 3.33
C VAL I 120 -16.14 -47.82 1.92
N THR I 121 -16.12 -46.78 1.09
CA THR I 121 -16.48 -46.88 -0.32
C THR I 121 -15.41 -46.18 -1.15
N LEU I 122 -14.94 -46.88 -2.19
CA LEU I 122 -13.87 -46.39 -3.04
C LEU I 122 -14.37 -46.32 -4.48
N PHE I 123 -14.03 -45.22 -5.17
CA PHE I 123 -14.46 -45.01 -6.54
C PHE I 123 -13.26 -44.69 -7.42
N PRO I 124 -13.13 -45.33 -8.58
CA PRO I 124 -12.09 -44.96 -9.53
C PRO I 124 -12.48 -43.71 -10.29
N PRO I 125 -11.56 -43.13 -11.07
CA PRO I 125 -11.92 -41.97 -11.89
C PRO I 125 -12.94 -42.36 -12.95
N SER I 126 -13.68 -41.35 -13.42
CA SER I 126 -14.69 -41.59 -14.44
C SER I 126 -14.06 -41.56 -15.83
N SER I 127 -14.72 -42.25 -16.76
CA SER I 127 -14.25 -42.24 -18.15
C SER I 127 -14.24 -40.83 -18.69
N GLU I 128 -15.23 -40.02 -18.31
CA GLU I 128 -15.26 -38.62 -18.72
C GLU I 128 -14.09 -37.85 -18.11
N GLU I 129 -13.71 -38.17 -16.86
CA GLU I 129 -12.58 -37.51 -16.22
C GLU I 129 -11.25 -37.97 -16.83
N LEU I 130 -11.12 -39.26 -17.14
CA LEU I 130 -9.90 -39.74 -17.77
C LEU I 130 -9.69 -39.14 -19.16
N GLN I 131 -10.78 -38.92 -19.89
CA GLN I 131 -10.71 -38.24 -21.17
C GLN I 131 -10.38 -36.76 -21.03
N ALA I 132 -10.70 -36.16 -19.88
CA ALA I 132 -10.39 -34.77 -19.59
C ALA I 132 -8.98 -34.58 -19.01
N ASN I 133 -8.11 -35.59 -19.16
CA ASN I 133 -6.74 -35.54 -18.67
C ASN I 133 -6.67 -35.32 -17.16
N LYS I 134 -7.55 -35.97 -16.42
CA LYS I 134 -7.55 -35.88 -14.97
C LYS I 134 -7.88 -37.24 -14.36
N ALA I 135 -7.38 -37.46 -13.15
CA ALA I 135 -7.64 -38.69 -12.43
C ALA I 135 -7.77 -38.34 -10.95
N THR I 136 -8.87 -38.78 -10.35
CA THR I 136 -9.15 -38.48 -8.95
C THR I 136 -9.95 -39.65 -8.39
N LEU I 137 -9.34 -40.39 -7.47
CA LEU I 137 -10.01 -41.47 -6.77
C LEU I 137 -10.58 -40.96 -5.45
N VAL I 138 -11.73 -41.49 -5.07
CA VAL I 138 -12.49 -41.01 -3.92
C VAL I 138 -12.64 -42.14 -2.91
N CYS I 139 -12.20 -41.91 -1.68
CA CYS I 139 -12.33 -42.85 -0.57
C CYS I 139 -13.24 -42.22 0.47
N LEU I 140 -14.45 -42.77 0.60
CA LEU I 140 -15.48 -42.22 1.46
C LEU I 140 -15.61 -43.08 2.71
N ILE I 141 -15.41 -42.47 3.87
CA ILE I 141 -15.56 -43.12 5.17
C ILE I 141 -16.77 -42.50 5.86
N SER I 142 -17.69 -43.35 6.32
CA SER I 142 -18.94 -42.86 6.85
C SER I 142 -19.42 -43.78 7.97
N ASP I 143 -20.31 -43.24 8.80
CA ASP I 143 -20.98 -43.99 9.86
C ASP I 143 -19.97 -44.59 10.84
N PHE I 144 -19.14 -43.71 11.40
CA PHE I 144 -18.17 -44.13 12.40
C PHE I 144 -18.13 -43.11 13.53
N TYR I 145 -17.74 -43.59 14.72
CA TYR I 145 -17.66 -42.79 15.93
C TYR I 145 -16.62 -43.42 16.87
N PRO I 146 -15.69 -42.64 17.42
CA PRO I 146 -15.51 -41.19 17.25
C PRO I 146 -14.90 -40.81 15.90
N GLY I 147 -14.81 -39.51 15.63
CA GLY I 147 -14.29 -39.02 14.37
C GLY I 147 -12.80 -38.80 14.37
N ALA I 148 -12.03 -39.82 14.75
CA ALA I 148 -10.57 -39.76 14.76
C ALA I 148 -10.05 -40.97 13.98
N VAL I 149 -9.68 -40.73 12.71
CA VAL I 149 -9.21 -41.79 11.82
C VAL I 149 -7.95 -41.32 11.12
N THR I 150 -7.19 -42.31 10.63
CA THR I 150 -5.98 -42.06 9.85
C THR I 150 -6.15 -42.65 8.46
N VAL I 151 -5.81 -41.87 7.44
CA VAL I 151 -6.03 -42.24 6.05
C VAL I 151 -4.70 -42.63 5.42
N ALA I 152 -4.73 -43.71 4.64
CA ALA I 152 -3.55 -44.17 3.93
C ALA I 152 -3.98 -44.74 2.58
N TRP I 153 -3.27 -44.35 1.52
CA TRP I 153 -3.52 -44.83 0.17
C TRP I 153 -2.36 -45.71 -0.25
N LYS I 154 -2.65 -46.76 -1.02
CA LYS I 154 -1.59 -47.63 -1.50
C LYS I 154 -1.82 -47.97 -2.97
N ALA I 155 -0.74 -47.98 -3.74
CA ALA I 155 -0.76 -48.30 -5.16
C ALA I 155 0.31 -49.34 -5.44
N ASP I 156 -0.10 -50.57 -5.74
CA ASP I 156 0.80 -51.68 -6.01
C ASP I 156 1.73 -51.95 -4.83
N SER I 157 1.12 -52.12 -3.65
CA SER I 157 1.81 -52.45 -2.40
C SER I 157 2.83 -51.41 -1.98
N SER I 158 2.79 -50.22 -2.56
CA SER I 158 3.71 -49.17 -2.17
C SER I 158 2.98 -48.02 -1.50
N PRO I 159 3.59 -47.40 -0.48
CA PRO I 159 2.91 -46.28 0.19
C PRO I 159 2.74 -45.12 -0.77
N VAL I 160 1.59 -44.46 -0.68
CA VAL I 160 1.28 -43.32 -1.53
C VAL I 160 0.90 -42.15 -0.64
N LYS I 161 1.64 -41.05 -0.76
CA LYS I 161 1.39 -39.85 0.03
C LYS I 161 1.43 -38.59 -0.81
N ALA I 162 1.20 -38.68 -2.11
CA ALA I 162 1.22 -37.53 -3.00
C ALA I 162 -0.12 -37.39 -3.70
N GLY I 163 -0.62 -36.17 -3.77
CA GLY I 163 -1.94 -35.91 -4.31
C GLY I 163 -3.08 -36.26 -3.39
N VAL I 164 -2.81 -36.47 -2.10
CA VAL I 164 -3.85 -36.88 -1.15
C VAL I 164 -4.21 -35.69 -0.28
N GLU I 165 -5.45 -35.24 -0.40
CA GLU I 165 -6.06 -34.31 0.54
C GLU I 165 -7.24 -34.99 1.20
N THR I 166 -7.40 -34.79 2.50
CA THR I 166 -8.47 -35.44 3.25
C THR I 166 -9.03 -34.51 4.31
N THR I 167 -10.35 -34.54 4.47
CA THR I 167 -11.05 -33.65 5.39
C THR I 167 -11.17 -34.27 6.77
N THR I 168 -11.25 -33.39 7.77
CA THR I 168 -11.53 -33.83 9.13
C THR I 168 -12.98 -34.30 9.25
N PRO I 169 -13.22 -35.43 9.91
CA PRO I 169 -14.59 -35.96 10.00
C PRO I 169 -15.54 -34.98 10.69
N SER I 170 -16.76 -34.90 10.16
CA SER I 170 -17.79 -34.05 10.70
C SER I 170 -19.02 -34.89 10.98
N LYS I 171 -19.86 -34.41 11.89
CA LYS I 171 -21.01 -35.19 12.32
C LYS I 171 -22.03 -35.31 11.18
N GLN I 172 -22.65 -36.49 11.07
CA GLN I 172 -23.70 -36.72 10.10
C GLN I 172 -25.05 -36.35 10.71
N SER I 173 -26.14 -36.63 9.98
CA SER I 173 -27.47 -36.41 10.52
C SER I 173 -27.80 -37.36 11.67
N ASN I 174 -27.15 -38.53 11.73
CA ASN I 174 -27.40 -39.50 12.79
C ASN I 174 -26.36 -39.43 13.90
N ASN I 175 -25.73 -38.28 14.09
CA ASN I 175 -24.72 -38.06 15.12
C ASN I 175 -23.51 -38.96 14.97
N LYS I 176 -23.31 -39.57 13.81
CA LYS I 176 -22.09 -40.29 13.48
C LYS I 176 -21.22 -39.44 12.56
N TYR I 177 -19.94 -39.78 12.51
CA TYR I 177 -18.98 -39.00 11.75
C TYR I 177 -18.79 -39.59 10.35
N ALA I 178 -18.39 -38.72 9.42
CA ALA I 178 -18.10 -39.13 8.05
C ALA I 178 -16.92 -38.32 7.54
N ALA I 179 -16.15 -38.92 6.63
CA ALA I 179 -14.98 -38.26 6.08
C ALA I 179 -14.81 -38.70 4.63
N SER I 180 -13.98 -37.96 3.90
CA SER I 180 -13.75 -38.21 2.49
C SER I 180 -12.29 -37.95 2.16
N SER I 181 -11.69 -38.87 1.40
CA SER I 181 -10.29 -38.78 1.00
C SER I 181 -10.22 -38.86 -0.52
N TYR I 182 -9.42 -37.98 -1.11
CA TYR I 182 -9.31 -37.88 -2.56
C TYR I 182 -7.86 -38.02 -2.98
N LEU I 183 -7.63 -38.77 -4.05
CA LEU I 183 -6.29 -38.99 -4.59
C LEU I 183 -6.27 -38.42 -6.00
N SER I 184 -5.57 -37.29 -6.18
CA SER I 184 -5.44 -36.65 -7.48
C SER I 184 -4.19 -37.19 -8.17
N LEU I 185 -4.35 -37.61 -9.43
CA LEU I 185 -3.27 -38.25 -10.17
C LEU I 185 -3.30 -37.74 -11.60
N THR I 186 -2.53 -38.39 -12.45
CA THR I 186 -2.55 -38.21 -13.89
C THR I 186 -3.07 -39.49 -14.55
N PRO I 187 -3.73 -39.38 -15.71
CA PRO I 187 -4.27 -40.58 -16.37
C PRO I 187 -3.24 -41.64 -16.71
N GLU I 188 -1.96 -41.30 -16.76
CA GLU I 188 -0.93 -42.31 -17.04
C GLU I 188 -0.66 -43.17 -15.81
N GLN I 189 -0.51 -42.53 -14.65
CA GLN I 189 -0.27 -43.25 -13.39
C GLN I 189 -1.42 -44.19 -13.05
N TRP I 190 -2.65 -43.82 -13.40
CA TRP I 190 -3.81 -44.66 -13.08
C TRP I 190 -3.81 -45.97 -13.86
N LYS I 191 -3.42 -45.93 -15.13
CA LYS I 191 -3.47 -47.11 -15.99
C LYS I 191 -2.17 -47.91 -15.96
N SER I 192 -1.13 -47.42 -15.29
CA SER I 192 0.14 -48.12 -15.21
C SER I 192 0.25 -49.09 -14.03
N HIS I 193 -0.61 -48.96 -13.03
CA HIS I 193 -0.54 -49.80 -11.85
C HIS I 193 -1.57 -50.93 -11.92
N ARG I 194 -1.37 -51.91 -11.04
CA ARG I 194 -2.26 -53.07 -11.00
C ARG I 194 -3.59 -52.72 -10.34
N SER I 195 -3.53 -52.03 -9.20
CA SER I 195 -4.73 -51.66 -8.45
C SER I 195 -4.34 -50.61 -7.42
N TYR I 196 -5.35 -49.86 -6.97
CA TYR I 196 -5.17 -48.86 -5.93
C TYR I 196 -6.00 -49.25 -4.71
N SER I 197 -5.45 -48.99 -3.52
CA SER I 197 -6.08 -49.35 -2.27
C SER I 197 -6.09 -48.17 -1.32
N CYS I 198 -7.21 -47.98 -0.63
CA CYS I 198 -7.36 -46.95 0.38
C CYS I 198 -7.48 -47.60 1.75
N GLN I 199 -6.51 -47.34 2.62
CA GLN I 199 -6.44 -47.97 3.93
C GLN I 199 -7.03 -47.04 4.99
N VAL I 200 -8.02 -47.54 5.73
CA VAL I 200 -8.65 -46.81 6.82
C VAL I 200 -8.54 -47.66 8.07
N THR I 201 -8.03 -47.07 9.14
CA THR I 201 -7.90 -47.73 10.44
C THR I 201 -8.62 -46.90 11.48
N HIS I 202 -9.41 -47.56 12.33
CA HIS I 202 -10.17 -46.87 13.37
C HIS I 202 -10.22 -47.75 14.62
N GLU I 203 -9.42 -47.39 15.62
CA GLU I 203 -9.42 -48.05 16.91
C GLU I 203 -9.16 -49.56 16.77
N GLY I 204 -8.02 -49.88 16.19
CA GLY I 204 -7.55 -51.25 15.99
C GLY I 204 -7.99 -51.96 14.72
N SER I 205 -9.25 -51.84 14.34
CA SER I 205 -9.76 -52.48 13.13
C SER I 205 -9.33 -51.68 11.90
N THR I 206 -8.82 -52.38 10.89
CA THR I 206 -8.33 -51.76 9.66
C THR I 206 -9.21 -52.19 8.48
N VAL I 207 -9.73 -51.20 7.74
CA VAL I 207 -10.57 -51.45 6.57
C VAL I 207 -9.89 -50.81 5.36
N GLU I 208 -9.58 -51.64 4.35
CA GLU I 208 -8.96 -51.17 3.13
C GLU I 208 -9.69 -51.81 1.95
N LYS I 209 -10.06 -50.99 0.97
CA LYS I 209 -10.74 -51.46 -0.24
C LYS I 209 -9.90 -51.16 -1.47
N THR I 210 -10.02 -52.03 -2.47
CA THR I 210 -9.19 -51.99 -3.66
C THR I 210 -10.04 -51.95 -4.93
N VAL I 211 -9.68 -51.08 -5.86
CA VAL I 211 -10.31 -50.96 -7.16
C VAL I 211 -9.25 -51.15 -8.23
N ALA I 212 -9.66 -51.65 -9.38
CA ALA I 212 -8.73 -51.92 -10.48
C ALA I 212 -9.24 -51.33 -11.77
N PRO I 213 -8.36 -50.94 -12.69
CA PRO I 213 -8.81 -50.41 -13.97
C PRO I 213 -9.31 -51.46 -14.94
N THR I 214 -9.12 -52.74 -14.62
CA THR I 214 -9.57 -53.86 -15.45
C THR I 214 -9.13 -53.72 -16.90
#